data_1T0W
#
_entry.id   1T0W
#
loop_
_entity.id
_entity.type
_entity.pdbx_description
1 polymer Hevein
2 branched 2-acetamido-2-deoxy-beta-D-glucopyranose-(1-4)-2-acetamido-2-deoxy-beta-D-glucopyranose-(1-4)-2-acetamido-2-deoxy-beta-D-glucopyranose
#
_entity_poly.entity_id   1
_entity_poly.type   'polypeptide(L)'
_entity_poly.pdbx_seq_one_letter_code
;EQCGRQAGGKLCPNNLCCSQWGWCGSTDEYCS(NH2)
;
_entity_poly.pdbx_strand_id   A
#
loop_
_chem_comp.id
_chem_comp.type
_chem_comp.name
_chem_comp.formula
NAG D-saccharide, beta linking 2-acetamido-2-deoxy-beta-D-glucopyranose 'C8 H15 N O6'
NH2 non-polymer 'AMINO GROUP' 'H2 N'
#
# COMPACT_ATOMS: atom_id res chain seq x y z
N GLU A 1 3.69 8.58 3.31
CA GLU A 1 2.94 8.02 2.17
C GLU A 1 1.50 7.73 2.62
N GLN A 2 0.74 6.85 1.98
CA GLN A 2 -0.67 6.61 2.32
C GLN A 2 -0.90 5.38 3.21
N CYS A 3 -0.08 4.34 3.04
CA CYS A 3 -0.26 3.07 3.72
C CYS A 3 1.10 2.49 4.13
N GLY A 4 1.10 1.37 4.86
CA GLY A 4 2.33 0.67 5.22
C GLY A 4 3.25 1.47 6.15
N ARG A 5 4.47 0.97 6.32
CA ARG A 5 5.45 1.51 7.29
C ARG A 5 5.65 3.02 7.10
N GLN A 6 5.87 3.48 5.87
CA GLN A 6 6.06 4.91 5.58
C GLN A 6 4.76 5.73 5.64
N ALA A 7 3.64 5.16 6.10
CA ALA A 7 2.49 5.93 6.56
C ALA A 7 2.17 5.64 8.03
N GLY A 8 2.97 4.86 8.74
CA GLY A 8 2.63 4.40 10.08
C GLY A 8 1.47 3.42 10.07
N GLY A 9 1.49 2.44 9.15
CA GLY A 9 0.70 1.22 9.29
C GLY A 9 -0.71 1.26 8.73
N LYS A 10 -1.09 2.27 7.94
CA LYS A 10 -2.41 2.28 7.30
C LYS A 10 -2.51 1.25 6.19
N LEU A 11 -3.74 0.92 5.79
CA LEU A 11 -4.07 -0.06 4.75
C LEU A 11 -4.76 0.64 3.57
N CYS A 12 -5.17 -0.13 2.57
CA CYS A 12 -5.68 0.37 1.31
C CYS A 12 -7.17 0.09 1.08
N PRO A 13 -7.81 0.82 0.16
CA PRO A 13 -9.26 0.79 0.00
C PRO A 13 -9.73 -0.38 -0.88
N ASN A 14 -11.04 -0.63 -0.79
CA ASN A 14 -11.83 -1.64 -1.51
C ASN A 14 -11.27 -3.06 -1.41
N ASN A 15 -10.13 -3.29 -2.02
CA ASN A 15 -9.41 -4.57 -2.03
C ASN A 15 -7.93 -4.43 -2.46
N LEU A 16 -7.35 -3.22 -2.52
CA LEU A 16 -6.07 -3.07 -3.19
C LEU A 16 -4.89 -3.41 -2.28
N CYS A 17 -3.73 -3.68 -2.89
CA CYS A 17 -2.49 -3.86 -2.16
C CYS A 17 -1.89 -2.50 -1.78
N CYS A 18 -0.83 -2.55 -0.96
CA CYS A 18 -0.08 -1.44 -0.41
C CYS A 18 1.40 -1.64 -0.71
N SER A 19 2.02 -0.72 -1.45
CA SER A 19 3.39 -0.84 -1.90
C SER A 19 4.38 -0.84 -0.74
N GLN A 20 5.51 -1.49 -0.96
CA GLN A 20 6.69 -1.41 -0.08
C GLN A 20 7.06 0.04 0.26
N TRP A 21 6.86 0.98 -0.67
CA TRP A 21 7.05 2.40 -0.39
C TRP A 21 5.87 3.03 0.35
N GLY A 22 4.64 2.55 0.23
CA GLY A 22 3.53 2.97 1.11
C GLY A 22 2.34 3.58 0.37
N TRP A 23 2.03 3.10 -0.83
CA TRP A 23 0.93 3.66 -1.62
C TRP A 23 0.01 2.54 -2.12
N CYS A 24 -1.23 2.82 -2.53
CA CYS A 24 -2.17 1.75 -2.82
C CYS A 24 -2.17 1.37 -4.31
N GLY A 25 -2.45 0.10 -4.62
CA GLY A 25 -2.30 -0.38 -5.99
C GLY A 25 -3.11 -1.61 -6.35
N SER A 26 -2.66 -2.78 -5.89
CA SER A 26 -3.14 -4.12 -6.30
C SER A 26 -2.34 -4.72 -7.45
N THR A 27 -1.31 -4.05 -7.93
CA THR A 27 -0.39 -4.53 -8.96
C THR A 27 0.93 -4.95 -8.30
N ASP A 28 1.87 -5.54 -9.04
CA ASP A 28 2.99 -6.25 -8.40
C ASP A 28 3.87 -5.26 -7.62
N GLU A 29 4.21 -4.16 -8.30
CA GLU A 29 4.88 -2.99 -7.72
C GLU A 29 4.21 -2.48 -6.42
N TYR A 30 2.94 -2.82 -6.20
CA TYR A 30 2.17 -2.42 -5.04
C TYR A 30 1.75 -3.58 -4.15
N CYS A 31 1.97 -4.84 -4.54
CA CYS A 31 1.75 -6.01 -3.69
C CYS A 31 3.06 -6.59 -3.15
N SER A 32 4.18 -6.37 -3.83
CA SER A 32 5.50 -6.87 -3.46
C SER A 32 6.26 -5.82 -2.63
N NH2 A 33 6.25 -6.01 -1.30
HN1 NH2 A 33 5.78 -6.80 -0.91
HN2 NH2 A 33 6.72 -5.35 -0.70
C1 NAG B . 15.23 7.36 -3.13
C2 NAG B . 14.20 6.24 -3.21
C3 NAG B . 12.89 6.83 -3.76
C4 NAG B . 12.40 7.95 -2.83
C5 NAG B . 13.52 9.00 -2.85
C6 NAG B . 13.18 10.26 -2.03
C7 NAG B . 14.34 3.84 -3.74
C8 NAG B . 14.91 2.80 -4.66
N2 NAG B . 14.68 5.09 -4.01
O1 NAG B . 16.36 6.88 -2.49
O3 NAG B . 11.98 5.76 -3.84
O4 NAG B . 11.11 8.53 -3.20
O5 NAG B . 14.69 8.41 -2.33
O6 NAG B . 12.34 11.15 -2.74
O7 NAG B . 13.62 3.49 -2.80
H1 NAG B . 15.48 7.72 -4.13
H2 NAG B . 14.02 5.93 -2.18
H3 NAG B . 13.06 7.21 -4.77
H4 NAG B . 12.30 7.57 -1.81
H5 NAG B . 13.71 9.32 -3.88
H61 NAG B . 14.11 10.80 -1.83
H62 NAG B . 12.73 9.98 -1.08
H81 NAG B . 14.56 1.83 -4.32
H82 NAG B . 14.55 2.99 -5.67
H83 NAG B . 16.00 2.84 -4.61
HN2 NAG B . 15.30 5.23 -4.79
HO1 NAG B . 17.04 7.61 -2.43
HO3 NAG B . 11.21 6.11 -4.32
HO6 NAG B . 11.42 10.97 -2.48
C1 NAG B . 9.98 7.70 -3.14
C2 NAG B . 8.75 8.51 -2.72
C3 NAG B . 7.51 7.64 -2.96
C4 NAG B . 7.41 7.17 -4.41
C5 NAG B . 8.68 6.35 -4.65
C6 NAG B . 8.72 5.81 -6.09
C7 NAG B . 9.32 10.05 -0.85
C8 NAG B . 9.07 10.36 0.59
N2 NAG B . 8.79 8.92 -1.30
O3 NAG B . 6.41 8.42 -2.60
O4 NAG B . 6.25 6.33 -4.62
O5 NAG B . 9.83 7.17 -4.46
O6 NAG B . 8.63 6.85 -7.03
O7 NAG B . 9.97 10.80 -1.56
H1 NAG B . 10.13 6.91 -2.42
H2 NAG B . 8.68 9.38 -3.37
H3 NAG B . 7.55 6.77 -2.29
H4 NAG B . 7.41 8.04 -5.07
H5 NAG B . 8.72 5.51 -3.96
H61 NAG B . 7.89 5.11 -6.25
H62 NAG B . 9.66 5.27 -6.23
H81 NAG B . 8.00 10.31 0.77
H82 NAG B . 9.62 9.66 1.20
H83 NAG B . 9.43 11.38 0.77
HN2 NAG B . 8.14 8.48 -0.63
HO3 NAG B . 6.51 8.61 -1.64
HO6 NAG B . 9.34 7.48 -6.84
C1 NAG B . 5.30 6.78 -5.54
C2 NAG B . 4.17 5.76 -5.58
C3 NAG B . 2.96 6.37 -6.29
C4 NAG B . 2.56 7.70 -5.62
C5 NAG B . 3.78 8.62 -5.79
C6 NAG B . 3.49 10.03 -5.24
C7 NAG B . 4.77 3.34 -5.49
C8 NAG B . 5.32 2.20 -6.28
N2 NAG B . 4.60 4.47 -6.17
O3 NAG B . 1.87 5.47 -6.17
O4 NAG B . 1.39 8.28 -6.23
O5 NAG B . 4.84 8.03 -5.06
O6 NAG B . 2.67 10.82 -6.09
O7 NAG B . 4.51 3.20 -4.30
H1 NAG B . 5.75 6.88 -6.53
H2 NAG B . 3.85 5.63 -4.55
H3 NAG B . 3.17 6.53 -7.35
H4 NAG B . 2.39 7.54 -4.56
H5 NAG B . 4.06 8.70 -6.83
H61 NAG B . 4.44 10.56 -5.12
H62 NAG B . 3.02 9.96 -4.26
H81 NAG B . 5.30 1.31 -5.65
H82 NAG B . 4.72 2.03 -7.17
H83 NAG B . 6.34 2.42 -6.56
HN2 NAG B . 4.79 4.41 -7.15
HO3 NAG B . 1.07 6.02 -6.20
HO4 NAG B . 0.61 7.66 -6.12
HO6 NAG B . 3.21 11.13 -6.82
N GLU A 1 2.44 6.04 2.92
CA GLU A 1 1.85 7.38 2.82
C GLU A 1 0.34 7.27 2.83
N GLN A 2 -0.28 6.68 1.80
CA GLN A 2 -1.68 6.24 1.90
C GLN A 2 -1.78 5.07 2.88
N CYS A 3 -0.74 4.23 2.88
CA CYS A 3 -0.66 3.01 3.65
C CYS A 3 0.80 2.78 4.07
N GLY A 4 1.11 1.60 4.62
CA GLY A 4 2.48 1.08 4.63
C GLY A 4 3.49 1.83 5.51
N ARG A 5 4.71 2.05 4.99
CA ARG A 5 5.88 2.39 5.80
C ARG A 5 5.85 3.85 6.24
N GLN A 6 5.92 4.79 5.30
CA GLN A 6 5.91 6.24 5.55
C GLN A 6 4.47 6.64 5.85
N ALA A 7 4.02 6.19 7.02
CA ALA A 7 2.65 6.18 7.56
C ALA A 7 2.53 5.31 8.82
N GLY A 8 3.45 4.36 9.05
CA GLY A 8 3.48 3.60 10.29
C GLY A 8 2.40 2.53 10.35
N GLY A 9 2.22 1.79 9.27
CA GLY A 9 1.29 0.66 9.25
C GLY A 9 -0.15 1.09 9.08
N LYS A 10 -0.56 1.37 7.84
CA LYS A 10 -1.96 1.53 7.44
C LYS A 10 -2.20 0.77 6.15
N LEU A 11 -3.48 0.59 5.79
CA LEU A 11 -3.97 -0.30 4.72
C LEU A 11 -4.60 0.50 3.58
N CYS A 12 -5.18 -0.19 2.60
CA CYS A 12 -5.70 0.39 1.37
C CYS A 12 -7.19 0.10 1.12
N PRO A 13 -7.82 0.86 0.19
CA PRO A 13 -9.27 0.86 0.04
C PRO A 13 -9.77 -0.12 -1.03
N ASN A 14 -11.11 -0.21 -1.10
CA ASN A 14 -11.90 -0.90 -2.12
C ASN A 14 -11.67 -2.42 -2.13
N ASN A 15 -10.47 -2.81 -2.55
CA ASN A 15 -9.97 -4.19 -2.61
C ASN A 15 -8.45 -4.24 -2.86
N LEU A 16 -7.72 -3.12 -2.70
CA LEU A 16 -6.34 -3.07 -3.16
C LEU A 16 -5.34 -3.48 -2.08
N CYS A 17 -4.15 -3.82 -2.54
CA CYS A 17 -2.95 -3.98 -1.75
C CYS A 17 -2.30 -2.61 -1.49
N CYS A 18 -1.16 -2.67 -0.81
CA CYS A 18 -0.35 -1.57 -0.33
C CYS A 18 1.10 -1.82 -0.74
N SER A 19 1.78 -0.79 -1.21
CA SER A 19 3.06 -0.92 -1.89
C SER A 19 4.24 -1.21 -0.98
N GLN A 20 5.37 -1.52 -1.62
CA GLN A 20 6.65 -1.66 -0.94
C GLN A 20 7.14 -0.34 -0.32
N TRP A 21 6.39 0.76 -0.48
CA TRP A 21 6.57 2.01 0.26
C TRP A 21 5.39 2.33 1.16
N GLY A 22 4.20 2.46 0.59
CA GLY A 22 3.12 3.19 1.27
C GLY A 22 1.97 3.67 0.40
N TRP A 23 1.77 3.09 -0.79
CA TRP A 23 0.79 3.57 -1.76
C TRP A 23 -0.10 2.42 -2.25
N CYS A 24 -1.33 2.70 -2.65
CA CYS A 24 -2.29 1.62 -2.86
C CYS A 24 -2.28 1.10 -4.30
N GLY A 25 -2.56 -0.20 -4.47
CA GLY A 25 -2.59 -0.82 -5.79
C GLY A 25 -2.79 -2.34 -5.77
N SER A 26 -2.86 -2.97 -6.94
CA SER A 26 -3.13 -4.41 -7.06
C SER A 26 -2.05 -5.14 -7.88
N THR A 27 -0.85 -4.57 -7.94
CA THR A 27 0.20 -4.96 -8.88
C THR A 27 1.54 -5.04 -8.13
N ASP A 28 2.58 -5.62 -8.75
CA ASP A 28 3.85 -6.00 -8.09
C ASP A 28 4.35 -5.00 -7.03
N GLU A 29 4.89 -3.85 -7.45
CA GLU A 29 5.36 -2.79 -6.57
C GLU A 29 4.32 -2.37 -5.51
N TYR A 30 3.04 -2.60 -5.80
CA TYR A 30 1.91 -2.22 -4.97
C TYR A 30 1.37 -3.37 -4.12
N CYS A 31 1.87 -4.60 -4.27
CA CYS A 31 1.31 -5.75 -3.55
C CYS A 31 2.35 -6.77 -3.06
N SER A 32 3.53 -6.86 -3.70
CA SER A 32 4.57 -7.81 -3.35
C SER A 32 5.28 -7.42 -2.06
N NH2 A 33 5.07 -6.18 -1.62
HN1 NH2 A 33 4.55 -5.53 -2.19
HN2 NH2 A 33 5.44 -5.89 -0.73
C1 NAG B . 15.55 3.50 -2.79
C2 NAG B . 14.15 3.10 -2.36
C3 NAG B . 13.21 3.68 -3.43
C4 NAG B . 13.26 5.21 -3.38
C5 NAG B . 14.71 5.57 -3.71
C6 NAG B . 14.97 7.09 -3.66
C7 NAG B . 13.17 1.08 -1.32
C8 NAG B . 13.18 -0.43 -1.32
N2 NAG B . 14.00 1.65 -2.19
O1 NAG B . 16.44 3.08 -1.80
O3 NAG B . 11.93 3.18 -3.13
O4 NAG B . 12.34 5.88 -4.31
O5 NAG B . 15.62 4.93 -2.83
O6 NAG B . 14.71 7.67 -2.39
O7 NAG B . 12.43 1.68 -0.54
H1 NAG B . 15.81 3.07 -3.75
H2 NAG B . 13.95 3.61 -1.41
H3 NAG B . 13.48 3.31 -4.41
H4 NAG B . 13.06 5.56 -2.37
H5 NAG B . 14.93 5.24 -4.73
H61 NAG B . 14.35 7.60 -4.40
H62 NAG B . 16.02 7.27 -3.91
H81 NAG B . 12.51 -0.78 -0.54
H82 NAG B . 12.84 -0.78 -2.29
H83 NAG B . 14.19 -0.77 -1.11
HN2 NAG B . 14.55 1.01 -2.74
HO1 NAG B . 16.20 3.49 -0.93
HO3 NAG B . 11.34 3.51 -3.82
HO6 NAG B . 13.76 7.72 -2.25
C1 NAG B . 10.99 5.96 -3.96
C2 NAG B . 10.28 7.18 -4.57
C3 NAG B . 8.79 7.07 -4.23
C4 NAG B . 8.20 5.81 -4.87
C5 NAG B . 8.98 4.66 -4.22
C6 NAG B . 8.47 3.26 -4.64
C7 NAG B . 11.53 8.83 -3.10
C8 NAG B . 11.72 10.30 -2.89
N2 NAG B . 10.78 8.51 -4.15
O3 NAG B . 8.12 8.20 -4.75
O4 NAG B . 6.78 5.69 -4.57
O5 NAG B . 10.37 4.78 -4.51
O6 NAG B . 8.31 3.11 -6.04
O7 NAG B . 12.06 8.03 -2.35
H1 NAG B . 10.85 5.96 -2.89
H2 NAG B . 10.39 7.09 -5.65
H3 NAG B . 8.65 7.05 -3.15
H4 NAG B . 8.37 5.80 -5.94
H5 NAG B . 8.85 4.72 -3.15
H61 NAG B . 7.52 3.07 -4.16
H62 NAG B . 9.18 2.52 -4.28
H81 NAG B . 12.38 10.42 -2.03
H82 NAG B . 12.18 10.74 -3.76
H83 NAG B . 10.75 10.76 -2.69
HN2 NAG B . 10.36 9.30 -4.61
HO3 NAG B . 7.18 7.98 -4.63
HO6 NAG B . 8.22 2.15 -6.20
C1 NAG B . 5.85 6.19 -5.49
C2 NAG B . 4.60 5.35 -5.38
C3 NAG B . 3.49 6.01 -6.20
C4 NAG B . 3.21 7.41 -5.67
C5 NAG B . 4.52 8.17 -5.87
C6 NAG B . 4.40 9.63 -5.38
C7 NAG B . 4.94 2.92 -5.00
C8 NAG B . 5.19 1.59 -5.62
N2 NAG B . 4.85 3.96 -5.83
O3 NAG B . 2.36 5.19 -6.11
O4 NAG B . 2.08 8.05 -6.36
O5 NAG B . 5.56 7.55 -5.11
O6 NAG B . 5.57 10.37 -5.68
O7 NAG B . 4.78 3.01 -3.79
H1 NAG B . 6.24 6.15 -6.51
H2 NAG B . 4.28 5.40 -4.34
H3 NAG B . 3.79 6.06 -7.26
H4 NAG B . 2.98 7.38 -4.61
H5 NAG B . 4.79 8.19 -6.93
H61 NAG B . 4.24 9.64 -4.30
H62 NAG B . 3.56 10.12 -5.86
H81 NAG B . 4.25 1.06 -5.75
H82 NAG B . 5.72 1.71 -6.56
H83 NAG B . 5.84 1.03 -4.94
HN2 NAG B . 4.96 3.74 -6.80
HO3 NAG B . 1.66 5.66 -6.60
HO4 NAG B . 1.24 7.51 -6.20
HO6 NAG B . 6.33 9.93 -5.28
N GLU A 1 3.01 8.93 1.35
CA GLU A 1 2.65 7.50 1.39
C GLU A 1 1.18 7.37 1.76
N GLN A 2 0.60 6.20 1.55
CA GLN A 2 -0.82 5.90 1.76
C GLN A 2 -1.04 4.75 2.75
N CYS A 3 -0.16 3.74 2.75
CA CYS A 3 -0.38 2.49 3.48
C CYS A 3 0.90 1.96 4.11
N GLY A 4 0.74 1.17 5.17
CA GLY A 4 1.81 0.55 5.95
C GLY A 4 2.93 1.51 6.37
N ARG A 5 4.03 1.50 5.61
CA ARG A 5 5.28 2.17 5.99
C ARG A 5 5.24 3.66 5.64
N GLN A 6 5.91 4.47 6.46
CA GLN A 6 5.83 5.95 6.55
C GLN A 6 4.42 6.47 6.84
N ALA A 7 3.37 5.94 6.20
CA ALA A 7 1.98 6.27 6.51
C ALA A 7 1.59 5.81 7.94
N GLY A 8 2.19 4.72 8.41
CA GLY A 8 2.05 4.27 9.80
C GLY A 8 0.86 3.33 9.98
N GLY A 9 0.97 2.13 9.43
CA GLY A 9 0.09 1.01 9.73
C GLY A 9 -1.30 1.06 9.08
N LYS A 10 -1.63 2.09 8.30
CA LYS A 10 -2.91 2.12 7.59
C LYS A 10 -2.94 1.05 6.50
N LEU A 11 -4.10 0.40 6.35
CA LEU A 11 -4.36 -0.51 5.24
C LEU A 11 -4.85 0.28 4.03
N CYS A 12 -5.10 -0.39 2.91
CA CYS A 12 -5.55 0.25 1.69
C CYS A 12 -7.08 0.30 1.59
N PRO A 13 -7.61 1.28 0.84
CA PRO A 13 -9.02 1.33 0.51
C PRO A 13 -9.35 0.30 -0.57
N ASN A 14 -10.65 0.18 -0.88
CA ASN A 14 -11.18 -0.59 -2.01
C ASN A 14 -10.81 -2.09 -2.04
N ASN A 15 -10.09 -2.60 -1.02
CA ASN A 15 -9.54 -3.94 -0.88
C ASN A 15 -8.16 -4.09 -1.56
N LEU A 16 -7.47 -3.00 -1.89
CA LEU A 16 -6.22 -3.13 -2.65
C LEU A 16 -5.01 -3.56 -1.79
N CYS A 17 -3.93 -3.92 -2.48
CA CYS A 17 -2.61 -4.15 -1.90
C CYS A 17 -1.82 -2.84 -1.84
N CYS A 18 -0.57 -2.91 -1.37
CA CYS A 18 0.30 -1.78 -1.01
C CYS A 18 1.71 -2.00 -1.59
N SER A 19 2.46 -0.94 -1.84
CA SER A 19 3.81 -1.01 -2.40
C SER A 19 4.86 -1.19 -1.32
N GLN A 20 5.97 -1.83 -1.68
CA GLN A 20 7.22 -1.82 -0.93
C GLN A 20 7.69 -0.43 -0.49
N TRP A 21 7.18 0.67 -1.05
CA TRP A 21 7.44 2.01 -0.53
C TRP A 21 6.31 2.61 0.31
N GLY A 22 5.04 2.19 0.14
CA GLY A 22 3.94 2.71 0.98
C GLY A 22 2.65 3.09 0.26
N TRP A 23 2.40 2.62 -0.97
CA TRP A 23 1.32 3.19 -1.79
C TRP A 23 0.38 2.11 -2.34
N CYS A 24 -0.94 2.36 -2.46
CA CYS A 24 -1.85 1.25 -2.76
C CYS A 24 -1.91 0.89 -4.24
N GLY A 25 -2.39 -0.33 -4.55
CA GLY A 25 -2.57 -0.72 -5.95
C GLY A 25 -3.07 -2.14 -6.27
N SER A 26 -2.47 -3.18 -5.70
CA SER A 26 -2.69 -4.60 -6.09
C SER A 26 -2.02 -5.01 -7.40
N THR A 27 -1.03 -4.24 -7.87
CA THR A 27 -0.18 -4.64 -8.99
C THR A 27 1.01 -5.44 -8.45
N ASP A 28 2.17 -5.49 -9.12
CA ASP A 28 3.36 -6.06 -8.45
C ASP A 28 4.02 -4.94 -7.65
N GLU A 29 4.42 -3.89 -8.37
CA GLU A 29 4.96 -2.64 -7.84
C GLU A 29 4.09 -2.06 -6.70
N TYR A 30 2.78 -2.31 -6.71
CA TYR A 30 1.87 -1.88 -5.66
C TYR A 30 1.17 -3.07 -4.96
N CYS A 31 1.83 -4.22 -4.88
CA CYS A 31 1.49 -5.26 -3.89
C CYS A 31 2.73 -5.85 -3.21
N SER A 32 3.81 -6.06 -3.96
CA SER A 32 5.12 -6.39 -3.42
C SER A 32 5.68 -5.18 -2.67
N NH2 A 33 5.73 -5.27 -1.34
HN1 NH2 A 33 5.41 -6.10 -0.88
HN2 NH2 A 33 6.09 -4.50 -0.79
C1 NAG B . 15.37 7.82 -1.21
C2 NAG B . 14.46 6.69 -1.65
C3 NAG B . 13.13 7.28 -2.13
C4 NAG B . 12.49 8.14 -1.03
C5 NAG B . 13.52 9.23 -0.72
C6 NAG B . 13.02 10.24 0.33
C7 NAG B . 14.90 4.49 -2.72
C8 NAG B . 15.62 3.80 -3.84
N2 NAG B . 15.08 5.81 -2.67
O1 NAG B . 16.49 7.27 -0.60
O3 NAG B . 12.32 6.19 -2.50
O4 NAG B . 11.20 8.72 -1.36
O5 NAG B . 14.70 8.61 -0.24
O6 NAG B . 12.16 11.22 -0.23
O7 NAG B . 14.22 3.84 -1.94
H1 NAG B . 15.67 8.42 -2.07
H2 NAG B . 14.24 6.11 -0.75
H3 NAG B . 13.30 7.89 -3.03
H4 NAG B . 12.35 7.53 -0.14
H5 NAG B . 13.75 9.79 -1.63
H61 NAG B . 13.87 10.77 0.76
H62 NAG B . 12.50 9.72 1.14
H81 NAG B . 15.40 2.74 -3.77
H82 NAG B . 15.25 4.20 -4.79
H83 NAG B . 16.69 3.97 -3.73
HN2 NAG B . 15.69 6.20 -3.36
HO1 NAG B . 16.99 6.71 -1.25
HO3 NAG B . 11.57 6.57 -2.95
HO6 NAG B . 11.24 10.94 -0.14
C1 NAG B . 10.12 7.85 -1.58
C2 NAG B . 8.79 8.49 -1.16
C3 NAG B . 7.63 7.66 -1.72
C4 NAG B . 7.77 7.42 -3.23
C5 NAG B . 9.11 6.72 -3.43
C6 NAG B . 9.36 6.38 -4.91
C7 NAG B . 9.06 9.67 0.99
C8 NAG B . 8.74 9.68 2.46
N2 NAG B . 8.67 8.61 0.31
O3 NAG B . 6.43 8.38 -1.49
O4 NAG B . 6.70 6.58 -3.72
O5 NAG B . 10.15 7.57 -2.98
O6 NAG B . 9.30 7.54 -5.71
O7 NAG B . 9.66 10.60 0.49
H1 NAG B . 10.27 6.93 -1.02
H2 NAG B . 8.75 9.47 -1.63
H3 NAG B . 7.57 6.70 -1.20
H4 NAG B . 7.78 8.39 -3.73
H5 NAG B . 9.12 5.79 -2.86
H61 NAG B . 8.64 5.66 -5.26
H62 NAG B . 10.35 5.94 -5.00
H81 NAG B . 7.69 9.46 2.58
H82 NAG B . 9.35 8.92 2.95
H83 NAG B . 8.99 10.66 2.85
HN2 NAG B . 8.12 7.93 0.86
HO3 NAG B . 6.30 8.50 -0.53
HO6 NAG B . 9.92 8.18 -5.36
C1 NAG B . 6.01 7.03 -4.84
C2 NAG B . 5.05 5.94 -5.28
C3 NAG B . 4.05 6.55 -6.27
C4 NAG B . 3.34 7.73 -5.60
C5 NAG B . 4.44 8.77 -5.39
C6 NAG B . 3.88 10.11 -4.89
C7 NAG B . 5.80 3.56 -5.29
C8 NAG B . 6.58 2.53 -6.06
N2 NAG B . 5.75 4.76 -5.85
O3 NAG B . 3.11 5.55 -6.57
O4 NAG B . 2.27 8.25 -6.43
O5 NAG B . 5.33 8.22 -4.44
O6 NAG B . 3.14 10.84 -5.86
O7 NAG B . 5.27 3.26 -4.23
H1 NAG B . 6.70 7.26 -5.65
H2 NAG B . 4.45 5.66 -4.43
H3 NAG B . 4.54 6.86 -7.19
H4 NAG B . 2.96 7.44 -4.62
H5 NAG B . 4.98 8.96 -6.33
H61 NAG B . 4.71 10.75 -4.56
H62 NAG B . 3.23 9.94 -4.04
H81 NAG B . 6.46 1.58 -5.54
H82 NAG B . 6.16 2.44 -7.07
H83 NAG B . 7.62 2.81 -6.09
HN2 NAG B . 6.24 4.85 -6.73
HO3 NAG B . 2.33 6.01 -6.92
HO4 NAG B . 1.56 7.54 -6.54
HO6 NAG B . 3.76 11.20 -6.51
N GLU A 1 2.58 8.80 0.48
CA GLU A 1 2.28 7.45 1.01
C GLU A 1 0.87 7.48 1.57
N GLN A 2 0.16 6.36 1.59
CA GLN A 2 -1.08 6.22 2.38
C GLN A 2 -1.03 5.04 3.35
N CYS A 3 -0.05 4.12 3.22
CA CYS A 3 -0.16 2.81 3.86
C CYS A 3 1.19 2.27 4.32
N GLY A 4 1.14 1.17 5.08
CA GLY A 4 2.31 0.40 5.52
C GLY A 4 3.37 1.22 6.25
N ARG A 5 4.26 1.86 5.49
CA ARG A 5 5.51 2.43 5.97
C ARG A 5 5.34 3.83 6.55
N GLN A 6 5.63 4.90 5.80
CA GLN A 6 5.72 6.24 6.39
C GLN A 6 4.36 6.80 6.81
N ALA A 7 3.25 6.18 6.40
CA ALA A 7 1.93 6.47 6.95
C ALA A 7 1.70 5.80 8.33
N GLY A 8 2.56 4.87 8.73
CA GLY A 8 2.48 4.18 10.01
C GLY A 8 1.36 3.15 10.07
N GLY A 9 1.50 2.07 9.31
CA GLY A 9 0.71 0.84 9.48
C GLY A 9 -0.66 0.82 8.82
N LYS A 10 -1.03 1.81 8.01
CA LYS A 10 -2.38 1.87 7.41
C LYS A 10 -2.49 0.91 6.23
N LEU A 11 -3.72 0.59 5.84
CA LEU A 11 -4.06 -0.33 4.76
C LEU A 11 -4.78 0.41 3.63
N CYS A 12 -5.14 -0.32 2.56
CA CYS A 12 -5.74 0.25 1.36
C CYS A 12 -7.15 -0.32 1.14
N PRO A 13 -8.01 0.38 0.37
CA PRO A 13 -9.43 0.05 0.26
C PRO A 13 -9.77 -0.96 -0.84
N ASN A 14 -11.04 -1.38 -0.85
CA ASN A 14 -11.74 -2.15 -1.88
C ASN A 14 -11.06 -3.46 -2.30
N ASN A 15 -9.96 -3.36 -3.04
CA ASN A 15 -9.19 -4.50 -3.54
C ASN A 15 -7.68 -4.26 -3.53
N LEU A 16 -7.21 -3.15 -2.94
CA LEU A 16 -5.85 -2.69 -3.16
C LEU A 16 -4.88 -3.23 -2.12
N CYS A 17 -3.60 -3.20 -2.49
CA CYS A 17 -2.45 -3.55 -1.70
C CYS A 17 -1.58 -2.31 -1.52
N CYS A 18 -0.43 -2.46 -0.85
CA CYS A 18 0.45 -1.37 -0.45
C CYS A 18 1.88 -1.62 -0.93
N SER A 19 2.53 -0.58 -1.46
CA SER A 19 3.85 -0.68 -2.04
C SER A 19 4.94 -0.96 -1.02
N GLN A 20 6.13 -1.26 -1.54
CA GLN A 20 7.35 -1.39 -0.75
C GLN A 20 7.80 -0.03 -0.21
N TRP A 21 7.15 1.06 -0.60
CA TRP A 21 7.46 2.40 -0.12
C TRP A 21 6.36 3.07 0.69
N GLY A 22 5.10 2.62 0.60
CA GLY A 22 4.00 3.18 1.39
C GLY A 22 2.76 3.57 0.60
N TRP A 23 2.65 3.13 -0.66
CA TRP A 23 1.64 3.68 -1.55
C TRP A 23 0.63 2.62 -1.99
N CYS A 24 -0.66 2.95 -1.97
CA CYS A 24 -1.68 1.97 -2.35
C CYS A 24 -1.61 1.65 -3.85
N GLY A 25 -1.99 0.42 -4.22
CA GLY A 25 -2.02 -0.01 -5.62
C GLY A 25 -2.89 -1.23 -5.84
N SER A 26 -3.25 -1.56 -7.09
CA SER A 26 -4.14 -2.69 -7.37
C SER A 26 -3.40 -3.90 -7.95
N THR A 27 -2.07 -3.90 -7.83
CA THR A 27 -1.18 -4.65 -8.73
C THR A 27 0.00 -5.22 -7.95
N ASP A 28 0.63 -6.29 -8.44
CA ASP A 28 1.57 -7.05 -7.61
C ASP A 28 2.86 -6.28 -7.32
N GLU A 29 3.31 -5.43 -8.23
CA GLU A 29 4.43 -4.53 -7.94
C GLU A 29 4.06 -3.45 -6.90
N TYR A 30 2.77 -3.32 -6.55
CA TYR A 30 2.30 -2.57 -5.40
C TYR A 30 1.77 -3.51 -4.29
N CYS A 31 2.10 -4.81 -4.33
CA CYS A 31 1.66 -5.75 -3.31
C CYS A 31 2.82 -6.60 -2.78
N SER A 32 3.55 -7.29 -3.66
CA SER A 32 4.77 -8.01 -3.25
C SER A 32 5.82 -7.04 -2.72
N NH2 A 33 5.88 -6.91 -1.40
HN1 NH2 A 33 5.26 -7.44 -0.80
HN2 NH2 A 33 6.55 -6.27 -0.98
C1 NAG B . 15.82 6.88 -1.95
C2 NAG B . 14.84 5.73 -2.15
C3 NAG B . 13.72 6.22 -3.06
C4 NAG B . 13.01 7.38 -2.35
C5 NAG B . 14.05 8.49 -2.13
C6 NAG B . 13.43 9.66 -1.37
C7 NAG B . 15.11 3.28 -2.26
C8 NAG B . 15.84 2.15 -2.89
N2 NAG B . 15.48 4.51 -2.66
O1 NAG B . 16.79 6.48 -1.03
O3 NAG B . 12.81 5.17 -3.29
O4 NAG B . 11.88 7.89 -3.09
O5 NAG B . 15.13 7.98 -1.36
O6 NAG B . 12.92 9.25 -0.11
O7 NAG B . 14.21 3.08 -1.44
H1 NAG B . 16.28 7.16 -2.90
H2 NAG B . 14.42 5.54 -1.17
H3 NAG B . 14.12 6.55 -4.02
H4 NAG B . 12.67 7.06 -1.38
H5 NAG B . 14.42 8.85 -3.10
H61 NAG B . 12.61 10.11 -1.94
H62 NAG B . 14.19 10.43 -1.20
H81 NAG B . 15.65 2.15 -3.96
H82 NAG B . 16.90 2.24 -2.68
H83 NAG B . 15.46 1.23 -2.45
HN2 NAG B . 16.23 4.55 -3.32
HO1 NAG B . 17.30 5.70 -1.41
HO3 NAG B . 12.13 5.51 -3.89
HO6 NAG B . 13.67 8.86 0.36
C1 NAG B . 10.71 7.14 -3.04
C2 NAG B . 9.55 8.09 -2.80
C3 NAG B . 8.24 7.32 -3.00
C4 NAG B . 8.22 6.64 -4.40
C5 NAG B . 9.42 5.69 -4.40
C6 NAG B . 9.45 4.85 -5.69
C7 NAG B . 9.06 9.80 -1.08
C8 NAG B . 9.30 10.28 0.32
N2 NAG B . 9.64 8.66 -1.44
O3 NAG B . 7.16 8.21 -2.86
O4 NAG B . 6.99 5.89 -4.63
O5 NAG B . 10.63 6.43 -4.28
O6 NAG B . 8.39 3.91 -5.72
O7 NAG B . 8.35 10.41 -1.86
H1 NAG B . 10.74 6.41 -2.23
H2 NAG B . 9.62 8.87 -3.55
H3 NAG B . 8.15 6.55 -2.24
H4 NAG B . 8.36 7.40 -5.17
H5 NAG B . 9.36 4.99 -3.56
H61 NAG B . 10.39 4.29 -5.75
H62 NAG B . 9.38 5.51 -6.55
H81 NAG B . 10.36 10.15 0.58
H82 NAG B . 9.02 11.32 0.36
H83 NAG B . 8.66 9.70 0.99
HN2 NAG B . 10.21 8.22 -0.73
HO3 NAG B . 7.50 9.10 -2.63
HO6 NAG B . 7.60 4.35 -5.37
C1 NAG B . 6.13 6.35 -5.63
C2 NAG B . 4.88 5.47 -5.62
C3 NAG B . 3.78 6.12 -6.46
C4 NAG B . 3.52 7.57 -6.01
C5 NAG B . 4.86 8.28 -6.19
C6 NAG B . 4.73 9.80 -5.92
C7 NAG B . 5.43 3.07 -5.23
C8 NAG B . 5.69 1.74 -5.88
N2 NAG B . 5.16 4.08 -6.04
O3 NAG B . 2.61 5.36 -6.31
O4 NAG B . 2.48 8.22 -6.82
O5 NAG B . 5.79 7.69 -5.31
O6 NAG B . 3.96 10.44 -6.92
O7 NAG B . 5.52 3.17 -4.01
H1 NAG B . 6.62 6.29 -6.61
H2 NAG B . 4.52 5.51 -4.60
H3 NAG B . 4.07 6.12 -7.52
H4 NAG B . 3.23 7.58 -4.96
H5 NAG B . 5.21 8.17 -7.22
H61 NAG B . 5.72 10.24 -5.90
H62 NAG B . 4.26 9.95 -4.95
H81 NAG B . 4.76 1.16 -5.91
H82 NAG B . 6.07 1.87 -6.88
H83 NAG B . 6.43 1.20 -5.28
HN2 NAG B . 4.98 3.80 -7.00
HO3 NAG B . 1.86 5.97 -6.43
HO4 NAG B . 1.61 7.74 -6.69
HO6 NAG B . 3.16 9.90 -7.07
N GLU A 1 2.47 9.77 1.25
CA GLU A 1 2.28 8.31 1.22
C GLU A 1 0.83 8.02 1.59
N GLN A 2 0.31 6.84 1.28
CA GLN A 2 -1.10 6.50 1.50
C GLN A 2 -1.30 5.24 2.36
N CYS A 3 -0.27 4.42 2.54
CA CYS A 3 -0.36 3.14 3.24
C CYS A 3 1.02 2.63 3.66
N GLY A 4 1.08 1.47 4.30
CA GLY A 4 2.34 0.80 4.61
C GLY A 4 3.12 1.47 5.73
N ARG A 5 4.33 0.99 6.01
CA ARG A 5 5.14 1.41 7.16
C ARG A 5 5.34 2.93 7.22
N GLN A 6 5.59 3.58 6.08
CA GLN A 6 5.74 5.04 6.03
C GLN A 6 4.43 5.77 6.39
N ALA A 7 3.29 5.08 6.37
CA ALA A 7 2.03 5.56 6.93
C ALA A 7 1.65 4.72 8.16
N GLY A 8 2.64 4.32 8.97
CA GLY A 8 2.42 3.65 10.25
C GLY A 8 1.83 2.24 10.13
N GLY A 9 1.77 1.69 8.91
CA GLY A 9 1.09 0.43 8.64
C GLY A 9 -0.33 0.60 8.10
N LYS A 10 -0.76 1.85 7.80
CA LYS A 10 -2.09 2.10 7.25
C LYS A 10 -2.38 1.24 6.00
N LEU A 11 -3.65 0.92 5.79
CA LEU A 11 -4.14 0.09 4.69
C LEU A 11 -4.71 0.92 3.52
N CYS A 12 -5.19 0.22 2.50
CA CYS A 12 -5.66 0.77 1.22
C CYS A 12 -7.16 0.54 1.03
N PRO A 13 -7.79 1.20 0.04
CA PRO A 13 -9.24 1.15 -0.11
C PRO A 13 -9.74 -0.11 -0.83
N ASN A 14 -11.05 -0.36 -0.67
CA ASN A 14 -11.87 -1.41 -1.27
C ASN A 14 -11.33 -2.83 -1.10
N ASN A 15 -10.20 -3.12 -1.74
CA ASN A 15 -9.54 -4.42 -1.74
C ASN A 15 -8.07 -4.34 -2.16
N LEU A 16 -7.44 -3.16 -2.17
CA LEU A 16 -6.10 -3.03 -2.74
C LEU A 16 -5.00 -3.36 -1.72
N CYS A 17 -3.81 -3.63 -2.27
CA CYS A 17 -2.55 -3.82 -1.57
C CYS A 17 -1.76 -2.50 -1.56
N CYS A 18 -0.54 -2.52 -1.02
CA CYS A 18 0.32 -1.37 -0.83
C CYS A 18 1.75 -1.63 -1.33
N SER A 19 2.51 -0.59 -1.71
CA SER A 19 3.92 -0.68 -2.07
C SER A 19 4.81 -0.69 -0.83
N GLN A 20 6.08 -1.05 -0.98
CA GLN A 20 7.02 -0.94 0.14
C GLN A 20 7.24 0.52 0.55
N TRP A 21 7.15 1.45 -0.41
CA TRP A 21 7.24 2.88 -0.13
C TRP A 21 5.95 3.46 0.43
N GLY A 22 4.77 2.91 0.12
CA GLY A 22 3.57 3.23 0.89
C GLY A 22 2.39 3.71 0.05
N TRP A 23 2.19 3.15 -1.15
CA TRP A 23 1.15 3.60 -2.06
C TRP A 23 0.32 2.41 -2.58
N CYS A 24 -0.92 2.61 -3.01
CA CYS A 24 -1.88 1.49 -3.11
C CYS A 24 -1.97 0.88 -4.50
N GLY A 25 -2.36 -0.40 -4.62
CA GLY A 25 -2.50 -1.04 -5.93
C GLY A 25 -3.06 -2.45 -5.94
N SER A 26 -3.33 -2.99 -7.13
CA SER A 26 -3.81 -4.36 -7.36
C SER A 26 -2.78 -5.12 -8.19
N THR A 27 -1.51 -4.95 -7.85
CA THR A 27 -0.36 -5.14 -8.73
C THR A 27 0.84 -5.58 -7.88
N ASP A 28 2.00 -5.89 -8.46
CA ASP A 28 3.13 -6.46 -7.70
C ASP A 28 3.94 -5.37 -7.01
N GLU A 29 4.54 -4.45 -7.76
CA GLU A 29 4.73 -3.15 -7.15
C GLU A 29 3.34 -2.60 -6.84
N TYR A 30 3.19 -2.03 -5.65
CA TYR A 30 1.94 -1.67 -5.00
C TYR A 30 1.21 -2.86 -4.38
N CYS A 31 1.79 -4.06 -4.39
CA CYS A 31 1.60 -5.03 -3.30
C CYS A 31 2.93 -5.37 -2.56
N SER A 32 4.08 -4.89 -3.05
CA SER A 32 5.40 -4.99 -2.42
C SER A 32 5.50 -4.53 -0.95
N NH2 A 33 4.48 -3.94 -0.34
HN1 NH2 A 33 3.59 -3.81 -0.81
HN2 NH2 A 33 4.59 -3.64 0.61
C1 NAG B . 15.43 7.92 -1.70
C2 NAG B . 14.48 6.78 -2.03
C3 NAG B . 13.22 7.37 -2.67
C4 NAG B . 12.56 8.37 -1.69
C5 NAG B . 13.62 9.45 -1.46
C6 NAG B . 13.13 10.59 -0.56
C7 NAG B . 14.84 4.44 -2.76
C8 NAG B . 15.53 3.55 -3.74
N2 NAG B . 15.10 5.74 -2.88
O1 NAG B . 16.50 7.40 -0.97
O3 NAG B . 12.38 6.28 -2.97
O4 NAG B . 11.30 8.93 -2.14
O5 NAG B . 14.77 8.85 -0.87
O6 NAG B . 12.34 11.53 -1.27
O7 NAG B . 14.08 3.97 -1.91
H1 NAG B . 15.80 8.39 -2.61
H2 NAG B . 14.19 6.34 -1.08
H3 NAG B . 13.46 7.86 -3.60
H4 NAG B . 12.38 7.87 -0.73
H5 NAG B . 13.92 9.89 -2.42
H61 NAG B . 14.00 11.14 -0.18
H62 NAG B . 12.57 10.19 0.28
H81 NAG B . 16.60 3.64 -3.59
H82 NAG B . 15.22 2.52 -3.52
H83 NAG B . 15.24 3.82 -4.75
HN2 NAG B . 15.74 5.99 -3.61
HO1 NAG B . 16.16 6.96 -0.13
HO3 NAG B . 11.65 6.65 -3.49
HO6 NAG B . 11.40 11.29 -1.18
C1 NAG B . 10.21 8.07 -2.27
C2 NAG B . 8.91 8.76 -1.92
C3 NAG B . 7.76 7.83 -2.34
C4 NAG B . 7.83 7.51 -3.84
C5 NAG B . 9.15 6.77 -4.00
C6 NAG B . 9.34 6.29 -5.45
C7 NAG B . 9.16 10.20 0.08
C8 NAG B . 8.75 10.42 1.49
N2 NAG B . 8.79 9.06 -0.48
O3 NAG B . 6.56 8.50 -2.01
O4 NAG B . 6.72 6.66 -4.27
O5 NAG B . 10.22 7.65 -3.65
O6 NAG B . 8.42 5.27 -5.80
O7 NAG B . 9.82 11.05 -0.52
H1 NAG B . 10.34 7.20 -1.62
H2 NAG B . 8.85 9.68 -2.52
H3 NAG B . 7.80 6.91 -1.76
H4 NAG B . 7.84 8.44 -4.41
H5 NAG B . 9.19 5.89 -3.36
H61 NAG B . 10.35 5.90 -5.59
H62 NAG B . 9.20 7.14 -6.14
H81 NAG B . 7.68 10.26 1.56
H82 NAG B . 9.28 9.73 2.13
H83 NAG B . 8.99 11.45 1.75
HN2 NAG B . 8.14 8.51 0.10
HO3 NAG B . 6.57 8.57 -1.04
HO6 NAG B . 7.59 5.44 -5.31
C1 NAG B . 5.90 7.14 -5.29
C2 NAG B . 4.87 6.06 -5.59
C3 NAG B . 3.84 6.66 -6.55
C4 NAG B . 3.20 7.88 -5.88
C5 NAG B . 4.33 8.90 -5.71
C6 NAG B . 3.82 10.25 -5.18
C7 NAG B . 5.55 3.66 -5.47
C8 NAG B . 6.29 2.57 -6.17
N2 NAG B . 5.51 4.82 -6.11
O3 NAG B . 2.85 5.70 -6.81
O4 NAG B . 2.11 8.43 -6.66
O5 NAG B . 5.28 8.34 -4.82
O6 NAG B . 3.09 11.01 -6.14
O7 NAG B . 5.06 3.46 -4.36
H1 NAG B . 6.50 7.36 -6.18
H2 NAG B . 4.33 5.86 -4.67
H3 NAG B . 4.30 6.96 -7.50
H4 NAG B . 2.84 7.61 -4.88
H5 NAG B . 4.82 9.09 -6.68
H61 NAG B . 4.67 10.85 -4.85
H62 NAG B . 3.16 10.08 -4.33
H81 NAG B . 5.70 2.22 -7.01
H82 NAG B . 7.27 2.92 -6.49
H83 NAG B . 6.44 1.75 -5.46
HN2 NAG B . 5.94 4.81 -7.02
HO3 NAG B . 2.03 6.21 -6.97
HO4 NAG B . 1.39 7.73 -6.75
HO6 NAG B . 3.72 11.42 -6.74
N GLU A 1 2.62 6.24 2.69
CA GLU A 1 1.93 7.55 2.77
C GLU A 1 0.42 7.36 2.65
N GLN A 2 -0.07 7.04 1.46
CA GLN A 2 -1.47 6.65 1.28
C GLN A 2 -1.77 5.33 2.00
N CYS A 3 -0.74 4.53 2.23
CA CYS A 3 -0.77 3.32 3.05
C CYS A 3 0.63 3.05 3.63
N GLY A 4 0.80 1.91 4.30
CA GLY A 4 2.12 1.30 4.51
C GLY A 4 2.87 1.79 5.73
N ARG A 5 4.09 1.25 5.92
CA ARG A 5 4.98 1.52 7.07
C ARG A 5 5.13 3.01 7.35
N GLN A 6 5.39 3.80 6.31
CA GLN A 6 5.53 5.26 6.41
C GLN A 6 4.24 5.96 6.81
N ALA A 7 3.09 5.28 6.72
CA ALA A 7 1.82 5.69 7.29
C ALA A 7 1.46 4.77 8.48
N GLY A 8 2.46 4.33 9.25
CA GLY A 8 2.24 3.56 10.47
C GLY A 8 1.66 2.16 10.24
N GLY A 9 1.59 1.70 8.99
CA GLY A 9 0.91 0.47 8.63
C GLY A 9 -0.50 0.67 8.10
N LYS A 10 -0.96 1.92 7.89
CA LYS A 10 -2.28 2.20 7.33
C LYS A 10 -2.55 1.36 6.07
N LEU A 11 -3.75 0.77 5.99
CA LEU A 11 -4.17 -0.04 4.86
C LEU A 11 -4.69 0.79 3.68
N CYS A 12 -4.96 0.12 2.56
CA CYS A 12 -5.52 0.71 1.35
C CYS A 12 -7.04 0.57 1.30
N PRO A 13 -7.72 1.31 0.41
CA PRO A 13 -9.13 1.12 0.16
C PRO A 13 -9.38 -0.20 -0.58
N ASN A 14 -10.66 -0.58 -0.67
CA ASN A 14 -11.24 -1.64 -1.51
C ASN A 14 -10.51 -3.00 -1.60
N ASN A 15 -9.52 -3.26 -0.74
CA ASN A 15 -8.67 -4.45 -0.66
C ASN A 15 -7.42 -4.36 -1.56
N LEU A 16 -7.02 -3.16 -2.01
CA LEU A 16 -5.83 -3.03 -2.85
C LEU A 16 -4.54 -3.34 -2.07
N CYS A 17 -3.45 -3.59 -2.79
CA CYS A 17 -2.14 -3.82 -2.19
C CYS A 17 -1.40 -2.49 -1.98
N CYS A 18 -0.21 -2.52 -1.36
CA CYS A 18 0.46 -1.34 -0.82
C CYS A 18 1.97 -1.38 -1.03
N SER A 19 2.52 -0.34 -1.66
CA SER A 19 3.93 -0.25 -2.02
C SER A 19 4.86 -0.24 -0.82
N GLN A 20 6.14 -0.49 -1.11
CA GLN A 20 7.22 -0.52 -0.14
C GLN A 20 7.45 0.87 0.45
N TRP A 21 7.07 1.93 -0.28
CA TRP A 21 7.07 3.29 0.25
C TRP A 21 5.74 3.62 0.94
N GLY A 22 4.61 3.12 0.44
CA GLY A 22 3.32 3.27 1.09
C GLY A 22 2.25 3.85 0.17
N TRP A 23 2.11 3.29 -1.03
CA TRP A 23 1.16 3.76 -2.02
C TRP A 23 0.38 2.59 -2.64
N CYS A 24 -0.91 2.78 -2.88
CA CYS A 24 -1.81 1.65 -3.14
C CYS A 24 -1.72 1.13 -4.56
N GLY A 25 -2.12 -0.13 -4.74
CA GLY A 25 -1.92 -0.85 -5.98
C GLY A 25 -2.90 -2.01 -6.18
N SER A 26 -3.77 -1.88 -7.19
CA SER A 26 -4.51 -2.98 -7.81
C SER A 26 -3.58 -3.88 -8.64
N THR A 27 -2.37 -4.14 -8.14
CA THR A 27 -1.18 -4.38 -8.97
C THR A 27 -0.22 -5.36 -8.29
N ASP A 28 1.01 -5.56 -8.77
CA ASP A 28 1.83 -6.70 -8.37
C ASP A 28 3.13 -6.27 -7.68
N GLU A 29 3.89 -5.40 -8.33
CA GLU A 29 5.04 -4.67 -7.78
C GLU A 29 4.78 -4.04 -6.39
N TYR A 30 3.56 -3.56 -6.12
CA TYR A 30 3.14 -3.05 -4.81
C TYR A 30 2.46 -4.11 -3.94
N CYS A 31 2.53 -5.40 -4.32
CA CYS A 31 1.74 -6.46 -3.69
C CYS A 31 2.58 -7.69 -3.32
N SER A 32 3.40 -8.20 -4.25
CA SER A 32 4.23 -9.39 -4.06
C SER A 32 5.66 -9.00 -3.75
N NH2 A 33 6.12 -7.90 -4.36
HN1 NH2 A 33 5.55 -7.45 -5.06
HN2 NH2 A 33 7.03 -7.53 -4.13
C1 NAG B . 14.75 9.60 -0.97
C2 NAG B . 13.89 8.40 -1.33
C3 NAG B . 12.59 8.90 -1.98
C4 NAG B . 11.84 9.82 -0.98
C5 NAG B . 12.82 10.98 -0.72
C6 NAG B . 12.21 12.06 0.20
C7 NAG B . 14.39 6.11 -2.12
C8 NAG B . 15.20 5.29 -3.08
N2 NAG B . 14.60 7.42 -2.18
O1 NAG B . 15.84 9.17 -0.24
O3 NAG B . 11.85 7.76 -2.32
O4 NAG B . 10.54 10.28 -1.43
O5 NAG B . 13.99 10.47 -0.12
O6 NAG B . 11.33 12.92 -0.49
O7 NAG B . 13.61 5.57 -1.35
H1 NAG B . 15.07 10.12 -1.87
H2 NAG B . 13.62 7.91 -0.38
H3 NAG B . 12.82 9.45 -2.89
H4 NAG B . 11.69 9.29 -0.04
H5 NAG B . 13.07 11.46 -1.67
H61 NAG B . 13.02 12.68 0.58
H62 NAG B . 11.70 11.60 1.04
H81 NAG B . 16.26 5.43 -2.85
H82 NAG B . 14.92 4.25 -2.93
H83 NAG B . 14.97 5.60 -4.10
HN2 NAG B . 15.29 7.73 -2.84
HO1 NAG B . 15.53 8.69 0.59
HO3 NAG B . 11.12 8.10 -2.86
HO6 NAG B . 10.42 12.57 -0.42
C1 NAG B . 9.55 9.32 -1.63
C2 NAG B . 8.17 9.83 -1.26
C3 NAG B . 7.16 8.77 -1.72
C4 NAG B . 7.24 8.55 -3.24
C5 NAG B . 8.67 8.04 -3.47
C6 NAG B . 8.96 7.73 -4.95
C7 NAG B . 8.34 11.18 0.82
C8 NAG B . 7.99 11.27 2.27
N2 NAG B . 8.02 10.06 0.20
O3 NAG B . 5.88 9.22 -1.34
O4 NAG B . 6.29 7.54 -3.66
O5 NAG B . 9.62 9.00 -3.03
O6 NAG B . 8.71 8.87 -5.76
O7 NAG B . 8.90 12.11 0.25
H1 NAG B . 9.76 8.44 -1.03
H2 NAG B . 7.99 10.76 -1.81
H3 NAG B . 7.35 7.83 -1.20
H4 NAG B . 7.07 9.49 -3.75
H5 NAG B . 8.82 7.11 -2.91
H61 NAG B . 8.34 6.90 -5.29
H62 NAG B . 10.00 7.45 -5.05
H81 NAG B . 8.67 10.65 2.82
H82 NAG B . 8.10 12.31 2.57
H83 NAG B . 6.96 10.94 2.40
HN2 NAG B . 7.44 9.42 0.76
HO3 NAG B . 5.89 9.25 -0.36
HO6 NAG B . 9.25 9.59 -5.44
C1 NAG B . 5.61 7.73 -4.86
C2 NAG B . 4.91 6.42 -5.18
C3 NAG B . 3.78 6.60 -6.20
C4 NAG B . 2.87 7.72 -5.71
C5 NAG B . 3.75 8.97 -5.69
C6 NAG B . 2.90 10.24 -5.49
C7 NAG B . 6.12 4.26 -4.85
C8 NAG B . 7.23 3.39 -5.38
N2 NAG B . 5.88 5.36 -5.55
O3 NAG B . 3.06 5.39 -6.30
O4 NAG B . 1.68 7.91 -6.51
O5 NAG B . 4.68 8.80 -4.64
O6 NAG B . 1.86 10.07 -4.54
O7 NAG B . 5.52 3.95 -3.83
H1 NAG B . 6.28 8.00 -5.67
H2 NAG B . 4.40 6.14 -4.27
H3 NAG B . 4.20 6.84 -7.19
H4 NAG B . 2.58 7.54 -4.67
H5 NAG B . 4.28 9.09 -6.65
H61 NAG B . 2.42 10.50 -6.43
H62 NAG B . 3.53 11.07 -5.19
H81 NAG B . 8.16 3.94 -5.31
H82 NAG B . 7.27 2.49 -4.76
H83 NAG B . 7.01 3.13 -6.40
HN2 NAG B . 6.42 5.46 -6.40
HO3 NAG B . 2.28 5.61 -6.83
HO4 NAG B . 1.13 7.07 -6.49
HO6 NAG B . 2.29 9.86 -3.69
N GLU A 1 3.69 8.76 3.40
CA GLU A 1 3.09 8.01 2.28
C GLU A 1 1.64 7.72 2.60
N GLN A 2 0.96 6.78 1.93
CA GLN A 2 -0.49 6.60 2.07
C GLN A 2 -0.90 5.21 2.58
N CYS A 3 0.04 4.27 2.74
CA CYS A 3 -0.24 3.02 3.44
C CYS A 3 1.06 2.41 3.98
N GLY A 4 0.94 1.36 4.79
CA GLY A 4 2.10 0.63 5.28
C GLY A 4 3.02 1.49 6.16
N ARG A 5 4.23 0.97 6.41
CA ARG A 5 5.22 1.50 7.35
C ARG A 5 5.37 3.02 7.24
N GLN A 6 5.69 3.53 6.05
CA GLN A 6 5.91 4.94 5.76
C GLN A 6 4.61 5.78 5.74
N ALA A 7 3.48 5.18 6.13
CA ALA A 7 2.24 5.89 6.46
C ALA A 7 1.74 5.50 7.86
N GLY A 8 2.62 4.99 8.73
CA GLY A 8 2.23 4.62 10.09
C GLY A 8 1.49 3.28 10.17
N GLY A 9 1.43 2.53 9.07
CA GLY A 9 0.84 1.19 9.04
C GLY A 9 -0.56 1.12 8.44
N LYS A 10 -1.15 2.23 7.98
CA LYS A 10 -2.54 2.18 7.49
C LYS A 10 -2.69 1.31 6.24
N LEU A 11 -3.93 0.90 6.00
CA LEU A 11 -4.32 0.04 4.88
C LEU A 11 -4.76 0.87 3.66
N CYS A 12 -5.24 0.17 2.64
CA CYS A 12 -5.72 0.73 1.38
C CYS A 12 -7.20 0.41 1.19
N PRO A 13 -7.91 1.13 0.29
CA PRO A 13 -9.34 0.97 0.11
C PRO A 13 -9.70 -0.21 -0.80
N ASN A 14 -11.03 -0.43 -0.93
CA ASN A 14 -11.66 -1.48 -1.74
C ASN A 14 -11.14 -2.88 -1.34
N ASN A 15 -10.00 -3.29 -1.90
CA ASN A 15 -9.34 -4.56 -1.63
C ASN A 15 -7.88 -4.49 -2.12
N LEU A 16 -7.29 -3.31 -2.23
CA LEU A 16 -5.99 -3.16 -2.86
C LEU A 16 -4.85 -3.53 -1.90
N CYS A 17 -3.68 -3.81 -2.46
CA CYS A 17 -2.45 -3.96 -1.71
C CYS A 17 -1.80 -2.61 -1.44
N CYS A 18 -0.61 -2.66 -0.86
CA CYS A 18 0.19 -1.54 -0.41
C CYS A 18 1.67 -1.80 -0.75
N SER A 19 2.33 -0.82 -1.36
CA SER A 19 3.68 -0.96 -1.87
C SER A 19 4.70 -1.07 -0.73
N GLN A 20 5.89 -1.60 -1.05
CA GLN A 20 7.10 -1.44 -0.22
C GLN A 20 7.36 0.01 0.18
N TRP A 21 7.04 0.99 -0.69
CA TRP A 21 7.21 2.39 -0.34
C TRP A 21 6.05 2.97 0.45
N GLY A 22 4.83 2.46 0.32
CA GLY A 22 3.69 2.89 1.13
C GLY A 22 2.57 3.52 0.33
N TRP A 23 2.29 3.00 -0.87
CA TRP A 23 1.24 3.52 -1.72
C TRP A 23 0.35 2.40 -2.25
N CYS A 24 -0.90 2.68 -2.62
CA CYS A 24 -1.90 1.62 -2.72
C CYS A 24 -2.06 1.07 -4.14
N GLY A 25 -2.36 -0.23 -4.27
CA GLY A 25 -2.65 -0.81 -5.58
C GLY A 25 -2.76 -2.33 -5.57
N SER A 26 -3.31 -2.93 -6.65
CA SER A 26 -3.44 -4.38 -6.80
C SER A 26 -2.64 -4.86 -8.01
N THR A 27 -1.36 -4.50 -8.05
CA THR A 27 -0.44 -4.76 -9.15
C THR A 27 0.94 -5.00 -8.56
N ASP A 28 1.89 -5.54 -9.33
CA ASP A 28 3.09 -6.18 -8.77
C ASP A 28 3.95 -5.27 -7.89
N GLU A 29 4.13 -4.00 -8.27
CA GLU A 29 4.94 -3.03 -7.52
C GLU A 29 4.17 -2.44 -6.34
N TYR A 30 2.83 -2.34 -6.48
CA TYR A 30 1.96 -1.90 -5.40
C TYR A 30 1.54 -3.05 -4.47
N CYS A 31 1.78 -4.30 -4.85
CA CYS A 31 1.54 -5.46 -3.98
C CYS A 31 2.86 -6.03 -3.43
N SER A 32 3.99 -5.81 -4.10
CA SER A 32 5.30 -6.03 -3.49
C SER A 32 5.48 -5.06 -2.31
N NH2 A 33 4.91 -5.42 -1.16
HN1 NH2 A 33 4.39 -6.29 -1.10
HN2 NH2 A 33 5.01 -4.83 -0.34
C1 NAG B . 15.57 7.37 -2.86
C2 NAG B . 14.55 6.23 -2.94
C3 NAG B . 13.18 6.84 -3.32
C4 NAG B . 12.76 7.89 -2.26
C5 NAG B . 13.89 8.93 -2.23
C6 NAG B . 13.63 10.06 -1.22
C7 NAG B . 14.59 3.89 -3.74
C8 NAG B . 15.23 2.90 -4.66
N2 NAG B . 14.98 5.15 -3.84
O1 NAG B . 16.77 6.83 -2.40
O3 NAG B . 12.28 5.75 -3.42
O4 NAG B . 11.49 8.54 -2.49
O5 NAG B . 15.11 8.29 -1.89
O6 NAG B . 12.77 11.07 -1.76
O7 NAG B . 13.70 3.54 -2.95
H1 NAG B . 15.70 7.83 -3.83
H2 NAG B . 14.48 5.85 -1.91
H3 NAG B . 13.26 7.31 -4.30
H4 NAG B . 12.69 7.39 -1.28
H5 NAG B . 14.00 9.37 -3.21
H61 NAG B . 14.58 10.56 -1.00
H62 NAG B . 13.20 9.67 -0.29
H81 NAG B . 16.30 2.87 -4.44
H82 NAG B . 14.79 1.92 -4.45
H83 NAG B . 15.04 3.19 -5.68
HN2 NAG B . 15.72 5.32 -4.51
HO1 NAG B . 17.12 6.17 -3.07
HO3 NAG B . 12.67 4.99 -2.97
HO6 NAG B . 11.84 10.80 -1.59
C1 NAG B . 10.37 7.75 -2.58
C2 NAG B . 9.08 8.49 -2.20
C3 NAG B . 7.89 7.59 -2.59
C4 NAG B . 7.93 7.17 -4.08
C5 NAG B . 9.25 6.43 -4.20
C6 NAG B . 9.52 5.86 -5.60
C7 NAG B . 9.55 9.89 -0.22
C8 NAG B . 9.18 10.15 1.21
N2 NAG B . 9.02 8.81 -0.77
O3 NAG B . 6.72 8.32 -2.29
O4 NAG B . 6.83 6.29 -4.42
O5 NAG B . 10.27 7.37 -3.95
O6 NAG B . 10.75 5.14 -5.57
O7 NAG B . 10.31 10.65 -0.81
H1 NAG B . 10.49 6.88 -1.93
H2 NAG B . 9.04 9.39 -2.82
H3 NAG B . 7.90 6.70 -1.96
H4 NAG B . 7.95 8.05 -4.71
H5 NAG B . 9.29 5.61 -3.50
H61 NAG B . 9.59 6.66 -6.33
H62 NAG B . 8.73 5.17 -5.89
H81 NAG B . 9.52 9.32 1.81
H82 NAG B . 9.67 11.07 1.52
H83 NAG B . 8.10 10.26 1.27
HN2 NAG B . 8.29 8.38 -0.19
HO3 NAG B . 6.76 8.51 -1.33
HO6 NAG B . 11.31 5.54 -4.87
C1 NAG B . 5.89 6.78 -5.33
C2 NAG B . 4.72 5.78 -5.40
C3 NAG B . 3.55 6.46 -6.14
C4 NAG B . 3.15 7.74 -5.42
C5 NAG B . 4.37 8.65 -5.50
C6 NAG B . 4.11 10.04 -4.85
C7 NAG B . 5.21 3.33 -5.35
C8 NAG B . 5.69 2.17 -6.16
N2 NAG B . 5.12 4.49 -6.00
O3 NAG B . 2.47 5.56 -6.13
O4 NAG B . 1.99 8.36 -6.04
O5 NAG B . 5.42 8.02 -4.81
O6 NAG B . 3.24 10.87 -5.60
O7 NAG B . 4.93 3.17 -4.16
H1 NAG B . 6.33 6.91 -6.31
H2 NAG B . 4.39 5.66 -4.38
H3 NAG B . 3.83 6.66 -7.17
H4 NAG B . 2.96 7.54 -4.36
H5 NAG B . 4.67 8.81 -6.54
H61 NAG B . 5.06 10.56 -4.73
H62 NAG B . 3.67 9.88 -3.86
H81 NAG B . 6.66 2.40 -6.58
H82 NAG B . 5.77 1.31 -5.50
H83 NAG B . 4.96 1.96 -6.95
HN2 NAG B . 5.36 4.44 -6.97
HO3 NAG B . 1.69 6.11 -6.31
HO4 NAG B . 1.20 7.75 -5.96
HO6 NAG B . 3.74 11.23 -6.34
N GLU A 1 2.83 6.43 2.78
CA GLU A 1 2.11 7.65 2.40
C GLU A 1 0.60 7.41 2.41
N GLN A 2 0.04 6.70 1.42
CA GLN A 2 -1.35 6.23 1.52
C GLN A 2 -1.44 5.00 2.42
N CYS A 3 -0.32 4.29 2.58
CA CYS A 3 -0.17 3.13 3.46
C CYS A 3 1.31 3.00 3.81
N GLY A 4 1.67 1.87 4.44
CA GLY A 4 3.06 1.50 4.61
C GLY A 4 3.78 2.32 5.68
N ARG A 5 5.07 2.00 5.86
CA ARG A 5 6.01 2.57 6.83
C ARG A 5 5.71 4.03 7.20
N GLN A 6 5.90 4.98 6.27
CA GLN A 6 5.74 6.41 6.57
C GLN A 6 4.31 6.82 6.93
N ALA A 7 3.32 5.92 6.83
CA ALA A 7 1.95 6.18 7.25
C ALA A 7 1.50 5.17 8.33
N GLY A 8 2.42 4.48 9.00
CA GLY A 8 2.03 3.55 10.07
C GLY A 8 1.43 2.25 9.53
N GLY A 9 1.85 1.82 8.34
CA GLY A 9 1.43 0.54 7.76
C GLY A 9 0.07 0.62 7.08
N LYS A 10 -0.95 1.09 7.82
CA LYS A 10 -2.37 1.25 7.44
C LYS A 10 -2.72 0.79 6.02
N LEU A 11 -3.44 -0.32 5.91
CA LEU A 11 -3.91 -0.90 4.65
C LEU A 11 -4.79 0.03 3.80
N CYS A 12 -5.14 -0.45 2.60
CA CYS A 12 -5.73 0.31 1.51
C CYS A 12 -7.20 -0.08 1.24
N PRO A 13 -7.94 0.73 0.47
CA PRO A 13 -9.37 0.55 0.25
C PRO A 13 -9.72 -0.37 -0.93
N ASN A 14 -11.01 -0.57 -1.14
CA ASN A 14 -11.66 -1.31 -2.23
C ASN A 14 -11.21 -2.78 -2.32
N ASN A 15 -9.97 -2.99 -2.77
CA ASN A 15 -9.35 -4.30 -2.91
C ASN A 15 -7.81 -4.22 -2.83
N LEU A 16 -7.23 -3.07 -2.49
CA LEU A 16 -5.89 -2.78 -2.94
C LEU A 16 -4.82 -3.26 -1.95
N CYS A 17 -3.65 -3.45 -2.52
CA CYS A 17 -2.39 -3.76 -1.88
C CYS A 17 -1.60 -2.47 -1.63
N CYS A 18 -0.38 -2.62 -1.11
CA CYS A 18 0.40 -1.54 -0.51
C CYS A 18 1.88 -1.62 -0.91
N SER A 19 2.35 -0.65 -1.70
CA SER A 19 3.76 -0.55 -2.01
C SER A 19 4.56 -0.43 -0.71
N GLN A 20 5.66 -1.17 -0.61
CA GLN A 20 6.51 -1.10 0.58
C GLN A 20 7.32 0.20 0.60
N TRP A 21 7.21 1.01 -0.46
CA TRP A 21 7.39 2.45 -0.32
C TRP A 21 6.31 3.03 0.58
N GLY A 22 5.04 3.09 0.14
CA GLY A 22 4.01 3.76 0.93
C GLY A 22 2.63 3.95 0.28
N TRP A 23 2.31 3.27 -0.82
CA TRP A 23 1.22 3.73 -1.69
C TRP A 23 0.24 2.61 -2.00
N CYS A 24 -1.00 2.94 -2.37
CA CYS A 24 -2.04 1.92 -2.55
C CYS A 24 -2.16 1.52 -4.02
N GLY A 25 -2.27 0.21 -4.30
CA GLY A 25 -2.37 -0.26 -5.69
C GLY A 25 -2.82 -1.71 -5.79
N SER A 26 -3.34 -2.11 -6.94
CA SER A 26 -3.96 -3.44 -7.09
C SER A 26 -3.04 -4.48 -7.71
N THR A 27 -1.75 -4.17 -7.84
CA THR A 27 -0.84 -4.82 -8.79
C THR A 27 0.50 -5.19 -8.13
N ASP A 28 1.35 -5.90 -8.87
CA ASP A 28 2.58 -6.54 -8.40
C ASP A 28 3.44 -5.66 -7.48
N GLU A 29 3.67 -4.40 -7.85
CA GLU A 29 4.52 -3.47 -7.07
C GLU A 29 3.90 -3.10 -5.72
N TYR A 30 2.64 -3.46 -5.51
CA TYR A 30 1.86 -3.15 -4.33
C TYR A 30 1.46 -4.42 -3.59
N CYS A 31 1.24 -5.52 -4.32
CA CYS A 31 0.89 -6.83 -3.78
C CYS A 31 2.12 -7.70 -3.51
N SER A 32 3.30 -7.32 -4.00
CA SER A 32 4.60 -7.94 -3.70
C SER A 32 4.70 -8.46 -2.27
N NH2 A 33 3.68 -8.18 -1.45
HN1 NH2 A 33 2.90 -7.64 -1.79
HN2 NH2 A 33 3.69 -8.51 -0.50
C1 NAG B . 14.79 8.96 -2.75
C2 NAG B . 13.98 7.67 -2.70
C3 NAG B . 12.54 8.00 -3.15
C4 NAG B . 11.93 9.10 -2.26
C5 NAG B . 12.88 10.30 -2.29
C6 NAG B . 12.37 11.47 -1.45
C7 NAG B . 14.47 5.30 -3.39
C8 NAG B . 15.42 4.42 -4.15
N2 NAG B . 14.64 6.61 -3.52
O1 NAG B . 16.06 8.69 -2.25
O3 NAG B . 11.80 6.82 -3.02
O4 NAG B . 10.60 9.55 -2.64
O5 NAG B . 14.18 9.91 -1.88
O6 NAG B . 11.83 11.08 -0.20
O7 NAG B . 13.56 4.82 -2.73
H1 NAG B . 14.85 9.33 -3.77
H2 NAG B . 13.95 7.36 -1.65
H3 NAG B . 12.55 8.31 -4.20
H4 NAG B . 11.86 8.72 -1.25
H5 NAG B . 12.95 10.67 -3.32
H61 NAG B . 11.59 12.00 -1.99
H62 NAG B . 13.19 12.17 -1.27
H81 NAG B . 15.14 3.39 -3.95
H82 NAG B . 15.34 4.65 -5.20
H83 NAG B . 16.43 4.61 -3.79
HN2 NAG B . 15.43 6.88 -4.08
HO1 NAG B . 16.52 8.03 -2.83
HO3 NAG B . 12.39 6.06 -3.06
HO6 NAG B . 10.87 11.06 -0.31
C1 NAG B . 9.61 8.58 -2.75
C2 NAG B . 8.22 9.16 -2.50
C3 NAG B . 7.16 8.23 -3.09
C4 NAG B . 7.46 7.68 -4.49
C5 NAG B . 8.84 7.04 -4.37
C6 NAG B . 9.22 6.33 -5.68
C7 NAG B . 8.27 10.36 -0.31
C8 NAG B . 7.53 10.53 0.99
N2 NAG B . 7.89 9.35 -1.07
O3 NAG B . 5.99 8.98 -3.13
O4 NAG B . 6.46 6.69 -4.85
O5 NAG B . 9.71 8.10 -4.09
O6 NAG B . 8.39 5.19 -5.92
O7 NAG B . 9.17 11.14 -0.60
H1 NAG B . 9.81 7.79 -2.02
H2 NAG B . 8.18 10.11 -3.03
H3 NAG B . 7.06 7.37 -2.41
H4 NAG B . 7.51 8.49 -5.22
H5 NAG B . 8.86 6.30 -3.56
H61 NAG B . 10.25 5.99 -5.63
H62 NAG B . 9.11 7.02 -6.51
H81 NAG B . 7.98 11.38 1.51
H82 NAG B . 6.49 10.75 0.75
H83 NAG B . 7.61 9.63 1.58
HN2 NAG B . 7.11 8.79 -0.68
HO3 NAG B . 5.42 8.56 -3.79
HO6 NAG B . 7.50 5.40 -5.63
C1 NAG B . 5.50 7.01 -5.82
C2 NAG B . 4.44 5.91 -5.72
C3 NAG B . 3.16 6.32 -6.46
C4 NAG B . 2.71 7.74 -6.07
C5 NAG B . 3.88 8.68 -6.29
C6 NAG B . 3.47 10.13 -5.95
C7 NAG B . 5.12 3.52 -5.50
C8 NAG B . 5.46 2.29 -6.28
N2 NAG B . 4.95 4.62 -6.23
O3 NAG B . 2.18 5.36 -6.11
O4 NAG B . 1.55 8.20 -6.82
O5 NAG B . 4.94 8.26 -5.45
O6 NAG B . 2.42 10.63 -6.77
O7 NAG B . 5.02 3.48 -4.28
H1 NAG B . 5.94 7.04 -6.82
H2 NAG B . 4.19 5.87 -4.65
H3 NAG B . 3.33 6.28 -7.54
H4 NAG B . 2.51 7.75 -5.01
H5 NAG B . 4.20 8.65 -7.34
H61 NAG B . 4.33 10.78 -6.07
H62 NAG B . 3.15 10.17 -4.90
H81 NAG B . 5.60 1.47 -5.57
H82 NAG B . 4.63 2.05 -6.94
H83 NAG B . 6.37 2.46 -6.84
HN2 NAG B . 5.00 4.46 -7.22
HO3 NAG B . 1.37 5.58 -6.60
HO4 NAG B . 0.78 7.58 -6.67
HO6 NAG B . 2.08 9.87 -7.28
N GLU A 1 3.27 6.43 2.73
CA GLU A 1 2.74 7.79 2.86
C GLU A 1 1.22 7.71 2.95
N GLN A 2 0.54 7.49 1.82
CA GLN A 2 -0.85 7.07 1.79
C GLN A 2 -1.06 5.84 2.68
N CYS A 3 -0.23 4.81 2.46
CA CYS A 3 -0.18 3.61 3.28
C CYS A 3 1.26 3.35 3.73
N GLY A 4 1.50 2.19 4.35
CA GLY A 4 2.83 1.67 4.59
C GLY A 4 3.37 2.00 5.98
N ARG A 5 4.28 1.15 6.45
CA ARG A 5 4.88 1.19 7.78
C ARG A 5 5.25 2.61 8.24
N GLN A 6 6.06 3.29 7.44
CA GLN A 6 6.58 4.63 7.69
C GLN A 6 5.48 5.69 7.82
N ALA A 7 4.26 5.37 7.42
CA ALA A 7 3.10 6.24 7.54
C ALA A 7 1.94 5.53 8.26
N GLY A 8 2.26 4.65 9.22
CA GLY A 8 1.26 4.08 10.11
C GLY A 8 0.53 2.86 9.52
N GLY A 9 1.06 2.25 8.46
CA GLY A 9 0.46 1.08 7.84
C GLY A 9 -0.69 1.46 6.92
N LYS A 10 -1.71 2.14 7.47
CA LYS A 10 -2.92 2.65 6.81
C LYS A 10 -3.30 1.85 5.56
N LEU A 11 -3.97 0.72 5.77
CA LEU A 11 -4.34 -0.21 4.70
C LEU A 11 -5.26 0.43 3.65
N CYS A 12 -5.37 -0.22 2.50
CA CYS A 12 -5.84 0.42 1.28
C CYS A 12 -7.31 0.12 0.93
N PRO A 13 -7.91 0.86 -0.01
CA PRO A 13 -9.33 0.75 -0.28
C PRO A 13 -9.77 -0.61 -0.84
N ASN A 14 -11.03 -0.94 -0.59
CA ASN A 14 -11.79 -2.11 -1.05
C ASN A 14 -11.10 -3.47 -0.84
N ASN A 15 -9.99 -3.69 -1.55
CA ASN A 15 -9.22 -4.93 -1.55
C ASN A 15 -7.76 -4.72 -1.99
N LEU A 16 -7.26 -3.49 -1.99
CA LEU A 16 -5.98 -3.19 -2.61
C LEU A 16 -4.77 -3.45 -1.71
N CYS A 17 -3.61 -3.52 -2.37
CA CYS A 17 -2.30 -3.72 -1.78
C CYS A 17 -1.63 -2.38 -1.46
N CYS A 18 -0.44 -2.43 -0.86
CA CYS A 18 0.35 -1.29 -0.41
C CYS A 18 1.82 -1.52 -0.73
N SER A 19 2.48 -0.51 -1.32
CA SER A 19 3.79 -0.65 -1.93
C SER A 19 4.92 -0.83 -0.91
N GLN A 20 6.10 -1.14 -1.44
CA GLN A 20 7.35 -1.20 -0.69
C GLN A 20 7.64 0.21 -0.17
N TRP A 21 7.37 1.22 -0.99
CA TRP A 21 7.50 2.62 -0.58
C TRP A 21 6.41 3.01 0.41
N GLY A 22 5.15 3.12 0.01
CA GLY A 22 4.15 3.78 0.87
C GLY A 22 2.77 4.02 0.26
N TRP A 23 2.40 3.33 -0.82
CA TRP A 23 1.24 3.76 -1.62
C TRP A 23 0.37 2.59 -2.06
N CYS A 24 -0.93 2.84 -2.27
CA CYS A 24 -1.86 1.76 -2.53
C CYS A 24 -1.80 1.28 -3.98
N GLY A 25 -2.21 0.05 -4.27
CA GLY A 25 -2.25 -0.42 -5.65
C GLY A 25 -2.86 -1.81 -5.82
N SER A 26 -3.09 -2.23 -7.07
CA SER A 26 -3.90 -3.40 -7.42
C SER A 26 -3.10 -4.46 -8.19
N THR A 27 -1.79 -4.54 -7.99
CA THR A 27 -0.91 -5.18 -8.97
C THR A 27 0.51 -5.37 -8.41
N ASP A 28 1.33 -6.11 -9.14
CA ASP A 28 2.61 -6.65 -8.69
C ASP A 28 3.49 -5.61 -7.99
N GLU A 29 3.72 -4.47 -8.63
CA GLU A 29 4.57 -3.41 -8.08
C GLU A 29 4.04 -2.86 -6.75
N TYR A 30 2.77 -3.10 -6.43
CA TYR A 30 2.13 -2.63 -5.21
C TYR A 30 1.71 -3.77 -4.28
N CYS A 31 1.73 -5.03 -4.74
CA CYS A 31 1.44 -6.20 -3.93
C CYS A 31 2.70 -6.98 -3.52
N SER A 32 3.78 -6.89 -4.30
CA SER A 32 5.02 -7.62 -4.03
C SER A 32 5.98 -6.78 -3.19
N NH2 A 33 5.92 -6.94 -1.88
HN1 NH2 A 33 5.28 -7.61 -1.48
HN2 NH2 A 33 6.53 -6.40 -1.28
C1 NAG B . 14.78 9.54 -4.20
C2 NAG B . 14.08 8.20 -4.21
C3 NAG B . 12.57 8.40 -3.97
C4 NAG B . 12.23 9.34 -2.79
C5 NAG B . 13.13 10.59 -2.90
C6 NAG B . 12.94 11.56 -1.71
C7 NAG B . 13.62 6.92 -6.38
C8 NAG B . 14.33 6.32 -7.56
N2 NAG B . 14.42 7.47 -5.47
O1 NAG B . 16.16 9.29 -4.20
O3 NAG B . 12.08 7.09 -3.72
O4 NAG B . 10.85 9.78 -2.75
O5 NAG B . 14.49 10.19 -2.98
O6 NAG B . 11.82 12.40 -1.87
O7 NAG B . 12.40 6.87 -6.30
H1 NAG B . 14.51 10.14 -5.06
H2 NAG B . 14.46 7.64 -3.35
H3 NAG B . 12.13 8.83 -4.87
H4 NAG B . 12.45 8.82 -1.87
H5 NAG B . 12.87 11.14 -3.81
H61 NAG B . 13.82 12.20 -1.65
H62 NAG B . 12.87 11.00 -0.78
H81 NAG B . 13.57 5.91 -8.22
H82 NAG B . 14.87 7.10 -8.09
H83 NAG B . 15.00 5.54 -7.23
HN2 NAG B . 15.41 7.42 -5.69
HO1 NAG B . 16.40 8.82 -5.05
HO3 NAG B . 11.93 6.74 -4.61
HO6 NAG B . 11.03 11.92 -1.58
C1 NAG B . 9.87 8.80 -2.79
C2 NAG B . 8.57 9.27 -2.15
C3 NAG B . 7.46 8.29 -2.50
C4 NAG B . 7.33 8.03 -4.01
C5 NAG B . 8.70 7.48 -4.40
C6 NAG B . 8.78 6.99 -5.86
C7 NAG B . 9.13 10.47 -0.04
C8 NAG B . 8.90 10.51 1.44
N2 NAG B . 8.65 9.41 -0.68
O3 NAG B . 6.28 8.85 -1.97
O4 NAG B . 6.28 7.06 -4.27
O5 NAG B . 9.66 8.49 -4.17
O6 NAG B . 9.88 6.12 -6.07
O7 NAG B . 9.71 11.38 -0.60
H1 NAG B . 10.24 7.93 -2.25
H2 NAG B . 8.32 10.24 -2.61
H3 NAG B . 7.65 7.35 -1.98
H4 NAG B . 7.14 8.97 -4.52
H5 NAG B . 8.92 6.62 -3.78
H61 NAG B . 8.82 7.82 -6.56
H62 NAG B . 7.91 6.38 -6.10
H81 NAG B . 7.82 10.46 1.61
H82 NAG B . 9.40 9.68 1.90
H83 NAG B . 9.29 11.46 1.80
HN2 NAG B . 8.07 8.80 -0.08
HO3 NAG B . 6.39 8.85 -1.00
HO6 NAG B . 10.67 6.62 -6.32
C1 NAG B . 5.42 7.29 -5.35
C2 NAG B . 4.53 6.04 -5.50
C3 NAG B . 3.29 6.33 -6.36
C4 NAG B . 2.58 7.56 -5.79
C5 NAG B . 3.58 8.70 -5.94
C6 NAG B . 2.92 10.07 -5.68
C7 NAG B . 5.42 3.71 -5.32
C8 NAG B . 6.18 2.64 -6.03
N2 NAG B . 5.28 4.86 -5.99
O3 NAG B . 2.46 5.20 -6.30
O4 NAG B . 1.33 7.85 -6.48
O5 NAG B . 4.63 8.44 -5.03
O6 NAG B . 1.96 10.03 -4.63
O7 NAG B . 4.95 3.50 -4.20
H1 NAG B . 5.96 7.46 -6.28
H2 NAG B . 4.13 5.85 -4.53
H3 NAG B . 3.58 6.50 -7.40
H4 NAG B . 2.40 7.44 -4.72
H5 NAG B . 3.99 8.73 -6.95
H61 NAG B . 2.40 10.39 -6.57
H62 NAG B . 3.69 10.81 -5.44
H81 NAG B . 5.65 2.37 -6.94
H82 NAG B . 7.19 3.01 -6.27
H83 NAG B . 6.26 1.78 -5.38
HN2 NAG B . 5.70 4.87 -6.90
HO3 NAG B . 1.63 5.48 -6.72
HO4 NAG B . 0.70 7.10 -6.36
HO6 NAG B . 2.42 9.78 -3.81
N GLU A 1 2.48 9.41 2.90
CA GLU A 1 2.10 8.24 2.08
C GLU A 1 0.70 7.81 2.48
N GLN A 2 0.12 6.75 1.90
CA GLN A 2 -1.23 6.28 2.25
C GLN A 2 -1.21 5.19 3.32
N CYS A 3 -0.31 4.23 3.17
CA CYS A 3 -0.39 2.94 3.85
C CYS A 3 0.99 2.43 4.27
N GLY A 4 1.01 1.33 5.01
CA GLY A 4 2.26 0.65 5.37
C GLY A 4 3.16 1.48 6.29
N ARG A 5 4.41 0.99 6.44
CA ARG A 5 5.43 1.51 7.35
C ARG A 5 5.46 3.04 7.36
N GLN A 6 5.69 3.65 6.20
CA GLN A 6 5.86 5.10 6.04
C GLN A 6 4.56 5.89 6.27
N ALA A 7 3.40 5.23 6.42
CA ALA A 7 2.18 5.90 6.89
C ALA A 7 1.89 5.57 8.36
N GLY A 8 2.73 4.79 9.04
CA GLY A 8 2.41 4.27 10.35
C GLY A 8 1.32 3.21 10.29
N GLY A 9 1.43 2.29 9.33
CA GLY A 9 0.72 1.01 9.38
C GLY A 9 -0.71 1.01 8.82
N LYS A 10 -1.13 2.07 8.10
CA LYS A 10 -2.47 2.06 7.50
C LYS A 10 -2.58 1.06 6.35
N LEU A 11 -3.82 0.70 6.00
CA LEU A 11 -4.16 -0.23 4.93
C LEU A 11 -4.65 0.54 3.69
N CYS A 12 -5.09 -0.18 2.67
CA CYS A 12 -5.57 0.38 1.42
C CYS A 12 -7.06 0.14 1.20
N PRO A 13 -7.70 0.91 0.31
CA PRO A 13 -9.14 0.86 0.11
C PRO A 13 -9.55 -0.22 -0.89
N ASN A 14 -10.87 -0.37 -1.04
CA ASN A 14 -11.56 -1.20 -2.03
C ASN A 14 -11.27 -2.70 -1.87
N ASN A 15 -10.02 -3.09 -2.15
CA ASN A 15 -9.48 -4.43 -2.08
C ASN A 15 -7.96 -4.44 -2.37
N LEU A 16 -7.26 -3.32 -2.15
CA LEU A 16 -5.95 -3.10 -2.77
C LEU A 16 -4.78 -3.40 -1.83
N CYS A 17 -3.59 -3.51 -2.41
CA CYS A 17 -2.32 -3.78 -1.73
C CYS A 17 -1.54 -2.48 -1.55
N CYS A 18 -0.39 -2.54 -0.85
CA CYS A 18 0.36 -1.37 -0.41
C CYS A 18 1.84 -1.46 -0.83
N SER A 19 2.35 -0.42 -1.49
CA SER A 19 3.70 -0.37 -2.03
C SER A 19 4.78 -0.42 -0.96
N GLN A 20 6.04 -0.55 -1.41
CA GLN A 20 7.22 -0.51 -0.56
C GLN A 20 7.46 0.92 -0.03
N TRP A 21 6.93 1.93 -0.72
CA TRP A 21 7.00 3.31 -0.25
C TRP A 21 5.80 3.68 0.62
N GLY A 22 4.62 3.09 0.39
CA GLY A 22 3.44 3.35 1.23
C GLY A 22 2.21 3.78 0.45
N TRP A 23 2.03 3.31 -0.79
CA TRP A 23 0.94 3.80 -1.63
C TRP A 23 0.15 2.65 -2.24
N CYS A 24 -1.12 2.85 -2.55
CA CYS A 24 -2.00 1.72 -2.80
C CYS A 24 -1.94 1.21 -4.25
N GLY A 25 -2.21 -0.08 -4.46
CA GLY A 25 -2.09 -0.68 -5.80
C GLY A 25 -2.90 -1.95 -5.97
N SER A 26 -3.29 -2.26 -7.21
CA SER A 26 -4.05 -3.48 -7.54
C SER A 26 -3.17 -4.50 -8.26
N THR A 27 -1.85 -4.42 -8.07
CA THR A 27 -0.88 -4.94 -9.03
C THR A 27 0.36 -5.47 -8.31
N ASP A 28 1.10 -6.35 -8.98
CA ASP A 28 2.08 -7.22 -8.34
C ASP A 28 3.33 -6.48 -7.86
N GLU A 29 3.74 -5.42 -8.52
CA GLU A 29 4.94 -4.65 -8.14
C GLU A 29 4.63 -3.76 -6.94
N TYR A 30 3.43 -3.21 -6.89
CA TYR A 30 2.88 -2.58 -5.70
C TYR A 30 2.72 -3.59 -4.57
N CYS A 31 2.13 -4.76 -4.86
CA CYS A 31 1.81 -5.71 -3.80
C CYS A 31 3.05 -6.46 -3.28
N SER A 32 4.09 -6.60 -4.08
CA SER A 32 5.37 -7.19 -3.64
C SER A 32 5.90 -6.47 -2.40
N NH2 A 33 5.13 -6.51 -1.31
HN1 NH2 A 33 4.26 -7.02 -1.32
HN2 NH2 A 33 5.42 -6.04 -0.46
C1 NAG B . 14.61 9.74 -3.77
C2 NAG B . 13.94 8.39 -3.93
C3 NAG B . 12.41 8.55 -3.77
C4 NAG B . 12.01 9.42 -2.56
C5 NAG B . 12.93 10.63 -2.38
C6 NAG B . 12.75 11.25 -0.98
C7 NAG B . 13.72 7.13 -6.14
C8 NAG B . 14.52 6.70 -7.33
N2 NAG B . 14.40 7.77 -5.20
O1 NAG B . 15.98 9.54 -3.80
O3 NAG B . 11.90 7.24 -3.59
O4 NAG B . 10.66 9.94 -2.66
O5 NAG B . 14.30 10.27 -2.49
O6 NAG B . 13.24 10.35 -0.01
O7 NAG B . 12.53 6.87 -6.09
H1 NAG B . 14.31 10.42 -4.57
H2 NAG B . 14.28 7.78 -3.09
H3 NAG B . 12.02 9.01 -4.68
H4 NAG B . 12.07 8.80 -1.68
H5 NAG B . 12.69 11.39 -3.14
H61 NAG B . 11.70 11.47 -0.78
H62 NAG B . 13.32 12.17 -0.92
H81 NAG B . 13.83 6.19 -8.02
H82 NAG B . 14.94 7.58 -7.82
H83 NAG B . 15.30 6.01 -7.01
HN2 NAG B . 15.37 7.88 -5.41
HO1 NAG B . 16.24 9.17 -4.70
HO3 NAG B . 11.87 6.88 -4.48
HO6 NAG B . 14.12 10.07 -0.32
C1 NAG B . 9.62 9.03 -2.79
C2 NAG B . 8.35 9.58 -2.17
C3 NAG B . 7.20 8.60 -2.49
C4 NAG B . 7.10 8.36 -4.00
C5 NAG B . 8.46 7.85 -4.48
C6 NAG B . 8.48 7.60 -6.00
C7 NAG B . 8.52 10.93 -0.11
C8 NAG B . 8.50 10.89 1.40
N2 NAG B . 8.47 9.74 -0.71
O3 NAG B . 6.04 9.23 -2.01
O4 NAG B . 6.09 7.34 -4.28
O5 NAG B . 9.45 8.82 -4.20
O6 NAG B . 8.14 8.78 -6.71
O7 NAG B . 8.59 11.99 -0.70
H1 NAG B . 9.90 8.12 -2.29
H2 NAG B . 8.12 10.52 -2.66
H3 NAG B . 7.36 7.67 -1.95
H4 NAG B . 6.87 9.30 -4.49
H5 NAG B . 8.71 6.92 -3.98
H61 NAG B . 7.77 6.82 -6.26
H62 NAG B . 9.48 7.29 -6.29
H81 NAG B . 8.46 11.92 1.73
H82 NAG B . 7.60 10.37 1.71
H83 NAG B . 9.41 10.41 1.75
HN2 NAG B . 8.41 8.94 -0.10
HO3 NAG B . 6.03 9.08 -1.04
HO6 NAG B . 8.75 9.47 -6.40
C1 NAG B . 5.07 7.68 -5.17
C2 NAG B . 4.10 6.50 -5.16
C3 NAG B . 2.78 6.89 -5.83
C4 NAG B . 2.22 8.18 -5.19
C5 NAG B . 3.28 9.27 -5.32
C6 NAG B . 2.82 10.60 -4.67
C7 NAG B . 4.95 4.15 -5.18
C8 NAG B . 5.53 3.09 -6.05
N2 NAG B . 4.69 5.30 -5.79
O3 NAG B . 1.91 5.79 -5.64
O4 NAG B . 0.99 8.64 -5.81
O5 NAG B . 4.44 8.83 -4.63
O6 NAG B . 1.72 11.25 -5.32
O7 NAG B . 4.74 3.92 -3.99
H1 NAG B . 5.46 7.86 -6.17
H2 NAG B . 3.88 6.35 -4.10
H3 NAG B . 2.93 7.05 -6.89
H4 NAG B . 2.08 8.02 -4.12
H5 NAG B . 3.52 9.45 -6.37
H61 NAG B . 3.66 11.31 -4.67
H62 NAG B . 2.54 10.41 -3.63
H81 NAG B . 4.84 2.87 -6.86
H82 NAG B . 6.48 3.43 -6.45
H83 NAG B . 5.67 2.19 -5.45
HN2 NAG B . 4.86 5.30 -6.78
HO3 NAG B . 1.02 6.04 -5.92
HO4 NAG B . 0.29 7.93 -5.72
HO6 NAG B . 2.04 11.59 -6.16
N GLU A 1 2.49 9.43 0.69
CA GLU A 1 2.12 8.01 0.92
C GLU A 1 0.61 7.92 1.11
N GLN A 2 0.04 6.74 0.92
CA GLN A 2 -1.34 6.41 1.27
C GLN A 2 -1.43 5.38 2.40
N CYS A 3 -0.40 4.54 2.60
CA CYS A 3 -0.61 3.31 3.33
C CYS A 3 0.65 2.73 3.97
N GLY A 4 0.46 1.85 4.96
CA GLY A 4 1.48 0.97 5.52
C GLY A 4 2.76 1.68 5.98
N ARG A 5 3.67 1.93 5.05
CA ARG A 5 4.97 2.55 5.31
C ARG A 5 4.80 4.05 5.54
N GLN A 6 5.45 4.57 6.58
CA GLN A 6 5.31 5.92 7.13
C GLN A 6 3.89 6.18 7.68
N ALA A 7 2.83 5.84 6.94
CA ALA A 7 1.45 5.92 7.37
C ALA A 7 1.05 4.82 8.39
N GLY A 8 1.87 4.64 9.43
CA GLY A 8 1.51 3.90 10.65
C GLY A 8 0.96 2.48 10.48
N GLY A 9 1.28 1.79 9.38
CA GLY A 9 0.72 0.46 9.11
C GLY A 9 -0.70 0.50 8.52
N LYS A 10 -1.28 1.69 8.31
CA LYS A 10 -2.68 1.83 7.88
C LYS A 10 -2.84 1.34 6.44
N LEU A 11 -3.57 0.23 6.24
CA LEU A 11 -3.70 -0.44 4.94
C LEU A 11 -4.44 0.40 3.86
N CYS A 12 -4.56 -0.14 2.66
CA CYS A 12 -5.19 0.53 1.52
C CYS A 12 -6.70 0.34 1.47
N PRO A 13 -7.42 1.16 0.68
CA PRO A 13 -8.86 1.09 0.58
C PRO A 13 -9.36 -0.04 -0.33
N ASN A 14 -10.66 -0.29 -0.22
CA ASN A 14 -11.48 -1.27 -0.95
C ASN A 14 -10.95 -2.70 -0.84
N ASN A 15 -9.79 -2.97 -1.46
CA ASN A 15 -9.11 -4.25 -1.48
C ASN A 15 -7.65 -4.14 -2.00
N LEU A 16 -7.05 -2.96 -2.04
CA LEU A 16 -5.79 -2.80 -2.77
C LEU A 16 -4.56 -3.20 -1.93
N CYS A 17 -3.45 -3.38 -2.64
CA CYS A 17 -2.13 -3.65 -2.09
C CYS A 17 -1.40 -2.33 -1.82
N CYS A 18 -0.23 -2.41 -1.16
CA CYS A 18 0.53 -1.27 -0.65
C CYS A 18 2.03 -1.48 -0.93
N SER A 19 2.71 -0.43 -1.39
CA SER A 19 4.05 -0.53 -1.94
C SER A 19 5.15 -0.74 -0.92
N GLN A 20 6.35 -0.98 -1.44
CA GLN A 20 7.62 -0.96 -0.72
C GLN A 20 7.95 0.43 -0.18
N TRP A 21 7.14 1.46 -0.50
CA TRP A 21 7.37 2.82 -0.01
C TRP A 21 6.18 3.43 0.74
N GLY A 22 4.95 2.94 0.54
CA GLY A 22 3.77 3.45 1.25
C GLY A 22 2.59 3.81 0.36
N TRP A 23 2.52 3.29 -0.87
CA TRP A 23 1.54 3.76 -1.84
C TRP A 23 0.68 2.62 -2.39
N CYS A 24 -0.58 2.87 -2.74
CA CYS A 24 -1.52 1.78 -3.00
C CYS A 24 -1.47 1.28 -4.45
N GLY A 25 -1.92 0.05 -4.70
CA GLY A 25 -2.01 -0.47 -6.06
C GLY A 25 -2.79 -1.78 -6.18
N SER A 26 -3.17 -2.15 -7.40
CA SER A 26 -3.92 -3.37 -7.69
C SER A 26 -3.05 -4.51 -8.21
N THR A 27 -1.73 -4.31 -8.23
CA THR A 27 -0.87 -4.91 -9.25
C THR A 27 0.40 -5.50 -8.65
N ASP A 28 1.07 -6.38 -9.39
CA ASP A 28 2.07 -7.32 -8.87
C ASP A 28 3.25 -6.67 -8.13
N GLU A 29 3.70 -5.49 -8.56
CA GLU A 29 4.77 -4.77 -7.88
C GLU A 29 4.25 -4.07 -6.64
N TYR A 30 3.03 -3.51 -6.69
CA TYR A 30 2.36 -2.96 -5.51
C TYR A 30 1.88 -4.03 -4.54
N CYS A 31 1.72 -5.28 -4.99
CA CYS A 31 1.38 -6.43 -4.15
C CYS A 31 2.63 -7.24 -3.75
N SER A 32 3.76 -7.07 -4.43
CA SER A 32 5.04 -7.68 -4.08
C SER A 32 6.19 -6.97 -4.77
N NH2 A 33 5.95 -6.56 -6.02
HN1 NH2 A 33 5.10 -6.84 -6.48
HN2 NH2 A 33 6.63 -5.98 -6.50
C1 NAG B . 15.46 8.51 -1.08
C2 NAG B . 14.57 7.29 -1.25
C3 NAG B . 13.37 7.69 -2.12
C4 NAG B . 12.58 8.82 -1.42
C5 NAG B . 13.58 9.98 -1.34
C6 NAG B . 12.96 11.27 -0.80
C7 NAG B . 15.03 4.88 -1.49
C8 NAG B . 15.89 3.84 -2.15
N2 NAG B . 15.30 6.14 -1.79
O1 NAG B . 16.46 8.21 -0.16
O3 NAG B . 12.59 6.53 -2.30
O4 NAG B . 11.37 9.24 -2.12
O5 NAG B . 14.69 9.59 -0.54
O6 NAG B . 12.12 11.09 0.32
O7 NAG B . 14.15 4.53 -0.71
H1 NAG B . 15.90 8.80 -2.05
H2 NAG B . 14.19 7.05 -0.25
H3 NAG B . 13.71 8.02 -3.10
H4 NAG B . 12.30 8.51 -0.42
H5 NAG B . 13.95 10.21 -2.34
H61 NAG B . 12.36 11.74 -1.58
H62 NAG B . 13.76 11.98 -0.54
H81 NAG B . 15.56 2.87 -1.79
H82 NAG B . 15.76 3.91 -3.23
H83 NAG B . 16.92 4.01 -1.86
HN2 NAG B . 16.07 6.28 -2.43
HO1 NAG B . 17.05 9.00 -0.05
HO3 NAG B . 11.93 6.78 -2.97
HO6 NAG B . 11.22 11.32 0.03
C1 NAG B . 10.33 8.33 -2.22
C2 NAG B . 8.98 9.03 -2.11
C3 NAG B . 7.88 8.08 -2.63
C4 NAG B . 8.18 7.50 -4.01
C5 NAG B . 9.50 6.77 -3.87
C6 NAG B . 9.88 6.06 -5.19
C7 NAG B . 8.91 10.55 -0.13
C8 NAG B . 8.31 10.77 1.22
N2 NAG B . 8.65 9.39 -0.71
O3 NAG B . 6.67 8.77 -2.65
O4 NAG B . 7.12 6.56 -4.34
O5 NAG B . 10.51 7.68 -3.49
O6 NAG B . 9.73 6.89 -6.32
O7 NAG B . 9.61 11.42 -0.63
H1 NAG B . 10.40 7.59 -1.42
H2 NAG B . 9.00 9.91 -2.76
H3 NAG B . 7.78 7.26 -1.92
H4 NAG B . 8.26 8.30 -4.74
H5 NAG B . 9.42 6.00 -3.10
H61 NAG B . 9.23 5.19 -5.33
H62 NAG B . 10.91 5.71 -5.13
H81 NAG B . 8.26 11.84 1.39
H82 NAG B . 7.31 10.33 1.26
H83 NAG B . 8.95 10.30 1.96
HN2 NAG B . 8.03 8.80 -0.18
HO3 NAG B . 6.28 8.61 -3.52
HO6 NAG B . 10.08 6.44 -7.09
C1 NAG B . 6.27 6.87 -5.40
C2 NAG B . 5.21 5.78 -5.43
C3 NAG B . 4.05 6.17 -6.33
C4 NAG B . 3.51 7.56 -5.99
C5 NAG B . 4.70 8.53 -6.05
C6 NAG B . 4.27 9.98 -5.76
C7 NAG B . 5.97 3.43 -5.02
C8 NAG B . 6.53 2.21 -5.67
N2 NAG B . 5.78 4.47 -5.83
O3 NAG B . 3.05 5.19 -6.12
O4 NAG B . 2.48 7.96 -6.93
O5 NAG B . 5.66 8.12 -5.09
O6 NAG B . 3.63 10.60 -6.86
O7 NAG B . 5.70 3.44 -3.82
H1 NAG B . 6.83 6.91 -6.34
H2 NAG B . 4.81 5.76 -4.42
H3 NAG B . 4.36 6.15 -7.38
H4 NAG B . 3.12 7.56 -4.97
H5 NAG B . 5.16 8.50 -7.05
H61 NAG B . 5.17 10.57 -5.54
H62 NAG B . 3.61 10.02 -4.89
H81 NAG B . 6.77 1.49 -4.88
H82 NAG B . 5.79 1.80 -6.34
H83 NAG B . 7.44 2.47 -6.21
HN2 NAG B . 6.00 4.29 -6.80
HO3 NAG B . 2.21 5.60 -6.35
HO4 NAG B . 1.71 7.33 -6.87
HO6 NAG B . 2.73 10.84 -6.60
N GLU A 1 0.80 9.71 0.95
CA GLU A 1 0.94 8.24 0.90
C GLU A 1 -0.33 7.59 1.43
N GLN A 2 -0.43 6.26 1.32
CA GLN A 2 -1.56 5.52 1.88
C GLN A 2 -1.15 4.70 3.10
N CYS A 3 -0.24 3.75 2.91
CA CYS A 3 -0.19 2.54 3.74
C CYS A 3 1.23 2.15 4.20
N GLY A 4 1.32 1.26 5.19
CA GLY A 4 2.59 0.75 5.70
C GLY A 4 3.21 1.60 6.81
N ARG A 5 4.37 1.17 7.33
CA ARG A 5 5.08 1.81 8.44
C ARG A 5 5.25 3.31 8.21
N GLN A 6 5.81 3.69 7.07
CA GLN A 6 6.03 5.09 6.70
C GLN A 6 4.74 5.90 6.62
N ALA A 7 3.59 5.21 6.54
CA ALA A 7 2.27 5.82 6.53
C ALA A 7 1.59 5.70 7.90
N GLY A 8 2.34 5.39 8.96
CA GLY A 8 1.79 5.23 10.30
C GLY A 8 1.15 3.87 10.53
N GLY A 9 1.34 2.90 9.63
CA GLY A 9 0.70 1.59 9.74
C GLY A 9 -0.67 1.54 9.06
N LYS A 10 -1.08 2.59 8.34
CA LYS A 10 -2.32 2.59 7.56
C LYS A 10 -2.33 1.48 6.50
N LEU A 11 -3.51 1.20 5.96
CA LEU A 11 -3.78 0.16 4.96
C LEU A 11 -4.27 0.78 3.65
N CYS A 12 -4.61 -0.06 2.66
CA CYS A 12 -5.16 0.39 1.39
C CYS A 12 -6.69 0.27 1.34
N PRO A 13 -7.35 0.99 0.42
CA PRO A 13 -8.79 1.00 0.31
C PRO A 13 -9.33 -0.20 -0.48
N ASN A 14 -10.64 -0.42 -0.34
CA ASN A 14 -11.49 -1.41 -1.00
C ASN A 14 -10.94 -2.85 -0.94
N ASN A 15 -9.87 -3.10 -1.70
CA ASN A 15 -9.25 -4.40 -1.86
C ASN A 15 -7.84 -4.32 -2.47
N LEU A 16 -7.19 -3.15 -2.51
CA LEU A 16 -5.96 -3.04 -3.29
C LEU A 16 -4.74 -3.54 -2.51
N CYS A 17 -3.69 -3.89 -3.25
CA CYS A 17 -2.38 -4.13 -2.67
C CYS A 17 -1.73 -2.80 -2.26
N CYS A 18 -0.66 -2.89 -1.48
CA CYS A 18 0.02 -1.82 -0.75
C CYS A 18 1.53 -1.92 -1.03
N SER A 19 2.08 -0.97 -1.79
CA SER A 19 3.48 -1.02 -2.16
C SER A 19 4.39 -0.90 -0.94
N GLN A 20 5.55 -1.55 -1.04
CA GLN A 20 6.68 -1.38 -0.12
C GLN A 20 6.97 0.10 0.19
N TRP A 21 6.76 1.01 -0.78
CA TRP A 21 6.93 2.44 -0.56
C TRP A 21 5.73 3.15 0.05
N GLY A 22 4.53 2.54 0.09
CA GLY A 22 3.43 3.02 0.93
C GLY A 22 2.20 3.50 0.16
N TRP A 23 2.03 3.05 -1.08
CA TRP A 23 0.96 3.51 -1.96
C TRP A 23 0.07 2.32 -2.34
N CYS A 24 -1.05 2.52 -3.04
CA CYS A 24 -2.01 1.44 -3.27
C CYS A 24 -2.18 1.12 -4.76
N GLY A 25 -2.44 -0.15 -5.08
CA GLY A 25 -2.39 -0.59 -6.47
C GLY A 25 -3.30 -1.75 -6.84
N SER A 26 -3.04 -2.91 -6.25
CA SER A 26 -3.54 -4.22 -6.69
C SER A 26 -2.74 -4.81 -7.84
N THR A 27 -1.57 -4.25 -8.17
CA THR A 27 -0.68 -4.77 -9.20
C THR A 27 0.70 -5.04 -8.62
N ASP A 28 1.47 -5.90 -9.30
CA ASP A 28 2.93 -6.03 -9.21
C ASP A 28 3.67 -5.13 -8.21
N GLU A 29 4.01 -3.89 -8.56
CA GLU A 29 4.86 -3.04 -7.74
C GLU A 29 4.18 -2.60 -6.44
N TYR A 30 2.88 -2.84 -6.33
CA TYR A 30 2.10 -2.63 -5.13
C TYR A 30 1.77 -3.94 -4.41
N CYS A 31 1.81 -5.10 -5.08
CA CYS A 31 1.66 -6.39 -4.43
C CYS A 31 3.01 -6.99 -4.02
N SER A 32 4.12 -6.44 -4.53
CA SER A 32 5.49 -6.76 -4.12
C SER A 32 6.46 -5.69 -4.63
N NH2 A 33 6.63 -5.63 -5.96
HN1 NH2 A 33 6.15 -6.28 -6.56
HN2 NH2 A 33 7.26 -4.95 -6.36
C1 NAG B . 15.39 3.03 -4.88
C2 NAG B . 14.16 2.34 -5.46
C3 NAG B . 13.09 3.39 -5.77
C4 NAG B . 12.75 4.25 -4.53
C5 NAG B . 14.07 4.78 -3.95
C6 NAG B . 13.83 5.42 -2.57
C7 NAG B . 14.56 0.23 -6.70
C8 NAG B . 14.81 -0.38 -8.04
N2 NAG B . 14.50 1.55 -6.67
O1 NAG B . 16.31 2.06 -4.49
O3 NAG B . 11.96 2.70 -6.21
O4 NAG B . 11.94 5.40 -4.88
O5 NAG B . 15.00 3.73 -3.71
O6 NAG B . 13.53 4.38 -1.64
O7 NAG B . 14.41 -0.48 -5.72
H1 NAG B . 15.83 3.71 -5.62
H2 NAG B . 13.77 1.68 -4.69
H3 NAG B . 13.45 4.05 -6.57
H4 NAG B . 12.26 3.63 -3.79
H5 NAG B . 14.50 5.51 -4.62
H61 NAG B . 13.02 6.15 -2.60
H62 NAG B . 14.75 5.92 -2.24
H81 NAG B . 13.97 -0.14 -8.70
H82 NAG B . 15.74 0.00 -8.44
H83 NAG B . 14.87 -1.45 -7.91
HN2 NAG B . 14.57 2.01 -7.57
HO1 NAG B . 16.61 1.55 -5.28
HO3 NAG B . 11.24 3.34 -6.29
HO6 NAG B . 14.21 3.71 -1.82
C1 NAG B . 10.57 5.33 -4.67
C2 NAG B . 9.96 6.71 -4.83
C3 NAG B . 8.42 6.64 -4.85
C4 NAG B . 7.88 5.50 -5.75
C5 NAG B . 8.65 4.20 -5.44
C6 NAG B . 8.18 3.00 -6.28
C7 NAG B . 10.53 8.93 -3.89
C8 NAG B . 11.16 9.69 -2.76
N2 NAG B . 10.44 7.62 -3.76
O3 NAG B . 7.95 7.89 -5.33
O4 NAG B . 6.48 5.19 -5.53
O5 NAG B . 10.04 4.43 -5.62
O6 NAG B . 8.07 3.29 -7.66
O7 NAG B . 10.09 9.50 -4.88
H1 NAG B . 10.37 4.97 -3.67
H2 NAG B . 10.28 7.05 -5.82
H3 NAG B . 8.06 6.49 -3.84
H4 NAG B . 8.07 5.74 -6.79
H5 NAG B . 8.48 3.94 -4.39
H61 NAG B . 7.19 2.70 -5.93
H62 NAG B . 8.87 2.18 -6.14
H81 NAG B . 12.12 9.23 -2.52
H82 NAG B . 11.30 10.71 -3.11
H83 NAG B . 10.49 9.66 -1.92
HN2 NAG B . 10.76 7.23 -2.89
HO3 NAG B . 8.66 8.55 -5.23
HO6 NAG B . 7.81 2.45 -8.10
C1 NAG B . 5.55 5.85 -6.32
C2 NAG B . 4.23 5.11 -6.24
C3 NAG B . 3.12 5.95 -6.87
C4 NAG B . 3.08 7.34 -6.21
C5 NAG B . 4.46 7.95 -6.45
C6 NAG B . 4.62 9.33 -5.82
C7 NAG B . 4.28 2.63 -6.15
C8 NAG B . 4.48 1.36 -6.92
N2 NAG B . 4.33 3.76 -6.85
O3 NAG B . 1.90 5.26 -6.67
O4 NAG B . 2.03 8.22 -6.70
O5 NAG B . 5.39 7.13 -5.76
O6 NAG B . 5.99 9.70 -5.89
O7 NAG B . 4.11 2.59 -4.94
H1 NAG B . 5.88 5.90 -7.36
H2 NAG B . 3.99 5.06 -5.18
H3 NAG B . 3.28 6.06 -7.95
H4 NAG B . 2.98 7.21 -5.13
H5 NAG B . 4.69 8.01 -7.50
H61 NAG B . 4.31 9.32 -4.77
H62 NAG B . 4.02 10.06 -6.37
H81 NAG B . 5.54 1.13 -6.88
H82 NAG B . 3.92 0.58 -6.43
H83 NAG B . 4.15 1.47 -7.95
HN2 NAG B . 4.51 3.66 -7.83
HO3 NAG B . 1.19 5.90 -6.84
HO4 NAG B . 1.13 7.81 -6.54
HO6 NAG B . 6.50 8.90 -5.66
N GLU A 1 3.61 9.70 2.06
CA GLU A 1 3.09 8.51 1.36
C GLU A 1 1.66 8.24 1.85
N GLN A 2 1.05 7.12 1.49
CA GLN A 2 -0.40 6.89 1.58
C GLN A 2 -0.80 5.63 2.35
N CYS A 3 0.11 4.69 2.61
CA CYS A 3 -0.19 3.45 3.34
C CYS A 3 1.07 2.77 3.89
N GLY A 4 0.88 1.69 4.67
CA GLY A 4 1.94 0.77 5.04
C GLY A 4 3.00 1.36 5.97
N ARG A 5 4.14 0.68 6.08
CA ARG A 5 5.16 0.91 7.11
C ARG A 5 5.78 2.32 7.15
N GLN A 6 5.62 3.15 6.13
CA GLN A 6 6.00 4.57 6.17
C GLN A 6 4.80 5.53 6.30
N ALA A 7 3.57 5.01 6.36
CA ALA A 7 2.38 5.80 6.71
C ALA A 7 1.61 5.07 7.84
N GLY A 8 2.26 4.95 8.99
CA GLY A 8 1.66 4.41 10.22
C GLY A 8 1.18 2.96 10.13
N GLY A 9 1.53 2.22 9.07
CA GLY A 9 0.96 0.91 8.84
C GLY A 9 -0.44 0.94 8.23
N LYS A 10 -0.96 2.13 7.85
CA LYS A 10 -2.35 2.25 7.41
C LYS A 10 -2.63 1.38 6.18
N LEU A 11 -3.80 0.75 6.15
CA LEU A 11 -4.25 -0.09 5.04
C LEU A 11 -4.70 0.74 3.83
N CYS A 12 -5.19 0.04 2.79
CA CYS A 12 -5.69 0.57 1.54
C CYS A 12 -7.16 0.16 1.33
N PRO A 13 -7.86 0.80 0.38
CA PRO A 13 -9.31 0.62 0.24
C PRO A 13 -9.68 -0.49 -0.74
N ASN A 14 -11.00 -0.77 -0.79
CA ASN A 14 -11.69 -1.68 -1.71
C ASN A 14 -11.17 -3.12 -1.62
N ASN A 15 -9.98 -3.36 -2.17
CA ASN A 15 -9.30 -4.64 -2.21
C ASN A 15 -7.79 -4.47 -2.51
N LEU A 16 -7.22 -3.27 -2.37
CA LEU A 16 -5.89 -3.01 -2.90
C LEU A 16 -4.78 -3.40 -1.92
N CYS A 17 -3.58 -3.56 -2.46
CA CYS A 17 -2.35 -3.73 -1.72
C CYS A 17 -1.63 -2.38 -1.60
N CYS A 18 -0.45 -2.40 -0.99
CA CYS A 18 0.32 -1.23 -0.60
C CYS A 18 1.81 -1.42 -0.93
N SER A 19 2.30 -0.75 -1.98
CA SER A 19 3.71 -0.70 -2.38
C SER A 19 4.61 -0.64 -1.18
N GLN A 20 5.79 -1.24 -1.26
CA GLN A 20 6.77 -1.09 -0.18
C GLN A 20 7.26 0.36 -0.04
N TRP A 21 6.93 1.24 -0.98
CA TRP A 21 7.10 2.69 -0.84
C TRP A 21 5.89 3.41 -0.22
N GLY A 22 4.83 2.71 0.14
CA GLY A 22 3.75 3.33 0.93
C GLY A 22 2.56 3.80 0.11
N TRP A 23 2.25 3.14 -0.99
CA TRP A 23 1.22 3.60 -1.91
C TRP A 23 0.28 2.48 -2.34
N CYS A 24 -1.02 2.77 -2.41
CA CYS A 24 -2.10 1.81 -2.58
C CYS A 24 -2.31 1.46 -4.06
N GLY A 25 -2.24 0.16 -4.39
CA GLY A 25 -2.33 -0.32 -5.76
C GLY A 25 -2.86 -1.75 -5.89
N SER A 26 -3.21 -2.17 -7.10
CA SER A 26 -3.86 -3.46 -7.36
C SER A 26 -2.89 -4.53 -7.87
N THR A 27 -1.60 -4.26 -7.82
CA THR A 27 -0.59 -4.90 -8.67
C THR A 27 0.66 -5.21 -7.85
N ASP A 28 1.52 -6.12 -8.27
CA ASP A 28 2.50 -6.66 -7.33
C ASP A 28 3.68 -5.72 -7.05
N GLU A 29 4.00 -4.82 -7.97
CA GLU A 29 4.88 -3.69 -7.68
C GLU A 29 4.22 -2.68 -6.73
N TYR A 30 2.91 -2.83 -6.45
CA TYR A 30 2.21 -2.19 -5.35
C TYR A 30 1.81 -3.21 -4.26
N CYS A 31 2.36 -4.43 -4.26
CA CYS A 31 2.07 -5.42 -3.23
C CYS A 31 3.39 -6.00 -2.68
N SER A 32 4.02 -6.98 -3.35
CA SER A 32 5.31 -7.49 -2.92
C SER A 32 6.41 -6.47 -3.18
N NH2 A 33 6.41 -5.89 -4.38
HN1 NH2 A 33 5.75 -6.20 -5.08
HN2 NH2 A 33 7.08 -5.16 -4.59
C1 NAG B . 15.23 7.20 -3.77
C2 NAG B . 14.18 6.10 -3.80
C3 NAG B . 12.84 6.73 -4.22
C4 NAG B . 12.45 7.82 -3.21
C5 NAG B . 13.59 8.84 -3.19
C6 NAG B . 13.35 9.92 -2.11
C7 NAG B . 14.28 3.71 -4.40
C8 NAG B . 14.74 2.71 -5.42
N2 NAG B . 14.57 4.97 -4.68
O1 NAG B . 16.41 6.66 -3.27
O3 NAG B . 11.92 5.65 -4.23
O4 NAG B . 11.21 8.53 -3.50
O5 NAG B . 14.81 8.20 -2.83
O6 NAG B . 14.55 10.64 -1.97
O7 NAG B . 13.71 3.32 -3.39
H1 NAG B . 15.38 7.63 -4.75
H2 NAG B . 14.06 5.75 -2.78
H3 NAG B . 12.92 7.14 -5.23
H4 NAG B . 12.36 7.37 -2.22
H5 NAG B . 13.70 9.32 -4.16
H61 NAG B . 13.10 9.45 -1.16
H62 NAG B . 12.55 10.59 -2.42
H81 NAG B . 14.45 1.73 -5.06
H82 NAG B . 14.24 2.93 -6.37
H83 NAG B . 15.81 2.77 -5.53
HN2 NAG B . 15.06 5.15 -5.53
HO1 NAG B . 16.75 5.96 -3.90
HO3 NAG B . 11.29 5.78 -4.96
HO6 NAG B . 15.25 9.98 -1.98
C1 NAG B . 10.05 7.76 -3.53
C2 NAG B . 8.81 8.59 -3.26
C3 NAG B . 7.57 7.75 -3.59
C4 NAG B . 7.61 7.13 -5.01
C5 NAG B . 8.93 6.36 -5.06
C6 NAG B . 9.17 5.68 -6.42
C7 NAG B . 9.23 10.17 -1.39
C8 NAG B . 8.89 10.52 0.03
N2 NAG B . 8.72 9.04 -1.85
O3 NAG B . 6.49 8.64 -3.39
O4 NAG B . 6.54 6.18 -5.25
O5 NAG B . 9.99 7.26 -4.86
O6 NAG B . 10.44 5.03 -6.41
O7 NAG B . 9.92 10.92 -2.06
H1 NAG B . 10.13 6.95 -2.81
H2 NAG B . 8.84 9.45 -3.94
H3 NAG B . 7.51 6.93 -2.87
H4 NAG B . 7.64 7.92 -5.76
H5 NAG B . 8.94 5.58 -4.29
H61 NAG B . 9.16 6.43 -7.22
H62 NAG B . 8.39 4.94 -6.62
H81 NAG B . 9.42 11.44 0.26
H82 NAG B . 7.82 10.67 0.09
H83 NAG B . 9.22 9.72 0.68
HN2 NAG B . 8.03 8.58 -1.24
HO3 NAG B . 6.42 8.70 -2.41
HO6 NAG B . 10.55 4.58 -7.25
C1 NAG B . 5.47 6.63 -6.03
C2 NAG B . 4.30 5.66 -5.91
C3 NAG B . 3.10 6.32 -6.60
C4 NAG B . 2.75 7.67 -5.99
C5 NAG B . 4.02 8.53 -6.14
C6 NAG B . 3.86 9.88 -5.43
C7 NAG B . 5.01 3.26 -5.79
C8 NAG B . 5.24 2.01 -6.57
N2 NAG B . 4.60 4.33 -6.47
O3 NAG B . 1.98 5.47 -6.48
O4 NAG B . 1.64 8.29 -6.66
O5 NAG B . 5.05 7.86 -5.46
O6 NAG B . 5.13 10.36 -5.05
O7 NAG B . 5.19 3.23 -4.57
H1 NAG B . 5.79 6.74 -7.06
H2 NAG B . 4.10 5.63 -4.83
H3 NAG B . 3.32 6.44 -7.66
H4 NAG B . 2.54 7.56 -4.93
H5 NAG B . 4.28 8.69 -7.18
H61 NAG B . 3.23 9.78 -4.55
H62 NAG B . 3.38 10.60 -6.10
H81 NAG B . 6.16 1.55 -6.22
H82 NAG B . 4.42 1.32 -6.40
H83 NAG B . 5.33 2.23 -7.64
HN2 NAG B . 4.33 4.12 -7.43
HO3 NAG B . 1.21 6.06 -6.49
HO4 NAG B . 0.82 7.72 -6.56
HO6 NAG B . 5.58 9.62 -4.57
N GLU A 1 2.72 9.76 1.75
CA GLU A 1 2.57 8.30 1.69
C GLU A 1 1.25 7.96 2.37
N GLN A 2 0.61 6.84 2.01
CA GLN A 2 -0.79 6.56 2.38
C GLN A 2 -1.00 5.15 2.98
N CYS A 3 -0.01 4.26 2.93
CA CYS A 3 -0.03 2.97 3.62
C CYS A 3 1.40 2.52 3.91
N GLY A 4 1.57 1.34 4.52
CA GLY A 4 2.89 0.79 4.77
C GLY A 4 3.68 1.60 5.80
N ARG A 5 4.91 1.18 6.12
CA ARG A 5 5.70 1.76 7.21
C ARG A 5 5.74 3.28 7.16
N GLN A 6 6.03 3.85 5.99
CA GLN A 6 6.10 5.31 5.81
C GLN A 6 4.78 6.05 6.10
N ALA A 7 3.65 5.35 6.24
CA ALA A 7 2.39 5.95 6.65
C ALA A 7 1.82 5.30 7.91
N GLY A 8 2.61 4.56 8.69
CA GLY A 8 2.07 3.88 9.87
C GLY A 8 1.17 2.70 9.51
N GLY A 9 1.51 1.96 8.45
CA GLY A 9 0.79 0.77 8.01
C GLY A 9 -0.45 1.10 7.20
N LYS A 10 -1.35 1.92 7.77
CA LYS A 10 -2.64 2.41 7.24
C LYS A 10 -3.08 1.67 5.97
N LEU A 11 -3.74 0.52 6.13
CA LEU A 11 -4.09 -0.37 5.03
C LEU A 11 -4.96 0.29 3.95
N CYS A 12 -5.09 -0.37 2.81
CA CYS A 12 -5.60 0.24 1.58
C CYS A 12 -7.12 0.02 1.39
N PRO A 13 -7.75 0.85 0.53
CA PRO A 13 -9.19 0.85 0.39
C PRO A 13 -9.71 -0.19 -0.60
N ASN A 14 -11.04 -0.37 -0.56
CA ASN A 14 -11.88 -1.21 -1.45
C ASN A 14 -11.46 -2.68 -1.52
N ASN A 15 -10.29 -2.94 -2.10
CA ASN A 15 -9.73 -4.27 -2.30
C ASN A 15 -8.22 -4.24 -2.60
N LEU A 16 -7.52 -3.14 -2.33
CA LEU A 16 -6.17 -2.96 -2.87
C LEU A 16 -5.07 -3.43 -1.92
N CYS A 17 -3.89 -3.63 -2.49
CA CYS A 17 -2.64 -3.93 -1.83
C CYS A 17 -1.80 -2.64 -1.71
N CYS A 18 -0.63 -2.75 -1.07
CA CYS A 18 0.16 -1.64 -0.52
C CYS A 18 1.65 -1.76 -0.90
N SER A 19 2.22 -0.68 -1.44
CA SER A 19 3.62 -0.64 -1.89
C SER A 19 4.62 -0.56 -0.73
N GLN A 20 5.88 -0.88 -1.01
CA GLN A 20 6.98 -0.77 -0.06
C GLN A 20 7.30 0.70 0.16
N TRP A 21 7.07 1.54 -0.85
CA TRP A 21 7.10 2.99 -0.66
C TRP A 21 5.92 3.49 0.18
N GLY A 22 4.74 2.87 0.09
CA GLY A 22 3.67 3.12 1.05
C GLY A 22 2.43 3.73 0.42
N TRP A 23 1.98 3.18 -0.70
CA TRP A 23 0.79 3.66 -1.40
C TRP A 23 -0.04 2.47 -1.91
N CYS A 24 -1.23 2.68 -2.47
CA CYS A 24 -2.21 1.61 -2.65
C CYS A 24 -2.42 1.23 -4.13
N GLY A 25 -2.59 -0.07 -4.42
CA GLY A 25 -2.62 -0.53 -5.80
C GLY A 25 -3.13 -1.95 -5.98
N SER A 26 -3.13 -2.43 -7.21
CA SER A 26 -3.47 -3.81 -7.57
C SER A 26 -2.44 -4.33 -8.57
N THR A 27 -1.16 -4.23 -8.21
CA THR A 27 -0.03 -4.44 -9.11
C THR A 27 1.15 -4.97 -8.32
N ASP A 28 2.17 -5.47 -9.03
CA ASP A 28 3.45 -5.96 -8.56
C ASP A 28 3.98 -5.32 -7.26
N GLU A 29 4.65 -4.16 -7.32
CA GLU A 29 5.20 -3.46 -6.15
C GLU A 29 4.14 -3.31 -5.05
N TYR A 30 2.91 -2.98 -5.44
CA TYR A 30 1.81 -2.82 -4.49
C TYR A 30 1.37 -4.14 -3.85
N CYS A 31 1.57 -5.30 -4.50
CA CYS A 31 1.16 -6.58 -3.94
C CYS A 31 2.37 -7.41 -3.48
N SER A 32 3.59 -6.96 -3.74
CA SER A 32 4.82 -7.56 -3.23
C SER A 32 5.25 -6.95 -1.90
N NH2 A 33 4.52 -5.94 -1.39
HN1 NH2 A 33 3.72 -5.58 -1.87
HN2 NH2 A 33 4.90 -5.46 -0.59
C1 NAG B . 14.54 8.77 -4.87
C2 NAG B . 13.70 7.49 -4.84
C3 NAG B . 12.21 7.83 -4.95
C4 NAG B . 11.79 8.88 -3.88
C5 NAG B . 12.73 10.08 -4.08
C6 NAG B . 12.43 11.25 -3.12
C7 NAG B . 14.05 6.71 -7.18
C8 NAG B . 14.51 5.57 -8.03
N2 NAG B . 14.13 6.52 -5.87
O1 NAG B . 15.85 8.44 -4.54
O3 NAG B . 11.52 6.62 -4.75
O4 NAG B . 10.41 9.31 -3.97
O5 NAG B . 14.06 9.65 -3.87
O6 NAG B . 11.35 12.05 -3.56
O7 NAG B . 13.64 7.74 -7.69
H1 NAG B . 14.50 9.25 -5.86
H2 NAG B . 13.86 7.07 -3.85
H3 NAG B . 11.96 8.23 -5.92
H4 NAG B . 11.95 8.47 -2.89
H5 NAG B . 12.64 10.46 -5.11
H61 NAG B . 13.30 11.91 -3.09
H62 NAG B . 12.24 10.88 -2.12
H81 NAG B . 13.87 4.71 -7.83
H82 NAG B . 14.41 5.87 -9.07
H83 NAG B . 15.55 5.35 -7.80
HN2 NAG B . 14.49 5.62 -5.58
HO1 NAG B . 16.22 7.82 -5.24
HO3 NAG B . 10.62 6.82 -5.07
HO6 NAG B . 10.53 11.71 -3.15
C1 NAG B . 9.41 8.36 -3.77
C2 NAG B . 8.18 9.00 -3.12
C3 NAG B . 7.01 8.02 -3.24
C4 NAG B . 6.73 7.63 -4.70
C5 NAG B . 8.02 6.93 -5.15
C6 NAG B . 7.90 6.46 -6.61
C7 NAG B . 8.86 10.47 -1.25
C8 NAG B . 8.80 10.69 0.23
N2 NAG B . 8.39 9.31 -1.69
O3 NAG B . 5.91 8.69 -2.68
O4 NAG B . 5.62 6.72 -4.80
O5 NAG B . 9.13 7.82 -5.07
O6 NAG B . 7.61 7.54 -7.48
O7 NAG B . 9.32 11.33 -1.99
H1 NAG B . 9.77 7.59 -3.10
H2 NAG B . 7.93 9.89 -3.69
H3 NAG B . 7.21 7.12 -2.64
H4 NAG B . 6.59 8.54 -5.29
H5 NAG B . 8.20 6.05 -4.53
H61 NAG B . 7.12 5.72 -6.70
H62 NAG B . 8.84 6.01 -6.92
H81 NAG B . 9.46 9.99 0.71
H82 NAG B . 9.10 11.71 0.43
H83 NAG B . 7.77 10.54 0.56
HN2 NAG B . 7.90 8.76 -0.98
HO3 NAG B . 6.14 8.81 -1.73
HO6 NAG B . 8.30 8.20 -7.37
C1 NAG B . 4.54 7.13 -5.60
C2 NAG B . 3.43 6.07 -5.50
C3 NAG B . 2.08 6.60 -5.98
C4 NAG B . 1.78 7.95 -5.28
C5 NAG B . 2.93 8.89 -5.64
C6 NAG B . 2.72 10.32 -5.07
C7 NAG B . 4.13 3.67 -5.55
C8 NAG B . 4.60 2.56 -6.45
N2 NAG B . 3.83 4.81 -6.17
O3 NAG B . 1.08 5.64 -5.64
O4 NAG B . 0.52 8.53 -5.66
O5 NAG B . 4.10 8.36 -5.06
O6 NAG B . 1.75 11.08 -5.78
O7 NAG B . 4.06 3.50 -4.34
H1 NAG B . 4.85 7.25 -6.64
H2 NAG B . 3.30 5.91 -4.43
H3 NAG B . 2.09 6.75 -7.05
H4 NAG B . 1.81 7.79 -4.21
H5 NAG B . 3.05 8.96 -6.72
H61 NAG B . 3.67 10.86 -5.13
H62 NAG B . 2.42 10.25 -4.03
H81 NAG B . 4.52 1.64 -5.88
H82 NAG B . 3.97 2.51 -7.33
H83 NAG B . 5.63 2.75 -6.73
HN2 NAG B . 3.88 4.78 -7.17
HO3 NAG B . 0.23 6.11 -5.58
HO4 NAG B . -0.23 7.91 -5.43
HO6 NAG B . 2.13 11.34 -6.63
N GLU A 1 2.77 9.53 1.10
CA GLU A 1 2.51 8.07 1.12
C GLU A 1 1.10 7.89 1.68
N GLN A 2 0.35 6.89 1.22
CA GLN A 2 -1.01 6.62 1.69
C GLN A 2 -1.00 5.65 2.87
N CYS A 3 -0.28 4.54 2.71
CA CYS A 3 -0.45 3.32 3.47
C CYS A 3 0.89 2.74 3.92
N GLY A 4 0.85 1.63 4.66
CA GLY A 4 2.06 0.88 4.99
C GLY A 4 2.99 1.64 5.93
N ARG A 5 4.14 1.03 6.23
CA ARG A 5 5.10 1.47 7.25
C ARG A 5 5.30 2.98 7.25
N GLN A 6 5.75 3.52 6.12
CA GLN A 6 6.03 4.95 5.90
C GLN A 6 4.82 5.86 6.13
N ALA A 7 3.59 5.33 6.20
CA ALA A 7 2.40 6.08 6.53
C ALA A 7 1.64 5.45 7.72
N GLY A 8 2.36 4.78 8.64
CA GLY A 8 1.77 4.34 9.91
C GLY A 8 1.22 2.91 9.88
N GLY A 9 1.54 2.12 8.86
CA GLY A 9 1.13 0.72 8.76
C GLY A 9 -0.28 0.51 8.21
N LYS A 10 -0.96 1.59 7.76
CA LYS A 10 -2.36 1.51 7.33
C LYS A 10 -2.54 0.64 6.08
N LEU A 11 -3.77 0.17 5.87
CA LEU A 11 -4.19 -0.56 4.68
C LEU A 11 -4.77 0.39 3.62
N CYS A 12 -5.28 -0.17 2.51
CA CYS A 12 -5.71 0.59 1.35
C CYS A 12 -7.21 0.44 1.04
N PRO A 13 -7.78 1.38 0.26
CA PRO A 13 -9.16 1.30 -0.21
C PRO A 13 -9.43 0.02 -1.00
N ASN A 14 -10.70 -0.39 -1.06
CA ASN A 14 -11.19 -1.51 -1.87
C ASN A 14 -10.54 -2.87 -1.57
N ASN A 15 -9.62 -2.97 -0.59
CA ASN A 15 -8.74 -4.11 -0.33
C ASN A 15 -7.56 -4.18 -1.32
N LEU A 16 -7.18 -3.06 -1.93
CA LEU A 16 -5.97 -3.04 -2.76
C LEU A 16 -4.71 -3.35 -1.96
N CYS A 17 -3.63 -3.63 -2.69
CA CYS A 17 -2.31 -3.79 -2.13
C CYS A 17 -1.71 -2.44 -1.75
N CYS A 18 -0.60 -2.49 -1.03
CA CYS A 18 0.04 -1.38 -0.35
C CYS A 18 1.55 -1.49 -0.50
N SER A 19 2.12 -0.67 -1.39
CA SER A 19 3.49 -0.81 -1.87
C SER A 19 4.52 -0.83 -0.74
N GLN A 20 5.69 -1.39 -1.04
CA GLN A 20 6.89 -1.29 -0.22
C GLN A 20 7.23 0.18 0.14
N TRP A 21 6.86 1.13 -0.73
CA TRP A 21 7.03 2.55 -0.41
C TRP A 21 5.88 3.15 0.38
N GLY A 22 4.63 2.69 0.21
CA GLY A 22 3.50 3.17 1.01
C GLY A 22 2.32 3.68 0.21
N TRP A 23 2.06 3.12 -0.97
CA TRP A 23 0.98 3.63 -1.82
C TRP A 23 0.05 2.50 -2.25
N CYS A 24 -1.16 2.80 -2.71
CA CYS A 24 -2.22 1.82 -2.86
C CYS A 24 -2.43 1.39 -4.30
N GLY A 25 -2.34 0.09 -4.58
CA GLY A 25 -2.36 -0.43 -5.95
C GLY A 25 -2.89 -1.86 -6.06
N SER A 26 -3.20 -2.32 -7.28
CA SER A 26 -3.75 -3.67 -7.50
C SER A 26 -2.75 -4.57 -8.23
N THR A 27 -1.45 -4.34 -8.04
CA THR A 27 -0.41 -4.77 -8.96
C THR A 27 0.87 -5.10 -8.18
N ASP A 28 1.78 -5.90 -8.75
CA ASP A 28 2.85 -6.51 -7.95
C ASP A 28 3.86 -5.49 -7.41
N GLU A 29 4.11 -4.39 -8.12
CA GLU A 29 4.92 -3.31 -7.58
C GLU A 29 4.23 -2.56 -6.42
N TYR A 30 2.95 -2.87 -6.15
CA TYR A 30 2.22 -2.44 -4.94
C TYR A 30 1.90 -3.60 -3.99
N CYS A 31 1.90 -4.86 -4.44
CA CYS A 31 1.74 -6.03 -3.58
C CYS A 31 3.09 -6.55 -3.03
N SER A 32 4.21 -6.19 -3.67
CA SER A 32 5.52 -6.60 -3.20
C SER A 32 6.59 -5.64 -3.70
N NH2 A 33 6.93 -5.74 -4.99
HN1 NH2 A 33 6.49 -6.43 -5.58
HN2 NH2 A 33 7.65 -5.13 -5.35
C1 NAG B . 15.39 6.79 -3.31
C2 NAG B . 14.31 5.72 -3.35
C3 NAG B . 13.02 6.37 -3.86
C4 NAG B . 12.59 7.48 -2.89
C5 NAG B . 13.75 8.49 -2.94
C6 NAG B . 13.49 9.78 -2.14
C7 NAG B . 14.31 3.31 -3.91
C8 NAG B . 14.82 2.27 -4.86
N2 NAG B . 14.70 4.56 -4.17
O1 NAG B . 16.52 6.26 -2.69
O3 NAG B . 12.05 5.36 -3.99
O4 NAG B . 11.32 8.14 -3.20
O5 NAG B . 14.94 7.87 -2.49
O6 NAG B . 12.94 9.54 -0.85
O7 NAG B . 13.58 3.01 -2.99
H1 NAG B . 15.64 7.13 -4.31
H2 NAG B . 14.14 5.40 -2.33
H3 NAG B . 13.18 6.79 -4.87
H4 NAG B . 12.51 7.09 -1.88
H5 NAG B . 13.91 8.81 -3.97
H61 NAG B . 12.79 10.40 -2.68
H62 NAG B . 14.42 10.33 -2.03
H81 NAG B . 14.44 2.48 -5.85
H82 NAG B . 15.90 2.26 -4.84
H83 NAG B . 14.43 1.31 -4.52
HN2 NAG B . 15.33 4.67 -4.95
HO1 NAG B . 16.86 5.48 -3.24
HO3 NAG B . 11.30 5.77 -4.41
HO6 NAG B . 12.01 9.84 -0.91
C1 NAG B . 10.17 7.36 -3.14
C2 NAG B . 8.97 8.17 -2.64
C3 NAG B . 7.70 7.35 -2.92
C4 NAG B . 7.55 6.97 -4.39
C5 NAG B . 8.79 6.13 -4.69
C6 NAG B . 8.79 5.64 -6.15
C7 NAG B . 9.59 9.49 -0.61
C8 NAG B . 9.27 9.74 0.83
N2 NAG B . 9.01 8.45 -1.18
O3 NAG B . 6.62 8.17 -2.51
O4 NAG B . 6.35 6.19 -4.62
O5 NAG B . 9.96 6.91 -4.48
O6 NAG B . 8.70 6.73 -7.06
O7 NAG B . 10.35 10.24 -1.20
H1 NAG B . 10.32 6.51 -2.47
H2 NAG B . 8.92 9.09 -3.21
H3 NAG B . 7.72 6.46 -2.30
H4 NAG B . 7.56 7.88 -5.00
H5 NAG B . 8.81 5.26 -4.05
H61 NAG B . 7.96 4.97 -6.33
H62 NAG B . 9.72 5.10 -6.34
H81 NAG B . 9.57 10.76 1.05
H82 NAG B . 8.20 9.60 0.99
H83 NAG B . 9.85 9.04 1.44
HN2 NAG B . 8.34 7.97 -0.56
HO3 NAG B . 6.72 8.24 -1.54
HO6 NAG B . 9.43 7.33 -6.86
C1 NAG B . 5.51 6.57 -5.68
C2 NAG B . 4.35 5.58 -5.73
C3 NAG B . 3.14 6.15 -6.49
C4 NAG B . 2.81 7.54 -5.97
C5 NAG B . 4.07 8.37 -6.26
C6 NAG B . 3.81 9.87 -6.05
C7 NAG B . 4.88 3.15 -5.58
C8 NAG B . 5.34 1.94 -6.33
N2 NAG B . 4.76 4.26 -6.28
O3 NAG B . 2.02 5.32 -6.25
O4 NAG B . 1.66 8.10 -6.64
O5 NAG B . 5.06 7.89 -5.37
O6 NAG B . 3.01 10.16 -4.93
O7 NAG B . 4.64 3.05 -4.37
H1 NAG B . 6.05 6.57 -6.62
H2 NAG B . 4.01 5.48 -4.71
H3 NAG B . 3.34 6.17 -7.56
H4 NAG B . 2.65 7.51 -4.89
H5 NAG B . 4.39 8.23 -7.29
H61 NAG B . 3.29 10.27 -6.93
H62 NAG B . 4.77 10.39 -5.97
H81 NAG B . 5.42 1.11 -5.64
H82 NAG B . 4.63 1.70 -7.12
H83 NAG B . 6.32 2.14 -6.76
HN2 NAG B . 4.96 4.16 -7.27
HO3 NAG B . 1.24 5.88 -6.42
HO4 NAG B . 0.86 7.55 -6.45
HO6 NAG B . 3.46 9.80 -4.15
N GLU A 1 1.46 9.94 1.35
CA GLU A 1 1.49 8.47 1.41
C GLU A 1 0.15 8.01 1.96
N GLN A 2 -0.27 6.78 1.66
CA GLN A 2 -1.56 6.23 2.06
C GLN A 2 -1.41 5.17 3.17
N CYS A 3 -0.62 4.15 2.87
CA CYS A 3 -0.63 2.86 3.57
C CYS A 3 0.78 2.42 3.96
N GLY A 4 0.89 1.32 4.70
CA GLY A 4 2.16 0.71 5.02
C GLY A 4 3.02 1.55 5.97
N ARG A 5 4.23 1.05 6.24
CA ARG A 5 5.17 1.49 7.28
C ARG A 5 5.17 3.00 7.48
N GLN A 6 5.65 3.74 6.48
CA GLN A 6 5.80 5.20 6.52
C GLN A 6 4.48 5.97 6.51
N ALA A 7 3.34 5.29 6.38
CA ALA A 7 2.02 5.88 6.61
C ALA A 7 1.36 5.35 7.90
N GLY A 8 2.14 4.74 8.80
CA GLY A 8 1.63 4.24 10.07
C GLY A 8 1.27 2.75 10.04
N GLY A 9 1.70 2.01 9.01
CA GLY A 9 1.40 0.59 8.89
C GLY A 9 -0.01 0.28 8.38
N LYS A 10 -0.78 1.30 7.98
CA LYS A 10 -2.19 1.14 7.64
C LYS A 10 -2.41 0.28 6.38
N LEU A 11 -3.61 -0.27 6.26
CA LEU A 11 -4.08 -0.92 5.04
C LEU A 11 -4.54 0.13 4.01
N CYS A 12 -5.06 -0.33 2.87
CA CYS A 12 -5.51 0.53 1.78
C CYS A 12 -7.03 0.62 1.68
N PRO A 13 -7.54 1.67 1.03
CA PRO A 13 -8.86 1.68 0.41
C PRO A 13 -8.99 0.60 -0.66
N ASN A 14 -10.16 0.54 -1.31
CA ASN A 14 -10.39 -0.26 -2.51
C ASN A 14 -10.21 -1.77 -2.33
N ASN A 15 -9.90 -2.25 -1.12
CA ASN A 15 -9.47 -3.62 -0.87
C ASN A 15 -8.15 -3.93 -1.60
N LEU A 16 -7.31 -2.91 -1.87
CA LEU A 16 -6.08 -3.11 -2.63
C LEU A 16 -4.84 -3.35 -1.76
N CYS A 17 -3.73 -3.66 -2.43
CA CYS A 17 -2.43 -3.91 -1.81
C CYS A 17 -1.65 -2.59 -1.67
N CYS A 18 -0.45 -2.65 -1.08
CA CYS A 18 0.28 -1.48 -0.60
C CYS A 18 1.77 -1.51 -0.98
N SER A 19 2.23 -0.46 -1.66
CA SER A 19 3.61 -0.36 -2.15
C SER A 19 4.65 -0.33 -1.03
N GLN A 20 5.92 -0.34 -1.41
CA GLN A 20 7.04 -0.19 -0.48
C GLN A 20 7.15 1.24 0.02
N TRP A 21 6.68 2.20 -0.79
CA TRP A 21 6.66 3.61 -0.41
C TRP A 21 5.37 4.02 0.30
N GLY A 22 4.30 3.23 0.20
CA GLY A 22 3.09 3.42 1.00
C GLY A 22 1.88 3.84 0.18
N TRP A 23 1.75 3.34 -1.05
CA TRP A 23 0.67 3.76 -1.93
C TRP A 23 -0.07 2.55 -2.50
N CYS A 24 -1.35 2.69 -2.81
CA CYS A 24 -2.21 1.52 -2.97
C CYS A 24 -2.23 0.97 -4.40
N GLY A 25 -2.42 -0.35 -4.57
CA GLY A 25 -2.39 -0.94 -5.91
C GLY A 25 -2.87 -2.37 -6.00
N SER A 26 -3.14 -2.83 -7.22
CA SER A 26 -3.69 -4.15 -7.52
C SER A 26 -2.69 -5.01 -8.31
N THR A 27 -1.40 -4.74 -8.17
CA THR A 27 -0.37 -5.21 -9.10
C THR A 27 0.87 -5.66 -8.34
N ASP A 28 1.69 -6.50 -8.97
CA ASP A 28 2.71 -7.30 -8.29
C ASP A 28 3.76 -6.47 -7.55
N GLU A 29 4.16 -5.33 -8.11
CA GLU A 29 5.15 -4.45 -7.51
C GLU A 29 4.50 -3.56 -6.45
N TYR A 30 3.27 -3.09 -6.69
CA TYR A 30 2.48 -2.43 -5.65
C TYR A 30 2.04 -3.38 -4.54
N CYS A 31 2.09 -4.70 -4.76
CA CYS A 31 1.72 -5.66 -3.71
C CYS A 31 2.93 -6.33 -3.05
N SER A 32 4.07 -6.44 -3.73
CA SER A 32 5.30 -6.97 -3.13
C SER A 32 5.68 -6.19 -1.86
N NH2 A 33 4.83 -6.28 -0.84
HN1 NH2 A 33 4.01 -6.87 -0.91
HN2 NH2 A 33 5.03 -5.79 0.03
C1 NAG B . 14.35 9.27 -1.85
C2 NAG B . 13.53 8.06 -2.25
C3 NAG B . 12.25 8.57 -2.92
C4 NAG B . 11.45 9.42 -1.92
C5 NAG B . 12.37 10.57 -1.50
C6 NAG B . 11.74 11.42 -0.37
C7 NAG B . 14.07 5.78 -3.03
C8 NAG B . 14.89 4.97 -3.97
N2 NAG B . 14.26 7.10 -3.10
O1 NAG B . 15.47 8.82 -1.14
O3 NAG B . 11.50 7.46 -3.37
O4 NAG B . 10.20 9.92 -2.47
O5 NAG B . 13.58 10.07 -0.95
O6 NAG B . 11.66 10.64 0.80
O7 NAG B . 13.29 5.25 -2.27
H1 NAG B . 14.66 9.83 -2.73
H2 NAG B . 13.23 7.57 -1.32
H3 NAG B . 12.51 9.18 -3.80
H4 NAG B . 11.24 8.83 -1.03
H5 NAG B . 12.58 11.22 -2.35
H61 NAG B . 10.76 11.78 -0.67
H62 NAG B . 12.39 12.27 -0.17
H81 NAG B . 14.63 5.23 -4.99
H82 NAG B . 15.95 5.15 -3.78
H83 NAG B . 14.66 3.93 -3.79
HN2 NAG B . 14.95 7.43 -3.75
HO1 NAG B . 16.04 8.25 -1.72
HO3 NAG B . 10.74 7.82 -3.84
HO6 NAG B . 12.52 10.21 0.88
C1 NAG B . 9.16 9.01 -2.62
C2 NAG B . 7.83 9.66 -2.26
C3 NAG B . 6.76 8.62 -2.58
C4 NAG B . 6.76 8.25 -4.07
C5 NAG B . 8.16 7.66 -4.33
C6 NAG B . 8.33 7.27 -5.80
C7 NAG B . 7.95 11.28 -0.39
C8 NAG B . 7.72 11.48 1.07
N2 NAG B . 7.76 10.04 -0.84
O3 NAG B . 5.53 9.19 -2.19
O4 NAG B . 5.75 7.25 -4.37
O5 NAG B . 9.17 8.60 -3.98
O6 NAG B . 8.08 8.37 -6.66
O7 NAG B . 8.27 12.21 -1.11
H1 NAG B . 9.31 8.15 -1.97
H2 NAG B . 7.69 10.52 -2.91
H3 NAG B . 6.92 7.73 -1.97
H4 NAG B . 6.62 9.15 -4.66
H5 NAG B . 8.29 6.76 -3.72
H61 NAG B . 7.65 6.47 -6.06
H62 NAG B . 9.35 6.92 -5.96
H81 NAG B . 7.84 12.54 1.27
H82 NAG B . 6.72 11.16 1.32
H83 NAG B . 8.46 10.91 1.61
HN2 NAG B . 7.26 9.44 -0.17
HO3 NAG B . 5.61 9.33 -1.23
HO6 NAG B . 8.69 9.08 -6.41
C1 NAG B . 4.86 7.53 -5.39
C2 NAG B . 3.89 6.35 -5.52
C3 NAG B . 2.61 6.71 -6.29
C4 NAG B . 2.00 7.99 -5.71
C5 NAG B . 3.07 9.07 -5.83
C6 NAG B . 2.51 10.44 -5.41
C7 NAG B . 4.85 4.04 -5.41
C8 NAG B . 5.58 3.00 -6.18
N2 NAG B . 4.57 5.15 -6.08
O3 NAG B . 1.75 5.60 -6.15
O4 NAG B . 0.78 8.41 -6.35
O5 NAG B . 4.15 8.71 -5.00
O6 NAG B . 1.47 10.89 -6.28
O7 NAG B . 4.57 3.85 -4.23
H1 NAG B . 5.38 7.71 -6.34
H2 NAG B . 3.55 6.16 -4.52
H3 NAG B . 2.85 6.86 -7.36
H4 NAG B . 1.83 7.84 -4.64
H5 NAG B . 3.42 9.15 -6.86
H61 NAG B . 3.30 11.18 -5.42
H62 NAG B . 2.10 10.37 -4.40
H81 NAG B . 4.97 2.68 -7.02
H82 NAG B . 6.53 3.40 -6.53
H83 NAG B . 5.75 2.14 -5.52
HN2 NAG B . 4.82 5.13 -7.06
HO3 NAG B . 0.83 5.90 -6.31
HO4 NAG B . 0.08 7.70 -6.26
HO6 NAG B . 1.17 10.12 -6.79
N GLU A 1 3.18 8.73 3.12
CA GLU A 1 2.60 7.84 2.10
C GLU A 1 1.20 7.43 2.55
N GLN A 2 0.50 6.47 1.93
CA GLN A 2 -0.89 6.17 2.30
C GLN A 2 -1.00 4.96 3.24
N CYS A 3 -0.21 3.91 2.98
CA CYS A 3 -0.28 2.64 3.68
C CYS A 3 1.09 2.24 4.25
N GLY A 4 1.11 1.32 5.20
CA GLY A 4 2.34 0.70 5.68
C GLY A 4 3.22 1.63 6.50
N ARG A 5 4.48 1.22 6.68
CA ARG A 5 5.49 1.90 7.48
C ARG A 5 5.51 3.40 7.21
N GLN A 6 5.65 3.77 5.93
CA GLN A 6 5.76 5.16 5.49
C GLN A 6 4.42 5.93 5.52
N ALA A 7 3.36 5.32 6.07
CA ALA A 7 2.15 6.02 6.45
C ALA A 7 1.85 5.86 7.95
N GLY A 8 2.75 5.25 8.73
CA GLY A 8 2.46 4.90 10.10
C GLY A 8 1.37 3.84 10.21
N GLY A 9 1.56 2.72 9.52
CA GLY A 9 0.88 1.46 9.79
C GLY A 9 -0.53 1.33 9.19
N LYS A 10 -0.95 2.27 8.34
CA LYS A 10 -2.31 2.30 7.80
C LYS A 10 -2.45 1.37 6.60
N LEU A 11 -3.68 1.16 6.11
CA LEU A 11 -3.99 0.16 5.08
C LEU A 11 -4.58 0.81 3.82
N CYS A 12 -4.77 0.00 2.78
CA CYS A 12 -5.34 0.43 1.51
C CYS A 12 -6.83 0.12 1.41
N PRO A 13 -7.56 0.82 0.53
CA PRO A 13 -9.01 0.72 0.46
C PRO A 13 -9.50 -0.43 -0.42
N ASN A 14 -10.79 -0.75 -0.24
CA ASN A 14 -11.67 -1.62 -1.01
C ASN A 14 -11.11 -3.00 -1.38
N ASN A 15 -10.09 -3.02 -2.24
CA ASN A 15 -9.64 -4.20 -2.95
C ASN A 15 -8.23 -4.04 -3.52
N LEU A 16 -7.42 -3.10 -3.02
CA LEU A 16 -6.06 -2.92 -3.50
C LEU A 16 -5.03 -3.52 -2.52
N CYS A 17 -3.82 -3.71 -3.03
CA CYS A 17 -2.64 -4.05 -2.26
C CYS A 17 -1.88 -2.76 -1.89
N CYS A 18 -0.73 -2.94 -1.24
CA CYS A 18 0.05 -1.92 -0.56
C CYS A 18 1.54 -2.08 -0.87
N SER A 19 2.11 -1.05 -1.50
CA SER A 19 3.50 -1.02 -1.91
C SER A 19 4.41 -0.98 -0.70
N GLN A 20 5.63 -1.50 -0.87
CA GLN A 20 6.61 -1.46 0.20
C GLN A 20 7.27 -0.08 0.32
N TRP A 21 6.89 0.87 -0.56
CA TRP A 21 7.07 2.28 -0.30
C TRP A 21 5.88 2.92 0.44
N GLY A 22 4.70 2.29 0.45
CA GLY A 22 3.56 2.74 1.26
C GLY A 22 2.37 3.28 0.46
N TRP A 23 2.14 2.78 -0.76
CA TRP A 23 1.08 3.33 -1.61
C TRP A 23 0.18 2.24 -2.18
N CYS A 24 -1.03 2.57 -2.62
CA CYS A 24 -2.06 1.56 -2.80
C CYS A 24 -2.28 1.19 -4.26
N GLY A 25 -2.32 -0.13 -4.54
CA GLY A 25 -2.50 -0.63 -5.90
C GLY A 25 -2.69 -2.14 -5.94
N SER A 26 -3.31 -2.66 -7.00
CA SER A 26 -3.60 -4.09 -7.15
C SER A 26 -2.50 -4.85 -7.91
N THR A 27 -1.42 -4.16 -8.29
CA THR A 27 -0.42 -4.66 -9.21
C THR A 27 0.87 -5.02 -8.48
N ASP A 28 1.76 -5.77 -9.12
CA ASP A 28 2.92 -6.37 -8.44
C ASP A 28 3.78 -5.31 -7.73
N GLU A 29 4.16 -4.25 -8.44
CA GLU A 29 4.91 -3.13 -7.89
C GLU A 29 4.14 -2.33 -6.81
N TYR A 30 2.86 -2.62 -6.62
CA TYR A 30 2.07 -2.14 -5.50
C TYR A 30 1.68 -3.23 -4.50
N CYS A 31 2.12 -4.47 -4.69
CA CYS A 31 1.75 -5.57 -3.80
C CYS A 31 2.98 -6.27 -3.20
N SER A 32 4.09 -6.34 -3.93
CA SER A 32 5.32 -6.92 -3.43
C SER A 32 6.35 -5.83 -3.15
N NH2 A 33 7.15 -5.48 -4.16
HN1 NH2 A 33 7.05 -5.95 -5.06
HN2 NH2 A 33 7.86 -4.79 -4.02
C1 NAG B . 14.87 8.25 -3.07
C2 NAG B . 13.98 7.02 -2.96
C3 NAG B . 12.55 7.41 -3.40
C4 NAG B . 12.02 8.58 -2.52
C5 NAG B . 13.05 9.72 -2.66
C6 NAG B . 12.63 10.98 -1.89
C7 NAG B . 14.30 4.61 -3.48
C8 NAG B . 15.09 3.61 -4.26
N2 NAG B . 14.53 5.89 -3.74
O1 NAG B . 16.12 7.93 -2.57
O3 NAG B . 11.74 6.26 -3.25
O4 NAG B . 10.71 9.09 -2.88
O5 NAG B . 14.33 9.28 -2.25
O6 NAG B . 12.09 10.72 -0.61
O7 NAG B . 13.45 4.26 -2.66
H1 NAG B . 14.95 8.58 -4.11
H2 NAG B . 13.96 6.78 -1.90
H3 NAG B . 12.55 7.71 -4.44
H4 NAG B . 11.97 8.24 -1.49
H5 NAG B . 13.11 10.00 -3.71
H61 NAG B . 11.89 11.52 -2.46
H62 NAG B . 13.51 11.63 -1.78
H81 NAG B . 14.77 2.62 -3.94
H82 NAG B . 14.88 3.74 -5.32
H83 NAG B . 16.15 3.75 -4.04
HN2 NAG B . 15.26 6.06 -4.42
HO1 NAG B . 16.52 7.20 -3.13
HO3 NAG B . 12.28 5.55 -2.89
HO6 NAG B . 11.14 10.83 -0.71
C1 NAG B . 9.66 8.19 -2.91
C2 NAG B . 8.32 8.86 -2.60
C3 NAG B . 7.17 7.93 -3.00
C4 NAG B . 7.31 7.37 -4.43
C5 NAG B . 8.68 6.70 -4.49
C6 NAG B . 9.00 6.13 -5.88
C7 NAG B . 8.64 10.29 -0.57
C8 NAG B . 8.11 10.56 0.81
N2 NAG B . 8.16 9.21 -1.16
O3 NAG B . 6.00 8.68 -2.79
O4 NAG B . 6.30 6.37 -4.72
O5 NAG B . 9.64 7.72 -4.25
O6 NAG B . 9.09 7.20 -6.79
O7 NAG B . 9.45 11.05 -1.06
H1 NAG B . 9.84 7.38 -2.19
H2 NAG B . 8.27 9.76 -3.22
H3 NAG B . 7.17 7.07 -2.32
H4 NAG B . 7.29 8.18 -5.16
H5 NAG B . 8.76 5.90 -3.75
H61 NAG B . 8.22 5.43 -6.19
H62 NAG B . 9.95 5.62 -5.84
H81 NAG B . 7.04 10.59 0.78
H82 NAG B . 8.47 9.78 1.49
H83 NAG B . 8.50 11.53 1.13
HN2 NAG B . 7.45 8.71 -0.62
HO3 NAG B . 5.93 8.75 -1.81
HO6 NAG B . 9.61 7.88 -6.34
C1 NAG B . 5.25 6.74 -5.56
C2 NAG B . 4.09 5.78 -5.32
C3 NAG B . 2.82 6.40 -5.94
C4 NAG B . 2.48 7.78 -5.37
C5 NAG B . 3.71 8.61 -5.72
C6 NAG B . 3.66 10.05 -5.17
C7 NAG B . 4.71 3.34 -5.18
C8 NAG B . 4.97 2.10 -5.99
N2 NAG B . 4.35 4.42 -5.86
O3 NAG B . 1.74 5.51 -5.71
O4 NAG B . 1.33 8.35 -6.03
O5 NAG B . 4.87 8.04 -5.16
O6 NAG B . 3.83 10.02 -3.77
O7 NAG B . 4.84 3.28 -3.95
H1 NAG B . 5.56 6.73 -6.61
H2 NAG B . 3.95 5.78 -4.25
H3 NAG B . 2.95 6.48 -7.01
H4 NAG B . 2.33 7.74 -4.28
H5 NAG B . 3.82 8.67 -6.81
H61 NAG B . 2.72 10.53 -5.43
H62 NAG B . 4.48 10.62 -5.60
H81 NAG B . 5.32 2.36 -6.98
H82 NAG B . 5.74 1.52 -5.47
H83 NAG B . 4.06 1.52 -6.05
HN2 NAG B . 4.14 4.23 -6.84
HO3 NAG B . 0.94 6.05 -5.69
HO4 NAG B . 0.51 7.82 -5.81
HO6 NAG B . 4.59 9.42 -3.58
N GLU A 1 3.49 9.27 1.54
CA GLU A 1 3.04 7.88 1.66
C GLU A 1 1.61 7.89 2.14
N GLN A 2 0.88 6.77 2.07
CA GLN A 2 -0.50 6.70 2.58
C GLN A 2 -0.79 5.45 3.42
N CYS A 3 0.01 4.39 3.32
CA CYS A 3 -0.26 3.13 3.99
C CYS A 3 1.04 2.47 4.49
N GLY A 4 0.90 1.43 5.31
CA GLY A 4 1.97 0.54 5.77
C GLY A 4 3.16 1.23 6.43
N ARG A 5 4.05 1.81 5.62
CA ARG A 5 5.38 2.27 6.01
C ARG A 5 5.39 3.71 6.52
N GLN A 6 5.88 4.68 5.74
CA GLN A 6 6.17 6.02 6.29
C GLN A 6 4.89 6.81 6.63
N ALA A 7 3.71 6.31 6.26
CA ALA A 7 2.44 6.86 6.73
C ALA A 7 1.92 6.19 8.01
N GLY A 8 2.57 5.13 8.49
CA GLY A 8 2.19 4.46 9.74
C GLY A 8 1.01 3.49 9.57
N GLY A 9 1.30 2.25 9.20
CA GLY A 9 0.50 1.04 9.44
C GLY A 9 -0.87 0.92 8.77
N LYS A 10 -1.46 2.02 8.28
CA LYS A 10 -2.79 2.01 7.67
C LYS A 10 -2.83 1.18 6.39
N LEU A 11 -4.03 0.74 6.00
CA LEU A 11 -4.26 -0.16 4.87
C LEU A 11 -4.91 0.58 3.70
N CYS A 12 -5.20 -0.16 2.61
CA CYS A 12 -5.70 0.39 1.37
C CYS A 12 -7.16 0.00 1.11
N PRO A 13 -7.88 0.72 0.23
CA PRO A 13 -9.31 0.60 0.11
C PRO A 13 -9.77 -0.56 -0.77
N ASN A 14 -11.06 -0.89 -0.64
CA ASN A 14 -11.85 -1.88 -1.39
C ASN A 14 -11.25 -3.28 -1.42
N ASN A 15 -10.11 -3.44 -2.09
CA ASN A 15 -9.41 -4.69 -2.28
C ASN A 15 -7.92 -4.50 -2.62
N LEU A 16 -7.35 -3.30 -2.40
CA LEU A 16 -6.03 -3.00 -2.93
C LEU A 16 -4.90 -3.43 -1.98
N CYS A 17 -3.70 -3.53 -2.55
CA CYS A 17 -2.45 -3.73 -1.85
C CYS A 17 -1.93 -2.39 -1.35
N CYS A 18 -0.96 -2.46 -0.45
CA CYS A 18 -0.07 -1.37 -0.12
C CYS A 18 1.31 -1.74 -0.66
N SER A 19 2.15 -0.75 -0.94
CA SER A 19 3.39 -0.98 -1.67
C SER A 19 4.52 -1.42 -0.76
N GLN A 20 5.62 -1.82 -1.39
CA GLN A 20 6.90 -2.02 -0.75
C GLN A 20 7.43 -0.72 -0.11
N TRP A 21 6.84 0.43 -0.45
CA TRP A 21 7.31 1.73 0.02
C TRP A 21 6.30 2.53 0.84
N GLY A 22 4.99 2.26 0.76
CA GLY A 22 4.00 2.97 1.57
C GLY A 22 2.75 3.46 0.81
N TRP A 23 2.47 2.94 -0.39
CA TRP A 23 1.45 3.52 -1.26
C TRP A 23 0.47 2.47 -1.79
N CYS A 24 -0.75 2.83 -2.15
CA CYS A 24 -1.78 1.83 -2.45
C CYS A 24 -1.77 1.43 -3.93
N GLY A 25 -2.02 0.16 -4.22
CA GLY A 25 -1.87 -0.37 -5.58
C GLY A 25 -2.73 -1.60 -5.85
N SER A 26 -2.98 -1.91 -7.12
CA SER A 26 -3.77 -3.09 -7.52
C SER A 26 -2.93 -4.17 -8.17
N THR A 27 -1.61 -4.03 -8.19
CA THR A 27 -0.75 -4.74 -9.14
C THR A 27 0.58 -5.11 -8.47
N ASP A 28 1.32 -6.06 -9.04
CA ASP A 28 2.47 -6.64 -8.33
C ASP A 28 3.64 -5.65 -8.17
N GLU A 29 3.70 -4.63 -9.02
CA GLU A 29 4.62 -3.51 -8.87
C GLU A 29 4.39 -2.76 -7.55
N TYR A 30 3.24 -2.97 -6.91
CA TYR A 30 2.96 -2.54 -5.53
C TYR A 30 2.95 -3.74 -4.59
N CYS A 31 2.16 -4.79 -4.92
CA CYS A 31 1.94 -5.91 -4.00
C CYS A 31 3.23 -6.68 -3.68
N SER A 32 4.20 -6.75 -4.61
CA SER A 32 5.50 -7.31 -4.31
C SER A 32 6.50 -6.94 -5.39
N NH2 A 33 6.45 -7.64 -6.53
HN1 NH2 A 33 5.77 -8.37 -6.63
HN2 NH2 A 33 7.10 -7.44 -7.27
C1 NAG B . 15.88 6.18 -1.95
C2 NAG B . 14.83 5.10 -2.06
C3 NAG B . 13.54 5.73 -2.60
C4 NAG B . 13.06 6.87 -1.67
C5 NAG B . 14.23 7.86 -1.65
C6 NAG B . 13.91 9.14 -0.85
C7 NAG B . 14.92 2.68 -2.64
C8 NAG B . 15.49 1.68 -3.61
N2 NAG B . 15.27 3.95 -2.88
O1 NAG B . 16.98 5.64 -1.30
O3 NAG B . 12.59 4.70 -2.70
O4 NAG B . 11.82 7.53 -2.04
O5 NAG B . 15.39 7.24 -1.14
O6 NAG B . 13.24 8.89 0.37
O7 NAG B . 14.23 2.31 -1.71
H1 NAG B . 16.17 6.53 -2.95
H2 NAG B . 14.62 4.76 -1.04
H3 NAG B . 13.71 6.13 -3.61
H4 NAG B . 12.93 6.47 -0.66
H5 NAG B . 14.43 8.19 -2.67
H61 NAG B . 13.27 9.79 -1.45
H62 NAG B . 14.84 9.67 -0.64
H81 NAG B . 15.09 1.89 -4.59
H82 NAG B . 16.57 1.74 -3.60
H83 NAG B . 15.16 0.69 -3.28
HN2 NAG B . 15.87 4.10 -3.67
HO1 NAG B . 17.71 6.34 -1.23
HO3 NAG B . 11.85 5.06 -3.19
HO6 NAG B . 12.32 9.19 0.23
C1 NAG B . 10.64 6.79 -2.05
C2 NAG B . 9.42 7.67 -1.72
C3 NAG B . 8.16 6.96 -2.21
C4 NAG B . 8.22 6.45 -3.64
C5 NAG B . 9.40 5.49 -3.67
C6 NAG B . 9.53 4.79 -5.04
C7 NAG B . 9.83 9.03 0.32
C8 NAG B . 9.31 9.39 1.67
N2 NAG B . 9.27 7.98 -0.28
O3 NAG B . 7.09 7.89 -2.12
O4 NAG B . 6.99 5.75 -3.97
O5 NAG B . 10.57 6.23 -3.37
O6 NAG B . 9.42 5.70 -6.13
O7 NAG B . 10.71 9.70 -0.19
H1 NAG B . 10.73 5.99 -1.32
H2 NAG B . 9.53 8.58 -2.30
H3 NAG B . 7.95 6.12 -1.54
H4 NAG B . 8.41 7.28 -4.34
H5 NAG B . 9.28 4.72 -2.92
H61 NAG B . 8.74 4.05 -5.14
H62 NAG B . 10.49 4.28 -5.09
H81 NAG B . 8.24 9.56 1.59
H82 NAG B . 9.51 8.57 2.36
H83 NAG B . 9.82 10.29 2.01
HN2 NAG B . 8.53 7.54 0.29
HO3 NAG B . 6.65 7.88 -2.99
HO6 NAG B . 9.62 5.21 -6.94
C1 NAG B . 6.17 6.29 -4.97
C2 NAG B . 4.92 5.44 -5.04
C3 NAG B . 3.79 6.16 -5.81
C4 NAG B . 3.57 7.58 -5.25
C5 NAG B . 4.92 8.28 -5.37
C6 NAG B . 4.81 9.75 -4.94
C7 NAG B . 5.33 2.98 -4.88
C8 NAG B . 5.64 1.74 -5.66
N2 NAG B . 5.20 4.10 -5.59
O3 NAG B . 2.64 5.34 -5.63
O4 NAG B . 2.56 8.34 -5.96
O5 NAG B . 5.85 7.61 -4.52
O6 NAG B . 4.05 10.53 -5.85
O7 NAG B . 5.23 2.93 -3.66
H1 NAG B . 6.69 6.32 -5.93
H2 NAG B . 4.56 5.37 -4.02
H3 NAG B . 4.02 6.21 -6.87
H4 NAG B . 3.30 7.52 -4.20
H5 NAG B . 5.28 8.25 -6.40
H61 NAG B . 5.82 10.19 -4.89
H62 NAG B . 4.36 9.82 -3.96
H81 NAG B . 4.76 1.43 -6.21
H82 NAG B . 6.46 1.93 -6.35
H83 NAG B . 5.92 0.95 -4.96
HN2 NAG B . 5.23 3.96 -6.59
HO3 NAG B . 1.85 5.89 -5.68
HO4 NAG B . 1.67 7.88 -5.88
HO6 NAG B . 3.27 10.01 -6.09
N GLU A 1 2.19 9.64 0.51
CA GLU A 1 2.05 8.26 1.03
C GLU A 1 0.62 8.11 1.55
N GLN A 2 0.12 6.88 1.69
CA GLN A 2 -1.18 6.62 2.33
C GLN A 2 -1.14 5.44 3.30
N CYS A 3 -0.33 4.42 3.02
CA CYS A 3 -0.39 3.13 3.71
C CYS A 3 0.98 2.68 4.20
N GLY A 4 1.03 1.53 4.89
CA GLY A 4 2.28 0.88 5.25
C GLY A 4 3.22 1.76 6.10
N ARG A 5 4.52 1.62 5.85
CA ARG A 5 5.63 2.17 6.61
C ARG A 5 5.43 3.63 7.02
N GLN A 6 5.61 4.61 6.12
CA GLN A 6 5.52 6.02 6.52
C GLN A 6 4.13 6.41 7.06
N ALA A 7 3.07 5.66 6.74
CA ALA A 7 1.75 5.92 7.30
C ALA A 7 1.55 5.27 8.67
N GLY A 8 2.52 4.52 9.18
CA GLY A 8 2.38 3.82 10.45
C GLY A 8 1.41 2.65 10.34
N GLY A 9 1.66 1.75 9.40
CA GLY A 9 1.09 0.39 9.36
C GLY A 9 -0.30 0.28 8.73
N LYS A 10 -0.82 1.35 8.11
CA LYS A 10 -2.23 1.39 7.71
C LYS A 10 -2.45 0.79 6.32
N LEU A 11 -3.69 0.39 6.04
CA LEU A 11 -4.07 -0.37 4.85
C LEU A 11 -4.59 0.53 3.72
N CYS A 12 -4.98 -0.07 2.61
CA CYS A 12 -5.54 0.60 1.45
C CYS A 12 -7.02 0.23 1.25
N PRO A 13 -7.76 0.99 0.42
CA PRO A 13 -9.19 0.79 0.23
C PRO A 13 -9.54 -0.22 -0.87
N ASN A 14 -10.86 -0.47 -1.01
CA ASN A 14 -11.54 -1.24 -2.04
C ASN A 14 -11.05 -2.68 -2.20
N ASN A 15 -9.84 -2.85 -2.71
CA ASN A 15 -9.22 -4.14 -2.98
C ASN A 15 -7.69 -4.08 -3.03
N LEU A 16 -7.06 -2.95 -2.66
CA LEU A 16 -5.69 -2.70 -3.07
C LEU A 16 -4.70 -3.21 -2.04
N CYS A 17 -3.49 -3.51 -2.51
CA CYS A 17 -2.31 -3.76 -1.69
C CYS A 17 -1.56 -2.45 -1.46
N CYS A 18 -0.50 -2.50 -0.65
CA CYS A 18 0.31 -1.34 -0.31
C CYS A 18 1.74 -1.53 -0.84
N SER A 19 2.40 -0.44 -1.22
CA SER A 19 3.70 -0.47 -1.87
C SER A 19 4.87 -0.45 -0.88
N GLN A 20 6.05 -0.76 -1.41
CA GLN A 20 7.33 -0.61 -0.73
C GLN A 20 7.62 0.86 -0.36
N TRP A 21 6.79 1.79 -0.84
CA TRP A 21 6.84 3.20 -0.52
C TRP A 21 5.53 3.75 0.07
N GLY A 22 4.60 2.89 0.51
CA GLY A 22 3.45 3.36 1.26
C GLY A 22 2.28 3.81 0.40
N TRP A 23 2.17 3.30 -0.83
CA TRP A 23 1.10 3.71 -1.72
C TRP A 23 0.26 2.53 -2.20
N CYS A 24 -0.93 2.79 -2.72
CA CYS A 24 -1.90 1.72 -2.91
C CYS A 24 -1.89 1.21 -4.34
N GLY A 25 -1.95 -0.10 -4.52
CA GLY A 25 -1.83 -0.75 -5.82
C GLY A 25 -2.75 -1.96 -5.94
N SER A 26 -3.50 -2.10 -7.03
CA SER A 26 -4.32 -3.29 -7.26
C SER A 26 -3.52 -4.45 -7.86
N THR A 27 -2.19 -4.41 -7.71
CA THR A 27 -1.24 -5.04 -8.62
C THR A 27 -0.03 -5.58 -7.85
N ASP A 28 0.70 -6.51 -8.45
CA ASP A 28 1.68 -7.34 -7.77
C ASP A 28 3.05 -6.68 -7.61
N GLU A 29 3.39 -5.67 -8.42
CA GLU A 29 4.66 -4.96 -8.29
C GLU A 29 4.59 -3.97 -7.11
N TYR A 30 3.41 -3.38 -6.89
CA TYR A 30 3.07 -2.71 -5.64
C TYR A 30 3.00 -3.74 -4.52
N CYS A 31 2.17 -4.79 -4.67
CA CYS A 31 1.92 -5.71 -3.56
C CYS A 31 3.17 -6.47 -3.09
N SER A 32 4.15 -6.69 -3.98
CA SER A 32 5.44 -7.27 -3.59
C SER A 32 6.07 -6.42 -2.49
N NH2 A 33 5.32 -5.44 -1.98
HN1 NH2 A 33 4.37 -5.32 -2.29
HN2 NH2 A 33 5.70 -4.84 -1.27
C1 NAG B . 14.64 8.52 -1.40
C2 NAG B . 13.78 7.36 -1.86
C3 NAG B . 12.52 7.93 -2.52
C4 NAG B . 11.75 8.81 -1.51
C5 NAG B . 12.72 9.91 -1.08
C6 NAG B . 12.09 10.79 0.01
C7 NAG B . 14.38 5.12 -2.72
C8 NAG B . 15.17 4.36 -3.74
N2 NAG B . 14.51 6.44 -2.76
O1 NAG B . 15.72 8.02 -0.68
O3 NAG B . 11.74 6.83 -2.94
O4 NAG B . 10.52 9.40 -2.03
O5 NAG B . 13.88 9.34 -0.50
O6 NAG B . 13.12 11.60 0.54
O7 NAG B . 13.68 4.51 -1.90
H1 NAG B . 15.00 9.10 -2.25
H2 NAG B . 13.47 6.83 -0.97
H3 NAG B . 12.79 8.52 -3.40
H4 NAG B . 11.52 8.22 -0.64
H5 NAG B . 13.00 10.53 -1.93
H61 NAG B . 11.68 10.18 0.80
H62 NAG B . 11.31 11.42 -0.41
H81 NAG B . 14.99 3.31 -3.57
H82 NAG B . 14.84 4.65 -4.73
H83 NAG B . 16.23 4.59 -3.60
HN2 NAG B . 15.12 6.81 -3.48
HO1 NAG B . 15.37 7.49 0.10
HO3 NAG B . 11.00 7.21 -3.43
HO6 NAG B . 13.88 11.01 0.63
C1 NAG B . 9.43 8.56 -2.21
C2 NAG B . 8.13 9.30 -1.95
C3 NAG B . 6.95 8.42 -2.39
C4 NAG B . 7.11 7.89 -3.83
C5 NAG B . 8.46 7.17 -3.86
C6 NAG B . 8.71 6.51 -5.22
C7 NAG B . 8.26 10.90 -0.06
C8 NAG B . 7.99 11.15 1.39
N2 NAG B . 7.96 9.69 -0.53
O3 NAG B . 5.79 9.22 -2.29
O4 NAG B . 6.05 6.95 -4.20
O5 NAG B . 9.48 8.09 -3.55
O6 NAG B . 7.84 5.40 -5.44
O7 NAG B . 8.73 11.79 -0.76
H1 NAG B . 9.51 7.71 -1.52
H2 NAG B . 8.14 10.19 -2.60
H3 NAG B . 6.86 7.57 -1.70
H4 NAG B . 7.13 8.74 -4.52
H5 NAG B . 8.46 6.38 -3.11
H61 NAG B . 9.74 6.15 -5.27
H62 NAG B . 8.56 7.24 -6.02
H81 NAG B . 6.92 11.23 1.51
H82 NAG B . 8.39 10.31 1.96
H83 NAG B . 8.49 12.07 1.67
HN2 NAG B . 7.47 9.08 0.14
HO3 NAG B . 5.63 9.42 -1.35
HO6 NAG B . 6.98 5.63 -5.06
C1 NAG B . 5.24 7.26 -5.31
C2 NAG B . 4.26 6.11 -5.51
C3 NAG B . 3.06 6.52 -6.39
C4 NAG B . 2.48 7.86 -5.96
C5 NAG B . 3.64 8.87 -5.99
C6 NAG B . 3.16 10.32 -5.74
C7 NAG B . 5.14 3.78 -5.31
C8 NAG B . 5.79 2.66 -6.06
N2 NAG B . 4.92 4.89 -6.01
O3 NAG B . 2.05 5.54 -6.26
O4 NAG B . 1.45 8.26 -6.87
O5 NAG B . 4.57 8.48 -5.01
O6 NAG B . 2.59 10.94 -6.87
O7 NAG B . 4.87 3.67 -4.12
H1 NAG B . 5.86 7.39 -6.20
H2 NAG B . 3.80 5.93 -4.54
H3 NAG B . 3.38 6.58 -7.43
H4 NAG B . 2.08 7.79 -4.94
H5 NAG B . 4.12 8.85 -6.96
H61 NAG B . 4.02 10.93 -5.43
H62 NAG B . 2.43 10.33 -4.94
H81 NAG B . 6.78 2.98 -6.35
H82 NAG B . 5.88 1.80 -5.38
H83 NAG B . 5.18 2.40 -6.92
HN2 NAG B . 5.15 4.81 -6.99
HO3 NAG B . 1.20 6.00 -6.42
HO4 NAG B . 0.70 7.59 -6.84
HO6 NAG B . 3.31 11.24 -7.45
N GLU A 1 3.10 9.15 3.49
CA GLU A 1 2.56 8.35 2.38
C GLU A 1 1.15 7.91 2.75
N GLN A 2 0.48 7.02 2.02
CA GLN A 2 -0.95 6.76 2.18
C GLN A 2 -1.25 5.48 2.98
N CYS A 3 -0.40 4.48 2.86
CA CYS A 3 -0.50 3.20 3.54
C CYS A 3 0.89 2.73 3.96
N GLY A 4 1.02 1.55 4.57
CA GLY A 4 2.30 0.87 4.68
C GLY A 4 3.39 1.68 5.39
N ARG A 5 4.65 1.36 5.07
CA ARG A 5 5.84 1.87 5.75
C ARG A 5 5.74 3.36 6.06
N GLN A 6 5.76 4.22 5.05
CA GLN A 6 5.75 5.67 5.27
C GLN A 6 4.34 6.25 5.51
N ALA A 7 3.34 5.42 5.86
CA ALA A 7 2.18 5.89 6.63
C ALA A 7 2.15 5.30 8.04
N GLY A 8 3.16 4.52 8.45
CA GLY A 8 3.14 3.83 9.73
C GLY A 8 2.11 2.69 9.74
N GLY A 9 2.12 1.85 8.71
CA GLY A 9 1.45 0.55 8.71
C GLY A 9 -0.03 0.56 8.34
N LYS A 10 -0.56 1.64 7.76
CA LYS A 10 -1.98 1.70 7.42
C LYS A 10 -2.31 0.86 6.18
N LEU A 11 -3.58 0.55 5.96
CA LEU A 11 -4.05 -0.32 4.89
C LEU A 11 -4.60 0.49 3.70
N CYS A 12 -5.11 -0.21 2.68
CA CYS A 12 -5.65 0.38 1.47
C CYS A 12 -7.13 0.01 1.26
N PRO A 13 -7.84 0.74 0.38
CA PRO A 13 -9.28 0.64 0.28
C PRO A 13 -9.76 -0.45 -0.68
N ASN A 14 -11.05 -0.79 -0.52
CA ASN A 14 -11.90 -1.65 -1.34
C ASN A 14 -11.32 -3.04 -1.63
N ASN A 15 -10.23 -3.10 -2.37
CA ASN A 15 -9.59 -4.34 -2.81
C ASN A 15 -8.12 -4.15 -3.22
N LEU A 16 -7.46 -3.03 -2.86
CA LEU A 16 -6.11 -2.79 -3.32
C LEU A 16 -5.06 -3.31 -2.34
N CYS A 17 -3.85 -3.49 -2.86
CA CYS A 17 -2.63 -3.74 -2.12
C CYS A 17 -1.94 -2.42 -1.78
N CYS A 18 -0.76 -2.51 -1.17
CA CYS A 18 -0.05 -1.41 -0.52
C CYS A 18 1.47 -1.55 -0.69
N SER A 19 2.14 -0.58 -1.31
CA SER A 19 3.58 -0.66 -1.59
C SER A 19 4.44 -0.66 -0.33
N GLN A 20 5.67 -1.13 -0.50
CA GLN A 20 6.68 -1.16 0.55
C GLN A 20 7.16 0.25 0.89
N TRP A 21 6.85 1.25 0.04
CA TRP A 21 6.95 2.67 0.35
C TRP A 21 5.72 3.11 1.15
N GLY A 22 4.52 2.95 0.57
CA GLY A 22 3.29 3.32 1.26
C GLY A 22 2.16 3.84 0.39
N TRP A 23 1.98 3.31 -0.82
CA TRP A 23 0.91 3.74 -1.72
C TRP A 23 -0.02 2.59 -2.04
N CYS A 24 -1.24 2.88 -2.49
CA CYS A 24 -2.24 1.86 -2.73
C CYS A 24 -2.32 1.47 -4.21
N GLY A 25 -2.45 0.16 -4.49
CA GLY A 25 -2.52 -0.31 -5.87
C GLY A 25 -2.80 -1.79 -5.97
N SER A 26 -3.26 -2.26 -7.13
CA SER A 26 -3.50 -3.67 -7.40
C SER A 26 -2.47 -4.18 -8.42
N THR A 27 -1.19 -4.00 -8.12
CA THR A 27 -0.10 -4.38 -9.01
C THR A 27 1.09 -4.88 -8.18
N ASP A 28 2.05 -5.48 -8.87
CA ASP A 28 3.30 -6.04 -8.36
C ASP A 28 3.83 -5.45 -7.06
N GLU A 29 4.52 -4.30 -7.08
CA GLU A 29 5.17 -3.79 -5.87
C GLU A 29 4.14 -3.55 -4.77
N TYR A 30 3.00 -2.95 -5.13
CA TYR A 30 1.88 -2.78 -4.21
C TYR A 30 1.45 -4.10 -3.58
N CYS A 31 1.50 -5.22 -4.30
CA CYS A 31 1.10 -6.51 -3.77
C CYS A 31 2.30 -7.34 -3.29
N SER A 32 3.51 -6.76 -3.22
CA SER A 32 4.72 -7.48 -2.79
C SER A 32 4.90 -7.42 -1.28
N NH2 A 33 4.13 -6.54 -0.63
HN1 NH2 A 33 3.56 -5.90 -1.14
HN2 NH2 A 33 4.15 -6.51 0.39
C1 NAG B . 14.20 2.65 -3.09
C2 NAG B . 12.74 2.52 -2.64
C3 NAG B . 11.82 3.23 -3.65
C4 NAG B . 12.24 4.71 -3.81
C5 NAG B . 13.73 4.71 -4.19
C6 NAG B . 14.25 6.15 -4.25
C7 NAG B . 11.73 0.66 -1.35
C8 NAG B . 11.30 -0.77 -1.41
N2 NAG B . 12.34 1.11 -2.44
O1 NAG B . 15.02 2.14 -2.09
O3 NAG B . 10.55 3.10 -3.07
O4 NAG B . 11.50 5.46 -4.79
O5 NAG B . 14.50 4.04 -3.22
O6 NAG B . 15.64 6.12 -4.48
O7 NAG B . 11.51 1.32 -0.33
H1 NAG B . 14.36 2.12 -4.03
H2 NAG B . 12.67 3.07 -1.70
H3 NAG B . 11.86 2.71 -4.61
H4 NAG B . 12.13 5.20 -2.84
H5 NAG B . 13.87 4.24 -5.17
H61 NAG B . 14.06 6.66 -3.31
H62 NAG B . 13.77 6.71 -5.06
H81 NAG B . 10.91 -1.07 -0.45
H82 NAG B . 10.53 -0.87 -2.18
H83 NAG B . 12.16 -1.39 -1.66
HN2 NAG B . 12.44 0.46 -3.19
HO1 NAG B . 15.97 2.23 -2.37
HO3 NAG B . 9.90 2.91 -3.77
HO6 NAG B . 16.00 5.46 -3.86
C1 NAG B . 10.13 5.61 -4.58
C2 NAG B . 9.60 6.81 -5.36
C3 NAG B . 8.06 6.81 -5.29
C4 NAG B . 7.44 5.44 -5.61
C5 NAG B . 8.16 4.39 -4.77
C6 NAG B . 7.68 2.96 -5.05
C7 NAG B . 9.73 9.23 -4.54
C8 NAG B . 10.71 10.23 -3.99
N2 NAG B . 10.26 8.04 -4.85
O3 NAG B . 7.61 7.71 -6.27
O4 NAG B . 6.03 5.36 -5.31
O5 NAG B . 9.53 4.43 -5.08
O6 NAG B . 8.40 2.03 -4.27
O7 NAG B . 8.56 9.53 -4.68
H1 NAG B . 9.95 5.73 -3.52
H2 NAG B . 9.87 6.65 -6.40
H3 NAG B . 7.72 7.10 -4.29
H4 NAG B . 7.62 5.19 -6.66
H5 NAG B . 8.00 4.59 -3.71
H61 NAG B . 7.78 2.71 -6.10
H62 NAG B . 6.63 2.88 -4.76
H81 NAG B . 11.45 10.46 -4.76
H82 NAG B . 10.14 11.13 -3.75
H83 NAG B . 11.18 9.83 -3.10
HN2 NAG B . 11.25 7.98 -4.68
HO3 NAG B . 7.72 8.59 -5.87
HO6 NAG B . 7.89 1.20 -4.30
C1 NAG B . 5.11 5.91 -6.21
C2 NAG B . 3.86 5.04 -6.15
C3 NAG B . 2.69 5.72 -6.86
C4 NAG B . 2.51 7.14 -6.30
C5 NAG B . 3.82 7.88 -6.55
C6 NAG B . 3.70 9.38 -6.16
C7 NAG B . 4.19 2.60 -5.80
C8 NAG B . 4.47 1.29 -6.46
N2 NAG B . 4.09 3.65 -6.61
O3 NAG B . 1.52 4.97 -6.61
O4 NAG B . 1.41 7.78 -6.97
O5 NAG B . 4.82 7.24 -5.78
O6 NAG B . 2.95 10.15 -7.08
O7 NAG B . 4.09 2.68 -4.58
H1 NAG B . 5.51 5.92 -7.24
H2 NAG B . 3.56 5.05 -5.12
H3 NAG B . 2.87 5.76 -7.93
H4 NAG B . 2.32 7.09 -5.22
H5 NAG B . 4.09 7.83 -7.60
H61 NAG B . 4.70 9.80 -6.09
H62 NAG B . 3.22 9.46 -5.19
H81 NAG B . 5.52 1.07 -6.34
H82 NAG B . 3.89 0.54 -5.91
H83 NAG B . 4.18 1.29 -7.50
HN2 NAG B . 4.13 3.45 -7.61
HO3 NAG B . 0.79 5.61 -6.54
HO4 NAG B . 0.57 7.28 -6.79
HO6 NAG B . 3.51 10.33 -7.85
N GLU A 1 2.93 9.36 0.54
CA GLU A 1 3.00 7.96 1.00
C GLU A 1 1.94 7.78 2.07
N GLN A 2 1.04 6.81 1.91
CA GLN A 2 -0.28 6.79 2.53
C GLN A 2 -0.49 5.60 3.47
N CYS A 3 -0.11 4.41 3.01
CA CYS A 3 -0.31 3.15 3.72
C CYS A 3 1.03 2.55 4.15
N GLY A 4 1.00 1.52 5.00
CA GLY A 4 2.20 0.79 5.40
C GLY A 4 3.20 1.61 6.22
N ARG A 5 4.30 0.95 6.61
CA ARG A 5 5.26 1.39 7.61
C ARG A 5 5.65 2.88 7.53
N GLN A 6 6.25 3.35 6.44
CA GLN A 6 6.69 4.74 6.34
C GLN A 6 5.54 5.77 6.34
N ALA A 7 4.28 5.32 6.25
CA ALA A 7 3.14 6.21 6.37
C ALA A 7 2.37 6.00 7.68
N GLY A 8 2.88 5.16 8.61
CA GLY A 8 2.22 4.89 9.88
C GLY A 8 1.41 3.60 9.91
N GLY A 9 1.60 2.71 8.93
CA GLY A 9 1.06 1.34 9.00
C GLY A 9 -0.38 1.17 8.51
N LYS A 10 -1.01 2.21 7.95
CA LYS A 10 -2.41 2.15 7.53
C LYS A 10 -2.60 1.25 6.31
N LEU A 11 -3.85 0.92 5.99
CA LEU A 11 -4.23 -0.02 4.93
C LEU A 11 -4.75 0.71 3.68
N CYS A 12 -5.22 -0.05 2.69
CA CYS A 12 -5.75 0.43 1.43
C CYS A 12 -7.22 0.05 1.23
N PRO A 13 -7.93 0.72 0.31
CA PRO A 13 -9.37 0.55 0.12
C PRO A 13 -9.73 -0.58 -0.85
N ASN A 14 -11.03 -0.87 -0.94
CA ASN A 14 -11.69 -1.78 -1.89
C ASN A 14 -11.11 -3.19 -1.93
N ASN A 15 -9.94 -3.33 -2.54
CA ASN A 15 -9.17 -4.59 -2.56
C ASN A 15 -7.65 -4.37 -2.56
N LEU A 16 -7.16 -3.13 -2.57
CA LEU A 16 -5.88 -2.89 -3.20
C LEU A 16 -4.72 -3.29 -2.30
N CYS A 17 -3.61 -3.67 -2.93
CA CYS A 17 -2.36 -3.90 -2.25
C CYS A 17 -1.75 -2.56 -1.81
N CYS A 18 -0.78 -2.64 -0.90
CA CYS A 18 -0.07 -1.52 -0.30
C CYS A 18 1.42 -1.70 -0.54
N SER A 19 2.03 -0.82 -1.34
CA SER A 19 3.40 -1.00 -1.81
C SER A 19 4.42 -1.07 -0.69
N GLN A 20 5.62 -1.54 -1.01
CA GLN A 20 6.79 -1.38 -0.14
C GLN A 20 7.02 0.10 0.21
N TRP A 21 6.67 1.01 -0.71
CA TRP A 21 6.78 2.46 -0.52
C TRP A 21 5.62 3.09 0.24
N GLY A 22 4.44 2.48 0.27
CA GLY A 22 3.32 3.00 1.05
C GLY A 22 2.18 3.55 0.21
N TRP A 23 1.99 3.03 -0.99
CA TRP A 23 0.91 3.51 -1.84
C TRP A 23 -0.06 2.39 -2.18
N CYS A 24 -1.28 2.72 -2.61
CA CYS A 24 -2.32 1.73 -2.83
C CYS A 24 -2.41 1.37 -4.32
N GLY A 25 -2.56 0.07 -4.62
CA GLY A 25 -2.37 -0.41 -5.98
C GLY A 25 -3.27 -1.55 -6.44
N SER A 26 -2.97 -2.76 -5.97
CA SER A 26 -3.54 -4.05 -6.43
C SER A 26 -2.71 -4.71 -7.54
N THR A 27 -1.51 -4.20 -7.83
CA THR A 27 -0.62 -4.77 -8.85
C THR A 27 0.78 -5.00 -8.26
N ASP A 28 1.58 -5.79 -8.96
CA ASP A 28 3.05 -5.90 -8.86
C ASP A 28 3.78 -4.99 -7.85
N GLU A 29 4.12 -3.75 -8.22
CA GLU A 29 4.95 -2.89 -7.36
C GLU A 29 4.20 -2.48 -6.07
N TYR A 30 2.90 -2.76 -6.00
CA TYR A 30 2.08 -2.52 -4.83
C TYR A 30 1.80 -3.79 -4.04
N CYS A 31 1.86 -4.96 -4.68
CA CYS A 31 1.71 -6.23 -3.98
C CYS A 31 3.07 -6.84 -3.60
N SER A 32 4.16 -6.32 -4.16
CA SER A 32 5.55 -6.62 -3.79
C SER A 32 6.50 -5.61 -4.44
N NH2 A 33 6.60 -5.66 -5.77
HN1 NH2 A 33 6.08 -6.35 -6.30
HN2 NH2 A 33 7.21 -5.02 -6.25
C1 NAG B . 14.58 5.32 -6.44
C2 NAG B . 13.51 4.32 -6.03
C3 NAG B . 12.16 5.01 -5.82
C4 NAG B . 12.25 6.28 -4.94
C5 NAG B . 13.41 7.13 -5.47
C6 NAG B . 13.64 8.40 -4.61
C7 NAG B . 13.07 3.28 -8.24
C8 NAG B . 12.88 1.98 -8.97
N2 NAG B . 13.40 3.18 -6.96
O1 NAG B . 15.81 4.69 -6.38
O3 NAG B . 11.39 4.00 -5.18
O4 NAG B . 11.05 7.12 -4.89
O5 NAG B . 14.60 6.36 -5.47
O6 NAG B . 12.75 9.45 -4.94
O7 NAG B . 12.95 4.35 -8.83
H1 NAG B . 14.41 5.73 -7.44
H2 NAG B . 13.82 3.96 -5.05
H3 NAG B . 11.73 5.28 -6.78
H4 NAG B . 12.45 5.97 -3.91
H5 NAG B . 13.20 7.46 -6.48
H61 NAG B . 14.65 8.77 -4.81
H62 NAG B . 13.57 8.17 -3.55
H81 NAG B . 12.65 2.23 -10.01
H82 NAG B . 13.79 1.39 -8.91
H83 NAG B . 12.03 1.46 -8.52
HN2 NAG B . 13.44 2.24 -6.60
HO1 NAG B . 15.96 4.32 -5.45
HO3 NAG B . 10.61 3.82 -5.76
HO6 NAG B . 11.90 9.30 -4.49
C1 NAG B . 9.87 6.50 -4.55
C2 NAG B . 8.78 7.49 -4.14
C3 NAG B . 7.41 6.79 -4.14
C4 NAG B . 7.15 6.01 -5.45
C5 NAG B . 8.30 5.02 -5.54
C6 NAG B . 8.19 3.99 -6.69
C7 NAG B . 9.80 9.10 -2.55
C8 NAG B . 9.71 9.71 -1.18
N2 NAG B . 8.99 8.08 -2.80
O3 NAG B . 6.45 7.81 -3.92
O4 NAG B . 5.91 5.28 -5.45
O5 NAG B . 9.47 5.79 -5.71
O6 NAG B . 9.24 3.04 -6.57
O7 NAG B . 10.60 9.54 -3.37
H1 NAG B . 10.07 5.82 -3.74
H2 NAG B . 8.75 8.27 -4.92
H3 NAG B . 7.40 6.10 -3.29
H4 NAG B . 7.21 6.69 -6.30
H5 NAG B . 8.35 4.45 -4.62
H61 NAG B . 8.25 4.49 -7.65
H62 NAG B . 7.24 3.46 -6.61
H81 NAG B . 10.20 10.67 -1.23
H82 NAG B . 8.66 9.82 -0.92
H83 NAG B . 10.21 9.06 -0.48
HN2 NAG B . 8.31 7.89 -2.06
HO3 NAG B . 6.63 8.13 -3.01
HO6 NAG B . 8.88 2.20 -6.96
C1 NAG B . 4.92 5.79 -6.30
C2 NAG B . 3.63 4.99 -6.13
C3 NAG B . 2.50 5.73 -6.86
C4 NAG B . 2.38 7.16 -6.36
C5 NAG B . 3.73 7.83 -6.59
C6 NAG B . 3.78 9.26 -6.03
C7 NAG B . 4.19 2.60 -5.72
C8 NAG B . 4.47 1.28 -6.35
N2 NAG B . 3.80 3.57 -6.54
O3 NAG B . 1.27 5.07 -6.60
O4 NAG B . 1.31 7.88 -7.01
O5 NAG B . 4.69 7.10 -5.86
O6 NAG B . 5.11 9.56 -5.62
O7 NAG B . 4.33 2.72 -4.51
H1 NAG B . 5.26 5.76 -7.34
H2 NAG B . 3.42 5.07 -5.08
H3 NAG B . 2.68 5.73 -7.94
H4 NAG B . 2.20 7.13 -5.28
H5 NAG B . 4.00 7.84 -7.65
H61 NAG B . 3.12 9.34 -5.17
H62 NAG B . 3.45 9.97 -6.78
H81 NAG B . 5.31 0.84 -5.82
H82 NAG B . 3.60 0.64 -6.23
H83 NAG B . 4.72 1.41 -7.40
HN2 NAG B . 3.61 3.30 -7.48
HO3 NAG B . 0.59 5.76 -6.58
HO4 NAG B . 0.44 7.42 -6.83
HO6 NAG B . 5.45 8.77 -5.15
N GLU A 1 3.64 10.05 2.10
CA GLU A 1 3.22 8.80 1.42
C GLU A 1 1.81 8.47 1.87
N GLN A 2 1.25 7.30 1.50
CA GLN A 2 -0.18 7.05 1.56
C GLN A 2 -0.58 5.78 2.31
N CYS A 3 0.30 4.79 2.45
CA CYS A 3 -0.05 3.53 3.09
C CYS A 3 1.15 2.75 3.64
N GLY A 4 0.84 1.71 4.41
CA GLY A 4 1.87 0.77 4.88
C GLY A 4 2.76 1.38 5.97
N ARG A 5 3.92 0.77 6.21
CA ARG A 5 4.88 1.09 7.28
C ARG A 5 5.02 2.60 7.54
N GLN A 6 5.43 3.34 6.51
CA GLN A 6 5.62 4.80 6.51
C GLN A 6 4.33 5.60 6.74
N ALA A 7 3.16 4.94 6.71
CA ALA A 7 1.89 5.47 7.17
C ALA A 7 1.39 4.66 8.39
N GLY A 8 2.29 4.19 9.25
CA GLY A 8 1.93 3.51 10.50
C GLY A 8 1.29 2.14 10.28
N GLY A 9 1.37 1.59 9.07
CA GLY A 9 0.67 0.37 8.69
C GLY A 9 -0.69 0.63 8.04
N LYS A 10 -1.13 1.88 7.89
CA LYS A 10 -2.46 2.19 7.36
C LYS A 10 -2.64 1.61 5.95
N LEU A 11 -3.52 0.61 5.82
CA LEU A 11 -3.78 -0.16 4.60
C LEU A 11 -4.49 0.65 3.49
N CYS A 12 -4.84 -0.03 2.39
CA CYS A 12 -5.39 0.58 1.18
C CYS A 12 -6.88 0.28 1.00
N PRO A 13 -7.58 1.02 0.11
CA PRO A 13 -9.04 0.99 0.08
C PRO A 13 -9.60 -0.21 -0.69
N ASN A 14 -10.91 -0.44 -0.48
CA ASN A 14 -11.77 -1.47 -1.07
C ASN A 14 -11.26 -2.90 -0.88
N ASN A 15 -10.14 -3.22 -1.53
CA ASN A 15 -9.49 -4.52 -1.51
C ASN A 15 -8.02 -4.45 -1.95
N LEU A 16 -7.39 -3.27 -1.95
CA LEU A 16 -6.10 -3.08 -2.60
C LEU A 16 -4.91 -3.30 -1.67
N CYS A 17 -3.74 -3.42 -2.29
CA CYS A 17 -2.46 -3.59 -1.62
C CYS A 17 -1.69 -2.26 -1.60
N CYS A 18 -0.49 -2.30 -1.03
CA CYS A 18 0.35 -1.12 -0.80
C CYS A 18 1.79 -1.41 -1.25
N SER A 19 2.43 -0.42 -1.88
CA SER A 19 3.79 -0.51 -2.37
C SER A 19 4.81 -0.61 -1.24
N GLN A 20 6.09 -0.67 -1.62
CA GLN A 20 7.21 -0.60 -0.69
C GLN A 20 7.36 0.84 -0.21
N TRP A 21 7.23 1.79 -1.16
CA TRP A 21 7.36 3.21 -0.87
C TRP A 21 6.12 3.82 -0.20
N GLY A 22 4.97 3.13 -0.21
CA GLY A 22 3.84 3.51 0.63
C GLY A 22 2.65 4.03 -0.14
N TRP A 23 2.34 3.45 -1.31
CA TRP A 23 1.28 3.94 -2.17
C TRP A 23 0.40 2.78 -2.66
N CYS A 24 -0.89 3.01 -2.91
CA CYS A 24 -1.83 1.89 -3.05
C CYS A 24 -1.87 1.29 -4.46
N GLY A 25 -2.26 0.02 -4.58
CA GLY A 25 -2.37 -0.60 -5.91
C GLY A 25 -2.99 -2.01 -5.90
N SER A 26 -3.26 -2.53 -7.10
CA SER A 26 -3.87 -3.85 -7.30
C SER A 26 -2.88 -4.83 -7.94
N THR A 27 -1.57 -4.58 -7.77
CA THR A 27 -0.54 -5.13 -8.64
C THR A 27 0.70 -5.46 -7.82
N ASP A 28 1.52 -6.42 -8.26
CA ASP A 28 2.54 -7.00 -7.37
C ASP A 28 3.59 -5.98 -6.95
N GLU A 29 4.04 -5.12 -7.87
CA GLU A 29 4.96 -4.04 -7.55
C GLU A 29 4.33 -2.98 -6.62
N TYR A 30 3.00 -2.99 -6.46
CA TYR A 30 2.28 -2.23 -5.44
C TYR A 30 1.74 -3.14 -4.33
N CYS A 31 2.27 -4.35 -4.17
CA CYS A 31 1.83 -5.28 -3.13
C CYS A 31 3.01 -5.93 -2.40
N SER A 32 3.93 -6.57 -3.13
CA SER A 32 5.15 -7.13 -2.55
C SER A 32 6.05 -6.02 -2.02
N NH2 A 33 5.93 -5.74 -0.71
HN1 NH2 A 33 5.29 -6.27 -0.14
HN2 NH2 A 33 6.50 -5.01 -0.31
C1 NAG B . 15.44 8.33 -2.67
C2 NAG B . 14.50 7.16 -2.90
C3 NAG B . 13.24 7.70 -3.61
C4 NAG B . 12.56 8.77 -2.74
C5 NAG B . 13.62 9.89 -2.62
C6 NAG B . 13.12 11.12 -1.85
C7 NAG B . 14.87 4.79 -3.42
C8 NAG B . 15.61 3.81 -4.30
N2 NAG B . 15.13 6.07 -3.65
O1 NAG B . 16.49 7.90 -1.88
O3 NAG B . 12.40 6.58 -3.80
O4 NAG B . 11.31 9.29 -3.27
O5 NAG B . 14.75 9.35 -1.95
O6 NAG B . 12.35 11.98 -2.68
O7 NAG B . 14.10 4.38 -2.55
H1 NAG B . 15.81 8.73 -3.62
H2 NAG B . 14.19 6.82 -1.91
H3 NAG B . 13.51 8.10 -4.59
H4 NAG B . 12.36 8.38 -1.75
H5 NAG B . 13.93 10.22 -3.61
H61 NAG B . 13.99 11.70 -1.52
H62 NAG B . 12.55 10.82 -0.97
H81 NAG B . 16.67 3.93 -4.13
H82 NAG B . 15.29 2.81 -4.00
H83 NAG B . 15.34 4.00 -5.33
HN2 NAG B . 15.80 6.26 -4.38
HO1 NAG B . 17.00 7.19 -2.35
HO3 NAG B . 11.67 6.89 -4.36
HO6 NAG B . 11.42 11.75 -2.56
C1 NAG B . 10.20 8.43 -3.31
C2 NAG B . 8.90 9.18 -3.08
C3 NAG B . 7.72 8.29 -3.47
C4 NAG B . 7.85 7.67 -4.86
C5 NAG B . 9.17 6.91 -4.84
C6 NAG B . 9.39 6.16 -6.16
C7 NAG B . 9.18 10.74 -1.19
C8 NAG B . 8.78 11.08 0.23
N2 NAG B . 8.73 9.59 -1.67
O3 NAG B . 6.59 9.13 -3.30
O4 NAG B . 6.80 6.70 -5.13
O5 NAG B . 10.22 7.84 -4.61
O6 NAG B . 8.50 5.07 -6.30
O7 NAG B . 9.87 11.51 -1.83
H1 NAG B . 10.31 7.66 -2.56
H2 NAG B . 8.90 10.04 -3.75
H3 NAG B . 7.66 7.47 -2.74
H4 NAG B . 7.87 8.44 -5.63
H5 NAG B . 9.18 6.18 -4.04
H61 NAG B . 10.40 5.75 -6.19
H62 NAG B . 9.27 6.84 -7.00
H81 NAG B . 9.30 12.00 0.49
H82 NAG B . 7.71 11.22 0.25
H83 NAG B . 9.09 10.27 0.88
HN2 NAG B . 8.05 9.10 -1.10
HO3 NAG B . 6.46 9.16 -2.33
HO6 NAG B . 7.62 5.36 -6.00
C1 NAG B . 5.75 7.10 -5.96
C2 NAG B . 4.66 6.04 -5.89
C3 NAG B . 3.44 6.57 -6.66
C4 NAG B . 2.97 7.91 -6.04
C5 NAG B . 4.17 8.87 -6.11
C6 NAG B . 3.87 10.18 -5.38
C7 NAG B . 5.38 3.66 -5.66
C8 NAG B . 5.97 2.48 -6.38
N2 NAG B . 5.15 4.74 -6.40
O3 NAG B . 2.45 5.56 -6.58
O4 NAG B . 1.82 8.53 -6.67
O5 NAG B . 5.23 8.28 -5.40
O6 NAG B . 5.08 10.77 -4.93
O7 NAG B . 5.17 3.59 -4.44
H1 NAG B . 6.10 7.25 -6.98
H2 NAG B . 4.39 6.00 -4.84
H3 NAG B . 3.69 6.73 -7.71
H4 NAG B . 2.78 7.74 -4.98
H5 NAG B . 4.47 9.07 -7.14
H61 NAG B . 3.23 10.01 -4.52
H62 NAG B . 3.35 10.88 -6.05
H81 NAG B . 6.10 1.68 -5.67
H82 NAG B . 5.30 2.17 -7.17
H83 NAG B . 6.93 2.77 -6.78
HN2 NAG B . 5.28 4.60 -7.39
HO3 NAG B . 1.58 5.98 -6.68
HO4 NAG B . 1.04 7.90 -6.63
HO6 NAG B . 5.59 10.05 -4.49
N GLU A 1 2.37 9.94 1.08
CA GLU A 1 2.26 8.47 1.17
C GLU A 1 0.88 8.18 1.74
N GLN A 2 0.29 7.01 1.45
CA GLN A 2 -1.12 6.71 1.76
C GLN A 2 -1.30 5.40 2.57
N CYS A 3 -0.26 4.58 2.75
CA CYS A 3 -0.36 3.31 3.46
C CYS A 3 1.00 2.81 3.94
N GLY A 4 1.04 1.65 4.59
CA GLY A 4 2.27 0.95 4.91
C GLY A 4 3.09 1.65 5.98
N ARG A 5 4.33 1.18 6.19
CA ARG A 5 5.26 1.69 7.21
C ARG A 5 5.34 3.22 7.23
N GLN A 6 5.46 3.82 6.05
CA GLN A 6 5.53 5.26 5.85
C GLN A 6 4.23 5.99 6.23
N ALA A 7 3.13 5.27 6.42
CA ALA A 7 1.91 5.75 7.06
C ALA A 7 1.59 4.90 8.30
N GLY A 8 2.61 4.52 9.08
CA GLY A 8 2.44 3.89 10.39
C GLY A 8 1.84 2.48 10.34
N GLY A 9 1.74 1.88 9.17
CA GLY A 9 1.08 0.59 8.97
C GLY A 9 -0.33 0.71 8.42
N LYS A 10 -0.83 1.92 8.11
CA LYS A 10 -2.18 2.11 7.56
C LYS A 10 -2.40 1.25 6.29
N LEU A 11 -3.65 0.82 6.08
CA LEU A 11 -4.05 -0.02 4.95
C LEU A 11 -4.73 0.78 3.81
N CYS A 12 -5.11 0.07 2.75
CA CYS A 12 -5.66 0.61 1.51
C CYS A 12 -7.13 0.22 1.30
N PRO A 13 -7.84 0.91 0.39
CA PRO A 13 -9.27 0.69 0.17
C PRO A 13 -9.57 -0.36 -0.92
N ASN A 14 -10.87 -0.60 -1.11
CA ASN A 14 -11.51 -1.38 -2.18
C ASN A 14 -11.05 -2.85 -2.21
N ASN A 15 -9.81 -3.08 -2.62
CA ASN A 15 -9.20 -4.39 -2.76
C ASN A 15 -7.66 -4.35 -2.72
N LEU A 16 -7.05 -3.20 -2.40
CA LEU A 16 -5.72 -2.94 -2.90
C LEU A 16 -4.62 -3.38 -1.93
N CYS A 17 -3.47 -3.67 -2.52
CA CYS A 17 -2.19 -3.82 -1.85
C CYS A 17 -1.57 -2.46 -1.55
N CYS A 18 -0.41 -2.49 -0.89
CA CYS A 18 0.33 -1.34 -0.41
C CYS A 18 1.82 -1.51 -0.72
N SER A 19 2.39 -0.54 -1.41
CA SER A 19 3.75 -0.58 -1.95
C SER A 19 4.82 -0.69 -0.89
N GLN A 20 6.07 -0.76 -1.36
CA GLN A 20 7.26 -0.71 -0.54
C GLN A 20 7.45 0.70 0.04
N TRP A 21 6.97 1.71 -0.70
CA TRP A 21 7.11 3.11 -0.32
C TRP A 21 5.90 3.68 0.43
N GLY A 22 4.74 3.00 0.38
CA GLY A 22 3.58 3.39 1.17
C GLY A 22 2.41 3.89 0.34
N TRP A 23 2.20 3.32 -0.84
CA TRP A 23 1.13 3.77 -1.72
C TRP A 23 0.24 2.61 -2.14
N CYS A 24 -0.99 2.87 -2.58
CA CYS A 24 -1.97 1.79 -2.74
C CYS A 24 -2.04 1.33 -4.19
N GLY A 25 -2.19 0.02 -4.43
CA GLY A 25 -2.26 -0.51 -5.79
C GLY A 25 -2.85 -1.90 -5.87
N SER A 26 -3.42 -2.29 -7.01
CA SER A 26 -4.07 -3.60 -7.15
C SER A 26 -3.16 -4.65 -7.77
N THR A 27 -1.86 -4.36 -7.86
CA THR A 27 -0.93 -4.94 -8.82
C THR A 27 0.36 -5.38 -8.15
N ASP A 28 1.09 -6.32 -8.76
CA ASP A 28 2.21 -6.99 -8.08
C ASP A 28 3.26 -6.02 -7.55
N GLU A 29 3.65 -5.00 -8.32
CA GLU A 29 4.61 -3.99 -7.88
C GLU A 29 4.10 -3.15 -6.69
N TYR A 30 2.81 -3.23 -6.36
CA TYR A 30 2.25 -2.68 -5.12
C TYR A 30 1.91 -3.77 -4.09
N CYS A 31 2.07 -5.06 -4.40
CA CYS A 31 1.85 -6.17 -3.48
C CYS A 31 3.18 -6.76 -2.99
N SER A 32 4.09 -7.12 -3.90
CA SER A 32 5.42 -7.60 -3.55
C SER A 32 6.22 -6.53 -2.81
N NH2 A 33 6.08 -6.52 -1.48
HN1 NH2 A 33 5.50 -7.19 -1.02
HN2 NH2 A 33 6.58 -5.83 -0.93
C1 NAG B . 15.04 8.34 -2.13
C2 NAG B . 14.14 7.14 -2.35
C3 NAG B . 12.90 7.59 -3.14
C4 NAG B . 12.16 8.71 -2.37
C5 NAG B . 13.19 9.84 -2.26
C6 NAG B . 12.62 11.11 -1.59
C7 NAG B . 14.59 4.74 -2.68
C8 NAG B . 15.37 3.73 -3.47
N2 NAG B . 14.83 6.01 -3.00
O1 NAG B . 16.06 7.98 -1.26
O3 NAG B . 12.09 6.45 -3.32
O4 NAG B . 10.91 9.14 -2.97
O5 NAG B . 14.30 9.38 -1.51
O6 NAG B . 11.86 11.89 -2.48
O7 NAG B . 13.79 4.38 -1.83
H1 NAG B . 15.46 8.69 -3.08
H2 NAG B . 13.79 6.85 -1.36
H3 NAG B . 13.20 7.96 -4.13
H4 NAG B . 11.94 8.36 -1.36
H5 NAG B . 13.53 10.13 -3.26
H61 NAG B . 13.45 11.73 -1.26
H62 NAG B . 12.02 10.84 -0.72
H81 NAG B . 15.08 2.75 -3.10
H82 NAG B . 15.13 3.82 -4.52
H83 NAG B . 16.43 3.89 -3.29
HN2 NAG B . 15.51 6.18 -3.71
HO1 NAG B . 15.66 7.67 -0.40
HO3 NAG B . 11.38 6.72 -3.91
HO6 NAG B . 10.92 11.67 -2.37
C1 NAG B . 9.84 8.24 -2.98
C2 NAG B . 8.52 8.98 -2.80
C3 NAG B . 7.35 8.05 -3.15
C4 NAG B . 7.51 7.37 -4.52
C5 NAG B . 8.85 6.64 -4.45
C6 NAG B . 9.11 5.83 -5.73
C7 NAG B . 8.69 10.66 -0.98
C8 NAG B . 8.26 11.05 0.39
N2 NAG B . 8.32 9.47 -1.42
O3 NAG B . 6.22 8.89 -3.05
O4 NAG B . 6.46 6.40 -4.80
O5 NAG B . 9.89 7.59 -4.25
O6 NAG B . 8.21 4.73 -5.85
O7 NAG B . 9.36 11.43 -1.65
H1 NAG B . 9.95 7.51 -2.18
H2 NAG B . 8.51 9.81 -3.51
H3 NAG B . 7.30 7.27 -2.39
H4 NAG B . 7.57 8.12 -5.31
H5 NAG B . 8.84 5.94 -3.62
H61 NAG B . 10.12 5.44 -5.72
H62 NAG B . 8.99 6.48 -6.60
H81 NAG B . 7.18 10.92 0.46
H82 NAG B . 8.77 10.42 1.11
H83 NAG B . 8.52 12.09 0.54
HN2 NAG B . 7.65 8.98 -0.81
HO3 NAG B . 6.13 9.03 -2.07
HO6 NAG B . 7.34 5.02 -5.57
C1 NAG B . 5.44 6.78 -5.67
C2 NAG B . 4.31 5.77 -5.60
C3 NAG B . 3.08 6.33 -6.36
C4 NAG B . 2.70 7.73 -5.85
C5 NAG B . 3.95 8.61 -5.94
C6 NAG B . 3.71 9.99 -5.32
C7 NAG B . 5.03 3.40 -5.32
C8 NAG B . 5.50 2.18 -6.05
N2 NAG B . 4.72 4.44 -6.09
O3 NAG B . 1.99 5.45 -6.16
O4 NAG B . 1.63 8.32 -6.61
O5 NAG B . 4.95 8.01 -5.17
O6 NAG B . 4.94 10.52 -4.85
O7 NAG B . 4.98 3.41 -4.09
H1 NAG B . 5.83 6.88 -6.68
H2 NAG B . 4.03 5.76 -4.55
H3 NAG B . 3.30 6.39 -7.43
H4 NAG B . 2.43 7.64 -4.79
H5 NAG B . 4.28 8.72 -6.98
H61 NAG B . 3.02 9.91 -4.48
H62 NAG B . 3.28 10.67 -6.06
H81 NAG B . 4.67 1.74 -6.60
H82 NAG B . 6.31 2.45 -6.72
H83 NAG B . 5.87 1.46 -5.31
HN2 NAG B . 4.73 4.25 -7.08
HO3 NAG B . 1.19 6.00 -6.23
HO4 NAG B . 0.82 7.74 -6.54
HO6 NAG B . 5.37 9.79 -4.34
N GLU A 1 3.74 9.17 1.68
CA GLU A 1 3.24 7.79 1.82
C GLU A 1 1.75 7.83 2.13
N GLN A 2 1.06 6.71 1.94
CA GLN A 2 -0.40 6.57 2.05
C GLN A 2 -0.81 5.39 2.93
N CYS A 3 0.00 4.34 2.99
CA CYS A 3 -0.28 3.11 3.72
C CYS A 3 1.00 2.51 4.30
N GLY A 4 0.87 1.46 5.12
CA GLY A 4 2.01 0.74 5.64
C GLY A 4 2.95 1.59 6.51
N ARG A 5 4.23 1.22 6.50
CA ARG A 5 5.31 1.71 7.37
C ARG A 5 5.30 3.22 7.58
N GLN A 6 5.81 4.01 6.62
CA GLN A 6 6.05 5.43 6.87
C GLN A 6 4.75 6.27 6.89
N ALA A 7 3.60 5.69 6.53
CA ALA A 7 2.31 6.32 6.81
C ALA A 7 1.86 6.07 8.26
N GLY A 8 2.54 5.18 9.00
CA GLY A 8 2.12 4.80 10.34
C GLY A 8 0.92 3.87 10.33
N GLY A 9 0.99 2.82 9.51
CA GLY A 9 0.12 1.64 9.64
C GLY A 9 -1.20 1.68 8.86
N LYS A 10 -1.36 2.62 7.92
CA LYS A 10 -2.65 2.77 7.22
C LYS A 10 -2.80 1.70 6.14
N LEU A 11 -4.04 1.47 5.69
CA LEU A 11 -4.40 0.41 4.76
C LEU A 11 -4.96 0.99 3.46
N CYS A 12 -5.33 0.12 2.51
CA CYS A 12 -5.77 0.50 1.18
C CYS A 12 -7.22 0.09 0.95
N PRO A 13 -7.92 0.70 -0.04
CA PRO A 13 -9.36 0.56 -0.17
C PRO A 13 -9.79 -0.77 -0.80
N ASN A 14 -11.04 -1.14 -0.52
CA ASN A 14 -11.77 -2.33 -0.97
C ASN A 14 -11.04 -3.66 -0.72
N ASN A 15 -9.92 -3.86 -1.43
CA ASN A 15 -9.07 -5.04 -1.35
C ASN A 15 -7.65 -4.78 -1.91
N LEU A 16 -7.22 -3.52 -2.04
CA LEU A 16 -5.99 -3.22 -2.74
C LEU A 16 -4.74 -3.47 -1.90
N CYS A 17 -3.61 -3.52 -2.60
CA CYS A 17 -2.28 -3.75 -2.05
C CYS A 17 -1.66 -2.44 -1.58
N CYS A 18 -0.56 -2.55 -0.83
CA CYS A 18 0.26 -1.44 -0.36
C CYS A 18 1.71 -1.74 -0.73
N SER A 19 2.42 -0.73 -1.23
CA SER A 19 3.71 -0.91 -1.89
C SER A 19 4.84 -1.22 -0.92
N GLN A 20 6.00 -1.55 -1.50
CA GLN A 20 7.25 -1.70 -0.76
C GLN A 20 7.67 -0.38 -0.11
N TRP A 21 7.13 0.75 -0.60
CA TRP A 21 7.47 2.07 -0.10
C TRP A 21 6.35 2.76 0.68
N GLY A 22 5.10 2.29 0.64
CA GLY A 22 4.02 2.87 1.46
C GLY A 22 2.82 3.37 0.70
N TRP A 23 2.55 2.86 -0.51
CA TRP A 23 1.53 3.47 -1.36
C TRP A 23 0.58 2.43 -1.98
N CYS A 24 -0.69 2.77 -2.18
CA CYS A 24 -1.67 1.74 -2.51
C CYS A 24 -1.64 1.35 -3.98
N GLY A 25 -2.06 0.13 -4.32
CA GLY A 25 -2.04 -0.33 -5.70
C GLY A 25 -2.83 -1.61 -5.95
N SER A 26 -3.02 -1.97 -7.22
CA SER A 26 -3.81 -3.14 -7.63
C SER A 26 -3.01 -4.03 -8.57
N THR A 27 -1.68 -4.01 -8.44
CA THR A 27 -0.76 -4.38 -9.51
C THR A 27 0.49 -5.01 -8.93
N ASP A 28 1.15 -5.88 -9.71
CA ASP A 28 2.28 -6.68 -9.22
C ASP A 28 3.32 -5.82 -8.50
N GLU A 29 3.80 -4.77 -9.15
CA GLU A 29 4.80 -3.86 -8.59
C GLU A 29 4.30 -3.05 -7.38
N TYR A 30 3.01 -3.11 -7.03
CA TYR A 30 2.49 -2.61 -5.76
C TYR A 30 2.01 -3.71 -4.82
N CYS A 31 1.97 -4.98 -5.26
CA CYS A 31 1.56 -6.11 -4.43
C CYS A 31 2.73 -7.00 -3.99
N SER A 32 3.82 -7.02 -4.75
CA SER A 32 4.97 -7.87 -4.52
C SER A 32 6.08 -7.13 -3.78
N NH2 A 33 6.24 -7.43 -2.49
HN1 NH2 A 33 5.67 -8.14 -2.06
HN2 NH2 A 33 6.96 -6.97 -1.95
C1 NAG B . 15.75 7.38 -1.36
C2 NAG B . 14.81 6.22 -1.66
C3 NAG B . 13.42 6.81 -1.97
C4 NAG B . 12.93 7.62 -0.75
C5 NAG B . 13.98 8.67 -0.42
C6 NAG B . 13.65 9.41 0.88
C7 NAG B . 15.00 4.07 -2.87
C8 NAG B . 15.73 3.30 -3.93
N2 NAG B . 15.32 5.36 -2.73
O1 NAG B . 16.99 6.85 -1.02
O3 NAG B . 12.57 5.72 -2.29
O4 NAG B . 11.67 8.32 -0.93
O5 NAG B . 15.25 8.06 -0.21
O6 NAG B . 14.76 10.19 1.25
O7 NAG B . 14.13 3.54 -2.18
H1 NAG B . 15.84 8.04 -2.22
H2 NAG B . 14.75 5.65 -0.73
H3 NAG B . 13.48 7.46 -2.84
H4 NAG B . 12.82 6.95 0.10
H5 NAG B . 14.06 9.39 -1.23
H61 NAG B . 13.45 8.69 1.68
H62 NAG B . 12.77 10.05 0.74
H81 NAG B . 15.34 2.29 -3.91
H82 NAG B . 15.52 3.76 -4.90
H83 NAG B . 16.79 3.30 -3.71
HN2 NAG B . 16.06 5.68 -3.34
HO1 NAG B . 17.37 6.37 -1.80
HO3 NAG B . 12.99 4.90 -2.00
HO6 NAG B . 15.53 9.61 1.08
C1 NAG B . 10.54 7.55 -1.18
C2 NAG B . 9.27 8.25 -0.74
C3 NAG B . 8.05 7.51 -1.30
C4 NAG B . 8.15 7.22 -2.82
C5 NAG B . 9.47 6.49 -2.99
C6 NAG B . 9.79 6.08 -4.44
C7 NAG B . 9.54 9.47 1.40
C8 NAG B . 9.31 9.46 2.88
N2 NAG B . 9.17 8.39 0.74
O3 NAG B . 6.92 8.31 -1.04
O4 NAG B . 7.05 6.39 -3.29
O5 NAG B . 10.49 7.37 -2.58
O6 NAG B . 11.00 5.34 -4.46
O7 NAG B . 10.03 10.46 0.87
H1 NAG B . 10.64 6.58 -0.67
H2 NAG B . 9.29 9.24 -1.21
H3 NAG B . 7.94 6.56 -0.77
H4 NAG B . 8.19 8.17 -3.35
H5 NAG B . 9.48 5.58 -2.39
H61 NAG B . 9.89 6.97 -5.06
H62 NAG B . 8.99 5.45 -4.83
H81 NAG B . 9.69 10.40 3.28
H82 NAG B . 8.24 9.38 3.05
H83 NAG B . 9.83 8.62 3.31
HN2 NAG B . 8.66 7.71 1.32
HO3 NAG B . 6.87 8.44 -0.07
HO6 NAG B . 11.55 5.67 -3.72
C1 NAG B . 6.35 6.84 -4.41
C2 NAG B . 5.25 5.85 -4.78
C3 NAG B . 4.17 6.46 -5.68
C4 NAG B . 3.68 7.80 -5.13
C5 NAG B . 4.93 8.66 -5.01
C6 NAG B . 4.60 10.13 -4.62
C7 NAG B . 5.88 3.43 -4.75
C8 NAG B . 6.49 2.31 -5.55
N2 NAG B . 5.82 4.60 -5.37
O3 NAG B . 3.12 5.51 -5.72
O4 NAG B . 2.70 8.47 -5.96
O5 NAG B . 5.75 8.08 -4.02
O6 NAG B . 4.69 10.99 -5.75
O7 NAG B . 5.50 3.23 -3.60
H1 NAG B . 7.02 7.00 -5.25
H2 NAG B . 4.72 5.63 -3.87
H3 NAG B . 4.55 6.60 -6.70
H4 NAG B . 3.26 7.65 -4.13
H5 NAG B . 5.47 8.68 -5.95
H61 NAG B . 5.33 10.48 -3.89
H62 NAG B . 3.61 10.20 -4.18
H81 NAG B . 7.51 2.57 -5.80
H82 NAG B . 6.47 1.41 -4.94
H83 NAG B . 5.89 2.15 -6.44
HN2 NAG B . 6.12 4.60 -6.33
HO3 NAG B . 2.29 5.99 -5.87
HO4 NAG B . 1.88 7.90 -6.03
HO6 NAG B . 4.04 10.74 -6.42
N GLU A 1 3.74 9.17 1.68
CA GLU A 1 3.24 7.79 1.82
C GLU A 1 1.75 7.83 2.13
N GLN A 2 1.06 6.71 1.94
CA GLN A 2 -0.40 6.57 2.05
C GLN A 2 -0.81 5.39 2.93
N CYS A 3 0.00 4.34 2.99
CA CYS A 3 -0.28 3.11 3.72
C CYS A 3 1.00 2.51 4.30
N GLY A 4 0.87 1.46 5.12
CA GLY A 4 2.01 0.74 5.64
C GLY A 4 2.95 1.59 6.51
N ARG A 5 4.23 1.22 6.50
CA ARG A 5 5.31 1.71 7.37
C ARG A 5 5.30 3.22 7.58
N GLN A 6 5.81 4.01 6.62
CA GLN A 6 6.05 5.43 6.87
C GLN A 6 4.75 6.27 6.89
N ALA A 7 3.60 5.69 6.53
CA ALA A 7 2.31 6.32 6.81
C ALA A 7 1.86 6.07 8.26
N GLY A 8 2.54 5.18 9.00
CA GLY A 8 2.12 4.80 10.34
C GLY A 8 0.92 3.87 10.33
N GLY A 9 0.99 2.82 9.51
CA GLY A 9 0.12 1.64 9.64
C GLY A 9 -1.20 1.68 8.86
N LYS A 10 -1.36 2.62 7.92
CA LYS A 10 -2.65 2.77 7.22
C LYS A 10 -2.80 1.70 6.14
N LEU A 11 -4.04 1.47 5.69
CA LEU A 11 -4.40 0.41 4.76
C LEU A 11 -4.96 0.99 3.46
N CYS A 12 -5.33 0.12 2.51
CA CYS A 12 -5.77 0.50 1.18
C CYS A 12 -7.22 0.09 0.95
N PRO A 13 -7.92 0.70 -0.04
CA PRO A 13 -9.36 0.56 -0.17
C PRO A 13 -9.79 -0.77 -0.80
N ASN A 14 -11.04 -1.14 -0.52
CA ASN A 14 -11.77 -2.33 -0.97
C ASN A 14 -11.04 -3.66 -0.72
N ASN A 15 -9.92 -3.86 -1.43
CA ASN A 15 -9.07 -5.04 -1.35
C ASN A 15 -7.65 -4.78 -1.91
N LEU A 16 -7.22 -3.52 -2.04
CA LEU A 16 -5.99 -3.22 -2.74
C LEU A 16 -4.74 -3.47 -1.90
N CYS A 17 -3.61 -3.52 -2.60
CA CYS A 17 -2.28 -3.75 -2.05
C CYS A 17 -1.66 -2.44 -1.58
N CYS A 18 -0.56 -2.55 -0.83
CA CYS A 18 0.26 -1.44 -0.36
C CYS A 18 1.71 -1.74 -0.73
N SER A 19 2.42 -0.73 -1.23
CA SER A 19 3.71 -0.91 -1.89
C SER A 19 4.84 -1.22 -0.92
N GLN A 20 6.00 -1.55 -1.50
CA GLN A 20 7.25 -1.70 -0.76
C GLN A 20 7.67 -0.38 -0.11
N TRP A 21 7.13 0.75 -0.60
CA TRP A 21 7.47 2.07 -0.10
C TRP A 21 6.35 2.76 0.68
N GLY A 22 5.10 2.29 0.64
CA GLY A 22 4.02 2.87 1.46
C GLY A 22 2.82 3.37 0.70
N TRP A 23 2.55 2.86 -0.51
CA TRP A 23 1.53 3.47 -1.36
C TRP A 23 0.58 2.43 -1.98
N CYS A 24 -0.69 2.77 -2.18
CA CYS A 24 -1.67 1.74 -2.51
C CYS A 24 -1.64 1.35 -3.98
N GLY A 25 -2.06 0.13 -4.32
CA GLY A 25 -2.04 -0.33 -5.70
C GLY A 25 -2.83 -1.61 -5.95
N SER A 26 -3.02 -1.97 -7.22
CA SER A 26 -3.81 -3.14 -7.63
C SER A 26 -3.01 -4.03 -8.57
N THR A 27 -1.68 -4.01 -8.44
CA THR A 27 -0.76 -4.38 -9.51
C THR A 27 0.49 -5.01 -8.93
N ASP A 28 1.15 -5.88 -9.71
CA ASP A 28 2.28 -6.68 -9.22
C ASP A 28 3.32 -5.82 -8.50
N GLU A 29 3.80 -4.77 -9.15
CA GLU A 29 4.80 -3.86 -8.59
C GLU A 29 4.30 -3.05 -7.38
N TYR A 30 3.01 -3.11 -7.03
CA TYR A 30 2.49 -2.61 -5.76
C TYR A 30 2.01 -3.71 -4.82
N CYS A 31 1.97 -4.98 -5.26
CA CYS A 31 1.56 -6.11 -4.43
C CYS A 31 2.73 -7.00 -3.99
N SER A 32 3.82 -7.02 -4.75
CA SER A 32 4.97 -7.87 -4.52
C SER A 32 6.08 -7.13 -3.78
N NH2 A 33 6.24 -7.43 -2.49
HN1 NH2 A 33 5.67 -8.14 -2.06
HN2 NH2 A 33 6.96 -6.97 -1.95
C1 NAG B . 15.75 7.38 -1.36
C2 NAG B . 14.81 6.22 -1.66
C3 NAG B . 13.42 6.81 -1.97
C4 NAG B . 12.93 7.62 -0.75
C5 NAG B . 13.98 8.67 -0.42
C6 NAG B . 13.65 9.41 0.88
C7 NAG B . 15.00 4.07 -2.87
C8 NAG B . 15.73 3.30 -3.93
N2 NAG B . 15.32 5.36 -2.73
O1 NAG B . 16.99 6.85 -1.02
O3 NAG B . 12.57 5.72 -2.29
O4 NAG B . 11.67 8.32 -0.93
O5 NAG B . 15.25 8.06 -0.21
O6 NAG B . 14.76 10.19 1.25
O7 NAG B . 14.13 3.54 -2.18
H1 NAG B . 15.84 8.04 -2.22
H2 NAG B . 14.75 5.65 -0.73
H3 NAG B . 13.48 7.46 -2.84
H4 NAG B . 12.82 6.95 0.10
H5 NAG B . 14.06 9.39 -1.23
H61 NAG B . 13.45 8.69 1.68
H62 NAG B . 12.77 10.05 0.74
H81 NAG B . 15.34 2.29 -3.91
H82 NAG B . 15.52 3.76 -4.90
H83 NAG B . 16.79 3.30 -3.71
HN2 NAG B . 16.06 5.68 -3.34
HO1 NAG B . 17.37 6.37 -1.80
HO3 NAG B . 12.99 4.90 -2.00
HO6 NAG B . 15.53 9.61 1.08
C1 NAG B . 10.54 7.55 -1.18
C2 NAG B . 9.27 8.25 -0.74
C3 NAG B . 8.05 7.51 -1.30
C4 NAG B . 8.15 7.22 -2.82
C5 NAG B . 9.47 6.49 -2.99
C6 NAG B . 9.79 6.08 -4.44
C7 NAG B . 9.54 9.47 1.40
C8 NAG B . 9.31 9.46 2.88
N2 NAG B . 9.17 8.39 0.74
O3 NAG B . 6.92 8.31 -1.04
O4 NAG B . 7.05 6.39 -3.29
O5 NAG B . 10.49 7.37 -2.58
O6 NAG B . 11.00 5.34 -4.46
O7 NAG B . 10.03 10.46 0.87
H1 NAG B . 10.64 6.58 -0.67
H2 NAG B . 9.29 9.24 -1.21
H3 NAG B . 7.94 6.56 -0.77
H4 NAG B . 8.19 8.17 -3.35
H5 NAG B . 9.48 5.58 -2.39
H61 NAG B . 9.89 6.97 -5.06
H62 NAG B . 8.99 5.45 -4.83
H81 NAG B . 9.69 10.40 3.28
H82 NAG B . 8.24 9.38 3.05
H83 NAG B . 9.83 8.62 3.31
HN2 NAG B . 8.66 7.71 1.32
HO3 NAG B . 6.87 8.44 -0.07
HO6 NAG B . 11.55 5.67 -3.72
C1 NAG B . 6.35 6.84 -4.41
C2 NAG B . 5.25 5.85 -4.78
C3 NAG B . 4.17 6.46 -5.68
C4 NAG B . 3.68 7.80 -5.13
C5 NAG B . 4.93 8.66 -5.01
C6 NAG B . 4.60 10.13 -4.62
C7 NAG B . 5.88 3.43 -4.75
C8 NAG B . 6.49 2.31 -5.55
N2 NAG B . 5.82 4.60 -5.37
O3 NAG B . 3.12 5.51 -5.72
O4 NAG B . 2.70 8.47 -5.96
O5 NAG B . 5.75 8.08 -4.02
O6 NAG B . 4.69 10.99 -5.75
O7 NAG B . 5.50 3.23 -3.60
H1 NAG B . 7.02 7.00 -5.25
H2 NAG B . 4.72 5.63 -3.87
H3 NAG B . 4.55 6.60 -6.70
H4 NAG B . 3.26 7.65 -4.13
H5 NAG B . 5.47 8.68 -5.95
H61 NAG B . 5.33 10.48 -3.89
H62 NAG B . 3.61 10.20 -4.18
H81 NAG B . 7.51 2.57 -5.80
H82 NAG B . 6.47 1.41 -4.94
H83 NAG B . 5.89 2.15 -6.44
HN2 NAG B . 6.12 4.60 -6.33
HO3 NAG B . 2.29 5.99 -5.87
HO4 NAG B . 1.88 7.90 -6.03
HO6 NAG B . 4.04 10.74 -6.42
#